data_1REM
# 
_entry.id   1REM 
# 
_audit_conform.dict_name       mmcif_pdbx.dic 
_audit_conform.dict_version    5.397 
_audit_conform.dict_location   http://mmcif.pdb.org/dictionaries/ascii/mmcif_pdbx.dic 
# 
loop_
_database_2.database_id 
_database_2.database_code 
_database_2.pdbx_database_accession 
_database_2.pdbx_DOI 
PDB   1REM         pdb_00001rem 10.2210/pdb1rem/pdb 
WWPDB D_1000176056 ?            ?                   
# 
loop_
_pdbx_audit_revision_history.ordinal 
_pdbx_audit_revision_history.data_content_type 
_pdbx_audit_revision_history.major_revision 
_pdbx_audit_revision_history.minor_revision 
_pdbx_audit_revision_history.revision_date 
1 'Structure model' 1 0 1998-07-15 
2 'Structure model' 1 1 2008-03-03 
3 'Structure model' 1 2 2011-07-13 
4 'Structure model' 2 0 2020-07-29 
5 'Structure model' 2 1 2023-08-09 
6 'Structure model' 2 2 2024-10-23 
# 
loop_
_pdbx_audit_revision_details.ordinal 
_pdbx_audit_revision_details.revision_ordinal 
_pdbx_audit_revision_details.data_content_type 
_pdbx_audit_revision_details.provider 
_pdbx_audit_revision_details.type 
_pdbx_audit_revision_details.description 
_pdbx_audit_revision_details.details 
1 1 'Structure model' repository 'Initial release' ?                          ? 
2 4 'Structure model' repository Remediation       'Carbohydrate remediation' ? 
# 
loop_
_pdbx_audit_revision_group.ordinal 
_pdbx_audit_revision_group.revision_ordinal 
_pdbx_audit_revision_group.data_content_type 
_pdbx_audit_revision_group.group 
1  2 'Structure model' 'Version format compliance' 
2  3 'Structure model' 'Non-polymer description'   
3  3 'Structure model' 'Version format compliance' 
4  4 'Structure model' 'Atomic model'              
5  4 'Structure model' 'Data collection'           
6  4 'Structure model' 'Derived calculations'      
7  4 'Structure model' Other                       
8  4 'Structure model' 'Structure summary'         
9  5 'Structure model' 'Database references'       
10 5 'Structure model' 'Refinement description'    
11 5 'Structure model' 'Structure summary'         
12 6 'Structure model' 'Data collection'           
13 6 'Structure model' 'Structure summary'         
# 
loop_
_pdbx_audit_revision_category.ordinal 
_pdbx_audit_revision_category.revision_ordinal 
_pdbx_audit_revision_category.data_content_type 
_pdbx_audit_revision_category.category 
1  4 'Structure model' atom_site                     
2  4 'Structure model' chem_comp                     
3  4 'Structure model' entity                        
4  4 'Structure model' pdbx_branch_scheme            
5  4 'Structure model' pdbx_chem_comp_identifier     
6  4 'Structure model' pdbx_database_status          
7  4 'Structure model' pdbx_entity_branch            
8  4 'Structure model' pdbx_entity_branch_descriptor 
9  4 'Structure model' pdbx_entity_branch_link       
10 4 'Structure model' pdbx_entity_branch_list       
11 4 'Structure model' pdbx_entity_nonpoly           
12 4 'Structure model' pdbx_nonpoly_scheme           
13 4 'Structure model' pdbx_struct_assembly_gen      
14 4 'Structure model' struct_asym                   
15 4 'Structure model' struct_conn                   
16 4 'Structure model' struct_site                   
17 4 'Structure model' struct_site_gen               
18 5 'Structure model' chem_comp                     
19 5 'Structure model' database_2                    
20 5 'Structure model' pdbx_initial_refinement_model 
21 6 'Structure model' chem_comp_atom                
22 6 'Structure model' chem_comp_bond                
23 6 'Structure model' pdbx_entry_details            
24 6 'Structure model' pdbx_modification_feature     
# 
loop_
_pdbx_audit_revision_item.ordinal 
_pdbx_audit_revision_item.revision_ordinal 
_pdbx_audit_revision_item.data_content_type 
_pdbx_audit_revision_item.item 
1  4 'Structure model' '_atom_site.B_iso_or_equiv'              
2  4 'Structure model' '_atom_site.Cartn_x'                     
3  4 'Structure model' '_atom_site.Cartn_y'                     
4  4 'Structure model' '_atom_site.Cartn_z'                     
5  4 'Structure model' '_atom_site.auth_asym_id'                
6  4 'Structure model' '_atom_site.auth_atom_id'                
7  4 'Structure model' '_atom_site.auth_comp_id'                
8  4 'Structure model' '_atom_site.auth_seq_id'                 
9  4 'Structure model' '_atom_site.label_asym_id'               
10 4 'Structure model' '_atom_site.label_atom_id'               
11 4 'Structure model' '_atom_site.label_comp_id'               
12 4 'Structure model' '_atom_site.label_entity_id'             
13 4 'Structure model' '_atom_site.type_symbol'                 
14 4 'Structure model' '_chem_comp.name'                        
15 4 'Structure model' '_chem_comp.type'                        
16 4 'Structure model' '_pdbx_database_status.process_site'     
17 4 'Structure model' '_pdbx_struct_assembly_gen.asym_id_list' 
18 4 'Structure model' '_struct_conn.pdbx_dist_value'           
19 4 'Structure model' '_struct_conn.pdbx_leaving_atom_flag'    
20 4 'Structure model' '_struct_conn.ptnr1_auth_asym_id'        
21 4 'Structure model' '_struct_conn.ptnr1_auth_comp_id'        
22 4 'Structure model' '_struct_conn.ptnr1_auth_seq_id'         
23 4 'Structure model' '_struct_conn.ptnr1_label_asym_id'       
24 4 'Structure model' '_struct_conn.ptnr1_label_atom_id'       
25 4 'Structure model' '_struct_conn.ptnr1_label_comp_id'       
26 4 'Structure model' '_struct_conn.ptnr1_label_seq_id'        
27 4 'Structure model' '_struct_conn.ptnr2_auth_asym_id'        
28 4 'Structure model' '_struct_conn.ptnr2_auth_comp_id'        
29 4 'Structure model' '_struct_conn.ptnr2_auth_seq_id'         
30 4 'Structure model' '_struct_conn.ptnr2_label_asym_id'       
31 4 'Structure model' '_struct_conn.ptnr2_label_atom_id'       
32 4 'Structure model' '_struct_conn.ptnr2_label_comp_id'       
33 5 'Structure model' '_chem_comp.pdbx_synonyms'               
34 5 'Structure model' '_database_2.pdbx_DOI'                   
35 5 'Structure model' '_database_2.pdbx_database_accession'    
# 
_pdbx_database_status.status_code                     REL 
_pdbx_database_status.entry_id                        1REM 
_pdbx_database_status.recvd_initial_deposition_date   1998-01-14 
_pdbx_database_status.deposit_site                    ? 
_pdbx_database_status.process_site                    BNL 
_pdbx_database_status.status_code_sf                  REL 
_pdbx_database_status.status_code_mr                  ? 
_pdbx_database_status.SG_entry                        ? 
_pdbx_database_status.pdb_format_compatible           Y 
_pdbx_database_status.status_code_cs                  ? 
_pdbx_database_status.status_code_nmr_data            ? 
_pdbx_database_status.methods_development_category    ? 
# 
loop_
_audit_author.name 
_audit_author.pdbx_ordinal 
'Muraki, M.' 1 
'Harata, K.' 2 
'Sugita, N.' 3 
'Sato, K.'   4 
# 
_citation.id                        primary 
_citation.title                     
;X-ray structure of human lysozyme labelled with 2',3'-epoxypropyl beta-glycoside of man-beta1,4-GlcNAc. Structural change and recognition specificity at subsite B.
;
_citation.journal_abbrev            'Acta Crystallogr.,Sect.D' 
_citation.journal_volume            54 
_citation.page_first                834 
_citation.page_last                 843 
_citation.year                      1998 
_citation.journal_id_ASTM           ABCRE6 
_citation.country                   DK 
_citation.journal_id_ISSN           0907-4449 
_citation.journal_id_CSD            0766 
_citation.book_publisher            ? 
_citation.pdbx_database_id_PubMed   9757098 
_citation.pdbx_database_id_DOI      10.1107/S090744499800122X 
# 
loop_
_citation_author.citation_id 
_citation_author.name 
_citation_author.ordinal 
_citation_author.identifier_ORCID 
primary 'Muraki, M.' 1 ? 
primary 'Harata, K.' 2 ? 
primary 'Sugita, N.' 3 ? 
primary 'Sato, K.'   4 ? 
# 
loop_
_entity.id 
_entity.type 
_entity.src_method 
_entity.pdbx_description 
_entity.formula_weight 
_entity.pdbx_number_of_molecules 
_entity.pdbx_ec 
_entity.pdbx_mutation 
_entity.pdbx_fragment 
_entity.details 
1 polymer     nat LYSOZYME                                                              14720.693 1  3.2.1.17 ? ? 
'MAN-B1,4-GLCNAC COVALENTLY ATTACHED TO ASP53' 
2 branched    man 'beta-D-mannopyranose-(1-4)-2-acetamido-2-deoxy-beta-D-glucopyranose' 383.349   1  ?        ? ? ? 
3 non-polymer syn 'NITRATE ION'                                                         62.005    1  ?        ? ? ? 
4 non-polymer syn R-1,2-PROPANEDIOL                                                     76.094    1  ?        ? ? ? 
5 water       nat water                                                                 18.015    88 ?        ? ? ? 
# 
_entity_name_com.entity_id   1 
_entity_name_com.name        MURAMIDASE 
# 
_entity_poly.entity_id                      1 
_entity_poly.type                           'polypeptide(L)' 
_entity_poly.nstd_linkage                   no 
_entity_poly.nstd_monomer                   no 
_entity_poly.pdbx_seq_one_letter_code       
;KVFERCELARTLKRLGMDGYRGISLANWMCLAKWESGYNTRATNYNAGDRSTDYGIFQINSRYWCNDGKTPGAVNACHLS
CSALLQDNIADAVACAKRVVRDPQGIRAWVAWRNRCQNRDVRQYVQGCGV
;
_entity_poly.pdbx_seq_one_letter_code_can   
;KVFERCELARTLKRLGMDGYRGISLANWMCLAKWESGYNTRATNYNAGDRSTDYGIFQINSRYWCNDGKTPGAVNACHLS
CSALLQDNIADAVACAKRVVRDPQGIRAWVAWRNRCQNRDVRQYVQGCGV
;
_entity_poly.pdbx_strand_id                 A 
_entity_poly.pdbx_target_identifier         ? 
# 
loop_
_pdbx_entity_nonpoly.entity_id 
_pdbx_entity_nonpoly.name 
_pdbx_entity_nonpoly.comp_id 
3 'NITRATE ION'     NO3 
4 R-1,2-PROPANEDIOL PGR 
5 water             HOH 
# 
loop_
_entity_poly_seq.entity_id 
_entity_poly_seq.num 
_entity_poly_seq.mon_id 
_entity_poly_seq.hetero 
1 1   LYS n 
1 2   VAL n 
1 3   PHE n 
1 4   GLU n 
1 5   ARG n 
1 6   CYS n 
1 7   GLU n 
1 8   LEU n 
1 9   ALA n 
1 10  ARG n 
1 11  THR n 
1 12  LEU n 
1 13  LYS n 
1 14  ARG n 
1 15  LEU n 
1 16  GLY n 
1 17  MET n 
1 18  ASP n 
1 19  GLY n 
1 20  TYR n 
1 21  ARG n 
1 22  GLY n 
1 23  ILE n 
1 24  SER n 
1 25  LEU n 
1 26  ALA n 
1 27  ASN n 
1 28  TRP n 
1 29  MET n 
1 30  CYS n 
1 31  LEU n 
1 32  ALA n 
1 33  LYS n 
1 34  TRP n 
1 35  GLU n 
1 36  SER n 
1 37  GLY n 
1 38  TYR n 
1 39  ASN n 
1 40  THR n 
1 41  ARG n 
1 42  ALA n 
1 43  THR n 
1 44  ASN n 
1 45  TYR n 
1 46  ASN n 
1 47  ALA n 
1 48  GLY n 
1 49  ASP n 
1 50  ARG n 
1 51  SER n 
1 52  THR n 
1 53  ASP n 
1 54  TYR n 
1 55  GLY n 
1 56  ILE n 
1 57  PHE n 
1 58  GLN n 
1 59  ILE n 
1 60  ASN n 
1 61  SER n 
1 62  ARG n 
1 63  TYR n 
1 64  TRP n 
1 65  CYS n 
1 66  ASN n 
1 67  ASP n 
1 68  GLY n 
1 69  LYS n 
1 70  THR n 
1 71  PRO n 
1 72  GLY n 
1 73  ALA n 
1 74  VAL n 
1 75  ASN n 
1 76  ALA n 
1 77  CYS n 
1 78  HIS n 
1 79  LEU n 
1 80  SER n 
1 81  CYS n 
1 82  SER n 
1 83  ALA n 
1 84  LEU n 
1 85  LEU n 
1 86  GLN n 
1 87  ASP n 
1 88  ASN n 
1 89  ILE n 
1 90  ALA n 
1 91  ASP n 
1 92  ALA n 
1 93  VAL n 
1 94  ALA n 
1 95  CYS n 
1 96  ALA n 
1 97  LYS n 
1 98  ARG n 
1 99  VAL n 
1 100 VAL n 
1 101 ARG n 
1 102 ASP n 
1 103 PRO n 
1 104 GLN n 
1 105 GLY n 
1 106 ILE n 
1 107 ARG n 
1 108 ALA n 
1 109 TRP n 
1 110 VAL n 
1 111 ALA n 
1 112 TRP n 
1 113 ARG n 
1 114 ASN n 
1 115 ARG n 
1 116 CYS n 
1 117 GLN n 
1 118 ASN n 
1 119 ARG n 
1 120 ASP n 
1 121 VAL n 
1 122 ARG n 
1 123 GLN n 
1 124 TYR n 
1 125 VAL n 
1 126 GLN n 
1 127 GLY n 
1 128 CYS n 
1 129 GLY n 
1 130 VAL n 
# 
_entity_src_nat.entity_id                  1 
_entity_src_nat.pdbx_src_id                1 
_entity_src_nat.pdbx_alt_source_flag       sample 
_entity_src_nat.pdbx_beg_seq_num           ? 
_entity_src_nat.pdbx_end_seq_num           ? 
_entity_src_nat.common_name                human 
_entity_src_nat.pdbx_organism_scientific   'Homo sapiens' 
_entity_src_nat.pdbx_ncbi_taxonomy_id      9606 
_entity_src_nat.genus                      Homo 
_entity_src_nat.species                    ? 
_entity_src_nat.strain                     ? 
_entity_src_nat.tissue                     ? 
_entity_src_nat.tissue_fraction            ? 
_entity_src_nat.pdbx_secretion             ? 
_entity_src_nat.pdbx_fragment              ? 
_entity_src_nat.pdbx_variant               ? 
_entity_src_nat.pdbx_cell_line             ? 
_entity_src_nat.pdbx_atcc                  ? 
_entity_src_nat.pdbx_cellular_location     ? 
_entity_src_nat.pdbx_organ                 ? 
_entity_src_nat.pdbx_organelle             ? 
_entity_src_nat.pdbx_cell                  ? 
_entity_src_nat.pdbx_plasmid_name          ? 
_entity_src_nat.pdbx_plasmid_details       ? 
_entity_src_nat.details                    ? 
# 
_pdbx_entity_branch.entity_id   2 
_pdbx_entity_branch.type        oligosaccharide 
# 
loop_
_pdbx_entity_branch_descriptor.ordinal 
_pdbx_entity_branch_descriptor.entity_id 
_pdbx_entity_branch_descriptor.descriptor 
_pdbx_entity_branch_descriptor.type 
_pdbx_entity_branch_descriptor.program 
_pdbx_entity_branch_descriptor.program_version 
1 2 DManpb1-4DGlcpNAcb1-ROH                                              'Glycam Condensed Sequence' GMML       1.0   
2 2 'WURCS=2.0/2,2,1/[a2122h-1b_1-5_2*NCC/3=O][a1122h-1b_1-5]/1-2/a4-b1' WURCS                       PDB2Glycan 1.1.0 
3 2 '[][D-1-deoxy-GlcpNAc]{[(4+1)][b-D-Manp]{}}'                         LINUCS                      PDB-CARE   ?     
# 
_pdbx_entity_branch_link.link_id                    1 
_pdbx_entity_branch_link.entity_id                  2 
_pdbx_entity_branch_link.entity_branch_list_num_1   2 
_pdbx_entity_branch_link.comp_id_1                  BMA 
_pdbx_entity_branch_link.atom_id_1                  C1 
_pdbx_entity_branch_link.leaving_atom_id_1          O1 
_pdbx_entity_branch_link.entity_branch_list_num_2   1 
_pdbx_entity_branch_link.comp_id_2                  NAG 
_pdbx_entity_branch_link.atom_id_2                  O4 
_pdbx_entity_branch_link.leaving_atom_id_2          HO4 
_pdbx_entity_branch_link.value_order                sing 
_pdbx_entity_branch_link.details                    ? 
# 
loop_
_chem_comp.id 
_chem_comp.type 
_chem_comp.mon_nstd_flag 
_chem_comp.name 
_chem_comp.pdbx_synonyms 
_chem_comp.formula 
_chem_comp.formula_weight 
ALA 'L-peptide linking'          y ALANINE                                  ? 'C3 H7 N O2'     89.093  
ARG 'L-peptide linking'          y ARGININE                                 ? 'C6 H15 N4 O2 1' 175.209 
ASN 'L-peptide linking'          y ASPARAGINE                               ? 'C4 H8 N2 O3'    132.118 
ASP 'L-peptide linking'          y 'ASPARTIC ACID'                          ? 'C4 H7 N O4'     133.103 
BMA 'D-saccharide, beta linking' . beta-D-mannopyranose                     'beta-D-mannose; D-mannose; mannose' 'C6 H12 O6'      
180.156 
CYS 'L-peptide linking'          y CYSTEINE                                 ? 'C3 H7 N O2 S'   121.158 
GLN 'L-peptide linking'          y GLUTAMINE                                ? 'C5 H10 N2 O3'   146.144 
GLU 'L-peptide linking'          y 'GLUTAMIC ACID'                          ? 'C5 H9 N O4'     147.129 
GLY 'peptide linking'            y GLYCINE                                  ? 'C2 H5 N O2'     75.067  
HIS 'L-peptide linking'          y HISTIDINE                                ? 'C6 H10 N3 O2 1' 156.162 
HOH non-polymer                  . WATER                                    ? 'H2 O'           18.015  
ILE 'L-peptide linking'          y ISOLEUCINE                               ? 'C6 H13 N O2'    131.173 
LEU 'L-peptide linking'          y LEUCINE                                  ? 'C6 H13 N O2'    131.173 
LYS 'L-peptide linking'          y LYSINE                                   ? 'C6 H15 N2 O2 1' 147.195 
MET 'L-peptide linking'          y METHIONINE                               ? 'C5 H11 N O2 S'  149.211 
NAG 'D-saccharide, beta linking' . 2-acetamido-2-deoxy-beta-D-glucopyranose 
;N-acetyl-beta-D-glucosamine; 2-acetamido-2-deoxy-beta-D-glucose; 2-acetamido-2-deoxy-D-glucose; 2-acetamido-2-deoxy-glucose; N-ACETYL-D-GLUCOSAMINE
;
'C8 H15 N O6'    221.208 
NO3 non-polymer                  . 'NITRATE ION'                            ? 'N O3 -1'        62.005  
PGR non-polymer                  . R-1,2-PROPANEDIOL                        ? 'C3 H8 O2'       76.094  
PHE 'L-peptide linking'          y PHENYLALANINE                            ? 'C9 H11 N O2'    165.189 
PRO 'L-peptide linking'          y PROLINE                                  ? 'C5 H9 N O2'     115.130 
SER 'L-peptide linking'          y SERINE                                   ? 'C3 H7 N O3'     105.093 
THR 'L-peptide linking'          y THREONINE                                ? 'C4 H9 N O3'     119.119 
TRP 'L-peptide linking'          y TRYPTOPHAN                               ? 'C11 H12 N2 O2'  204.225 
TYR 'L-peptide linking'          y TYROSINE                                 ? 'C9 H11 N O3'    181.189 
VAL 'L-peptide linking'          y VALINE                                   ? 'C5 H11 N O2'    117.146 
# 
loop_
_pdbx_chem_comp_identifier.comp_id 
_pdbx_chem_comp_identifier.type 
_pdbx_chem_comp_identifier.program 
_pdbx_chem_comp_identifier.program_version 
_pdbx_chem_comp_identifier.identifier 
BMA 'CONDENSED IUPAC CARBOHYDRATE SYMBOL' GMML     1.0 DManpb                         
BMA 'COMMON NAME'                         GMML     1.0 b-D-mannopyranose              
BMA 'IUPAC CARBOHYDRATE SYMBOL'           PDB-CARE 1.0 b-D-Manp                       
BMA 'SNFG CARBOHYDRATE SYMBOL'            GMML     1.0 Man                            
NAG 'CONDENSED IUPAC CARBOHYDRATE SYMBOL' GMML     1.0 DGlcpNAcb                      
NAG 'COMMON NAME'                         GMML     1.0 N-acetyl-b-D-glucopyranosamine 
NAG 'IUPAC CARBOHYDRATE SYMBOL'           PDB-CARE 1.0 b-D-GlcpNAc                    
NAG 'SNFG CARBOHYDRATE SYMBOL'            GMML     1.0 GlcNAc                         
# 
loop_
_pdbx_poly_seq_scheme.asym_id 
_pdbx_poly_seq_scheme.entity_id 
_pdbx_poly_seq_scheme.seq_id 
_pdbx_poly_seq_scheme.mon_id 
_pdbx_poly_seq_scheme.ndb_seq_num 
_pdbx_poly_seq_scheme.pdb_seq_num 
_pdbx_poly_seq_scheme.auth_seq_num 
_pdbx_poly_seq_scheme.pdb_mon_id 
_pdbx_poly_seq_scheme.auth_mon_id 
_pdbx_poly_seq_scheme.pdb_strand_id 
_pdbx_poly_seq_scheme.pdb_ins_code 
_pdbx_poly_seq_scheme.hetero 
A 1 1   LYS 1   1   1   LYS LYS A . n 
A 1 2   VAL 2   2   2   VAL VAL A . n 
A 1 3   PHE 3   3   3   PHE PHE A . n 
A 1 4   GLU 4   4   4   GLU GLU A . n 
A 1 5   ARG 5   5   5   ARG ARG A . n 
A 1 6   CYS 6   6   6   CYS CYS A . n 
A 1 7   GLU 7   7   7   GLU GLU A . n 
A 1 8   LEU 8   8   8   LEU LEU A . n 
A 1 9   ALA 9   9   9   ALA ALA A . n 
A 1 10  ARG 10  10  10  ARG ARG A . n 
A 1 11  THR 11  11  11  THR THR A . n 
A 1 12  LEU 12  12  12  LEU LEU A . n 
A 1 13  LYS 13  13  13  LYS LYS A . n 
A 1 14  ARG 14  14  14  ARG ARG A . n 
A 1 15  LEU 15  15  15  LEU LEU A . n 
A 1 16  GLY 16  16  16  GLY GLY A . n 
A 1 17  MET 17  17  17  MET MET A . n 
A 1 18  ASP 18  18  18  ASP ASP A . n 
A 1 19  GLY 19  19  19  GLY GLY A . n 
A 1 20  TYR 20  20  20  TYR TYR A . n 
A 1 21  ARG 21  21  21  ARG ARG A . n 
A 1 22  GLY 22  22  22  GLY GLY A . n 
A 1 23  ILE 23  23  23  ILE ILE A . n 
A 1 24  SER 24  24  24  SER SER A . n 
A 1 25  LEU 25  25  25  LEU LEU A . n 
A 1 26  ALA 26  26  26  ALA ALA A . n 
A 1 27  ASN 27  27  27  ASN ASN A . n 
A 1 28  TRP 28  28  28  TRP TRP A . n 
A 1 29  MET 29  29  29  MET MET A . n 
A 1 30  CYS 30  30  30  CYS CYS A . n 
A 1 31  LEU 31  31  31  LEU LEU A . n 
A 1 32  ALA 32  32  32  ALA ALA A . n 
A 1 33  LYS 33  33  33  LYS LYS A . n 
A 1 34  TRP 34  34  34  TRP TRP A . n 
A 1 35  GLU 35  35  35  GLU GLU A . n 
A 1 36  SER 36  36  36  SER SER A . n 
A 1 37  GLY 37  37  37  GLY GLY A . n 
A 1 38  TYR 38  38  38  TYR TYR A . n 
A 1 39  ASN 39  39  39  ASN ASN A . n 
A 1 40  THR 40  40  40  THR THR A . n 
A 1 41  ARG 41  41  41  ARG ARG A . n 
A 1 42  ALA 42  42  42  ALA ALA A . n 
A 1 43  THR 43  43  43  THR THR A . n 
A 1 44  ASN 44  44  44  ASN ASN A . n 
A 1 45  TYR 45  45  45  TYR TYR A . n 
A 1 46  ASN 46  46  46  ASN ASN A . n 
A 1 47  ALA 47  47  47  ALA ALA A . n 
A 1 48  GLY 48  48  48  GLY GLY A . n 
A 1 49  ASP 49  49  49  ASP ASP A . n 
A 1 50  ARG 50  50  50  ARG ARG A . n 
A 1 51  SER 51  51  51  SER SER A . n 
A 1 52  THR 52  52  52  THR THR A . n 
A 1 53  ASP 53  53  53  ASP ASP A . n 
A 1 54  TYR 54  54  54  TYR TYR A . n 
A 1 55  GLY 55  55  55  GLY GLY A . n 
A 1 56  ILE 56  56  56  ILE ILE A . n 
A 1 57  PHE 57  57  57  PHE PHE A . n 
A 1 58  GLN 58  58  58  GLN GLN A . n 
A 1 59  ILE 59  59  59  ILE ILE A . n 
A 1 60  ASN 60  60  60  ASN ASN A . n 
A 1 61  SER 61  61  61  SER SER A . n 
A 1 62  ARG 62  62  62  ARG ARG A . n 
A 1 63  TYR 63  63  63  TYR TYR A . n 
A 1 64  TRP 64  64  64  TRP TRP A . n 
A 1 65  CYS 65  65  65  CYS CYS A . n 
A 1 66  ASN 66  66  66  ASN ASN A . n 
A 1 67  ASP 67  67  67  ASP ASP A . n 
A 1 68  GLY 68  68  68  GLY GLY A . n 
A 1 69  LYS 69  69  69  LYS LYS A . n 
A 1 70  THR 70  70  70  THR THR A . n 
A 1 71  PRO 71  71  71  PRO PRO A . n 
A 1 72  GLY 72  72  72  GLY GLY A . n 
A 1 73  ALA 73  73  73  ALA ALA A . n 
A 1 74  VAL 74  74  74  VAL VAL A . n 
A 1 75  ASN 75  75  75  ASN ASN A . n 
A 1 76  ALA 76  76  76  ALA ALA A . n 
A 1 77  CYS 77  77  77  CYS CYS A . n 
A 1 78  HIS 78  78  78  HIS HIS A . n 
A 1 79  LEU 79  79  79  LEU LEU A . n 
A 1 80  SER 80  80  80  SER SER A . n 
A 1 81  CYS 81  81  81  CYS CYS A . n 
A 1 82  SER 82  82  82  SER SER A . n 
A 1 83  ALA 83  83  83  ALA ALA A . n 
A 1 84  LEU 84  84  84  LEU LEU A . n 
A 1 85  LEU 85  85  85  LEU LEU A . n 
A 1 86  GLN 86  86  86  GLN GLN A . n 
A 1 87  ASP 87  87  87  ASP ASP A . n 
A 1 88  ASN 88  88  88  ASN ASN A . n 
A 1 89  ILE 89  89  89  ILE ILE A . n 
A 1 90  ALA 90  90  90  ALA ALA A . n 
A 1 91  ASP 91  91  91  ASP ASP A . n 
A 1 92  ALA 92  92  92  ALA ALA A . n 
A 1 93  VAL 93  93  93  VAL VAL A . n 
A 1 94  ALA 94  94  94  ALA ALA A . n 
A 1 95  CYS 95  95  95  CYS CYS A . n 
A 1 96  ALA 96  96  96  ALA ALA A . n 
A 1 97  LYS 97  97  97  LYS LYS A . n 
A 1 98  ARG 98  98  98  ARG ARG A . n 
A 1 99  VAL 99  99  99  VAL VAL A . n 
A 1 100 VAL 100 100 100 VAL VAL A . n 
A 1 101 ARG 101 101 101 ARG ARG A . n 
A 1 102 ASP 102 102 102 ASP ASP A . n 
A 1 103 PRO 103 103 103 PRO PRO A . n 
A 1 104 GLN 104 104 104 GLN GLN A . n 
A 1 105 GLY 105 105 105 GLY GLY A . n 
A 1 106 ILE 106 106 106 ILE ILE A . n 
A 1 107 ARG 107 107 107 ARG ARG A . n 
A 1 108 ALA 108 108 108 ALA ALA A . n 
A 1 109 TRP 109 109 109 TRP TRP A . n 
A 1 110 VAL 110 110 110 VAL VAL A . n 
A 1 111 ALA 111 111 111 ALA ALA A . n 
A 1 112 TRP 112 112 112 TRP TRP A . n 
A 1 113 ARG 113 113 113 ARG ARG A . n 
A 1 114 ASN 114 114 114 ASN ASN A . n 
A 1 115 ARG 115 115 115 ARG ARG A . n 
A 1 116 CYS 116 116 116 CYS CYS A . n 
A 1 117 GLN 117 117 117 GLN GLN A . n 
A 1 118 ASN 118 118 118 ASN ASN A . n 
A 1 119 ARG 119 119 119 ARG ARG A . n 
A 1 120 ASP 120 120 120 ASP ASP A . n 
A 1 121 VAL 121 121 121 VAL VAL A . n 
A 1 122 ARG 122 122 122 ARG ARG A . n 
A 1 123 GLN 123 123 123 GLN GLN A . n 
A 1 124 TYR 124 124 124 TYR TYR A . n 
A 1 125 VAL 125 125 125 VAL VAL A . n 
A 1 126 GLN 126 126 126 GLN GLN A . n 
A 1 127 GLY 127 127 127 GLY GLY A . n 
A 1 128 CYS 128 128 128 CYS CYS A . n 
A 1 129 GLY 129 129 129 GLY GLY A . n 
A 1 130 VAL 130 130 130 VAL VAL A . n 
# 
loop_
_pdbx_branch_scheme.asym_id 
_pdbx_branch_scheme.entity_id 
_pdbx_branch_scheme.mon_id 
_pdbx_branch_scheme.num 
_pdbx_branch_scheme.pdb_asym_id 
_pdbx_branch_scheme.pdb_mon_id 
_pdbx_branch_scheme.pdb_seq_num 
_pdbx_branch_scheme.auth_asym_id 
_pdbx_branch_scheme.auth_mon_id 
_pdbx_branch_scheme.auth_seq_num 
_pdbx_branch_scheme.hetero 
B 2 NAG 1 B NAG 1 ? NAG 132 n 
B 2 BMA 2 B BMA 2 ? MAN 131 n 
# 
loop_
_pdbx_nonpoly_scheme.asym_id 
_pdbx_nonpoly_scheme.entity_id 
_pdbx_nonpoly_scheme.mon_id 
_pdbx_nonpoly_scheme.ndb_seq_num 
_pdbx_nonpoly_scheme.pdb_seq_num 
_pdbx_nonpoly_scheme.auth_seq_num 
_pdbx_nonpoly_scheme.pdb_mon_id 
_pdbx_nonpoly_scheme.auth_mon_id 
_pdbx_nonpoly_scheme.pdb_strand_id 
_pdbx_nonpoly_scheme.pdb_ins_code 
C 3 NO3 1  133 1   NO3 NO3 A . 
D 4 PGR 1  134 133 PGR HP3 A . 
E 5 HOH 1  135 1   HOH HOH A . 
E 5 HOH 2  136 2   HOH HOH A . 
E 5 HOH 3  137 3   HOH HOH A . 
E 5 HOH 4  138 4   HOH HOH A . 
E 5 HOH 5  139 5   HOH HOH A . 
E 5 HOH 6  140 6   HOH HOH A . 
E 5 HOH 7  141 7   HOH HOH A . 
E 5 HOH 8  142 8   HOH HOH A . 
E 5 HOH 9  143 9   HOH HOH A . 
E 5 HOH 10 144 10  HOH HOH A . 
E 5 HOH 11 145 11  HOH HOH A . 
E 5 HOH 12 146 12  HOH HOH A . 
E 5 HOH 13 147 13  HOH HOH A . 
E 5 HOH 14 148 14  HOH HOH A . 
E 5 HOH 15 149 15  HOH HOH A . 
E 5 HOH 16 150 16  HOH HOH A . 
E 5 HOH 17 151 17  HOH HOH A . 
E 5 HOH 18 152 18  HOH HOH A . 
E 5 HOH 19 153 19  HOH HOH A . 
E 5 HOH 20 154 20  HOH HOH A . 
E 5 HOH 21 155 21  HOH HOH A . 
E 5 HOH 22 156 22  HOH HOH A . 
E 5 HOH 23 157 23  HOH HOH A . 
E 5 HOH 24 158 24  HOH HOH A . 
E 5 HOH 25 159 25  HOH HOH A . 
E 5 HOH 26 160 26  HOH HOH A . 
E 5 HOH 27 161 27  HOH HOH A . 
E 5 HOH 28 162 28  HOH HOH A . 
E 5 HOH 29 163 29  HOH HOH A . 
E 5 HOH 30 164 30  HOH HOH A . 
E 5 HOH 31 165 31  HOH HOH A . 
E 5 HOH 32 166 32  HOH HOH A . 
E 5 HOH 33 167 33  HOH HOH A . 
E 5 HOH 34 168 34  HOH HOH A . 
E 5 HOH 35 169 35  HOH HOH A . 
E 5 HOH 36 170 36  HOH HOH A . 
E 5 HOH 37 171 37  HOH HOH A . 
E 5 HOH 38 172 38  HOH HOH A . 
E 5 HOH 39 173 39  HOH HOH A . 
E 5 HOH 40 174 40  HOH HOH A . 
E 5 HOH 41 175 41  HOH HOH A . 
E 5 HOH 42 176 42  HOH HOH A . 
E 5 HOH 43 177 43  HOH HOH A . 
E 5 HOH 44 178 44  HOH HOH A . 
E 5 HOH 45 179 45  HOH HOH A . 
E 5 HOH 46 180 46  HOH HOH A . 
E 5 HOH 47 181 47  HOH HOH A . 
E 5 HOH 48 182 48  HOH HOH A . 
E 5 HOH 49 183 49  HOH HOH A . 
E 5 HOH 50 184 50  HOH HOH A . 
E 5 HOH 51 185 51  HOH HOH A . 
E 5 HOH 52 186 52  HOH HOH A . 
E 5 HOH 53 187 53  HOH HOH A . 
E 5 HOH 54 188 54  HOH HOH A . 
E 5 HOH 55 189 55  HOH HOH A . 
E 5 HOH 56 190 56  HOH HOH A . 
E 5 HOH 57 191 57  HOH HOH A . 
E 5 HOH 58 192 58  HOH HOH A . 
E 5 HOH 59 193 59  HOH HOH A . 
E 5 HOH 60 194 60  HOH HOH A . 
E 5 HOH 61 195 61  HOH HOH A . 
E 5 HOH 62 196 62  HOH HOH A . 
E 5 HOH 63 197 63  HOH HOH A . 
E 5 HOH 64 198 64  HOH HOH A . 
E 5 HOH 65 199 65  HOH HOH A . 
E 5 HOH 66 200 66  HOH HOH A . 
E 5 HOH 67 201 67  HOH HOH A . 
E 5 HOH 68 202 68  HOH HOH A . 
E 5 HOH 69 203 69  HOH HOH A . 
E 5 HOH 70 204 70  HOH HOH A . 
E 5 HOH 71 205 71  HOH HOH A . 
E 5 HOH 72 206 72  HOH HOH A . 
E 5 HOH 73 207 73  HOH HOH A . 
E 5 HOH 74 208 74  HOH HOH A . 
E 5 HOH 75 209 75  HOH HOH A . 
E 5 HOH 76 210 76  HOH HOH A . 
E 5 HOH 77 211 77  HOH HOH A . 
E 5 HOH 78 212 78  HOH HOH A . 
E 5 HOH 79 213 79  HOH HOH A . 
E 5 HOH 80 214 80  HOH HOH A . 
E 5 HOH 81 215 81  HOH HOH A . 
E 5 HOH 82 216 82  HOH HOH A . 
E 5 HOH 83 217 83  HOH HOH A . 
E 5 HOH 84 218 84  HOH HOH A . 
E 5 HOH 85 219 85  HOH HOH A . 
E 5 HOH 86 220 86  HOH HOH A . 
E 5 HOH 87 221 87  HOH HOH A . 
E 5 HOH 88 222 88  HOH HOH A . 
# 
loop_
_software.name 
_software.classification 
_software.version 
_software.citation_id 
_software.pdbx_ordinal 
R-AXIS 'data collection' 'SOFTWARE 2.1' ? 1 
R-AXIS 'data reduction'  'SOFTWARE 2.1' ? 2 
X-PLOR 'model building'  3.1            ? 3 
X-PLOR refinement        3.1            ? 4 
R-AXIS 'data scaling'    'IIC V. 2.1'   ? 5 
X-PLOR phasing           3.1            ? 6 
# 
_cell.entry_id           1REM 
_cell.length_a           36.390 
_cell.length_b           116.380 
_cell.length_c           30.910 
_cell.angle_alpha        90.00 
_cell.angle_beta         90.00 
_cell.angle_gamma        90.00 
_cell.Z_PDB              4 
_cell.pdbx_unique_axis   ? 
# 
_symmetry.entry_id                         1REM 
_symmetry.space_group_name_H-M             'P 21 21 21' 
_symmetry.pdbx_full_space_group_name_H-M   ? 
_symmetry.cell_setting                     ? 
_symmetry.Int_Tables_number                19 
# 
_exptl.entry_id          1REM 
_exptl.method            'X-RAY DIFFRACTION' 
_exptl.crystals_number   ? 
# 
_exptl_crystal.id                    1 
_exptl_crystal.density_meas          ? 
_exptl_crystal.density_Matthews      2.18 
_exptl_crystal.density_percent_sol   43.5 
_exptl_crystal.description           ? 
# 
_exptl_crystal_grow.crystal_id      1 
_exptl_crystal_grow.method          ? 
_exptl_crystal_grow.temp            ? 
_exptl_crystal_grow.temp_details    ? 
_exptl_crystal_grow.pH              4.5 
_exptl_crystal_grow.pdbx_pH_range   ? 
_exptl_crystal_grow.pdbx_details    '5M AMMONIUM NITRATE IN 20MM SODIUM ACETATE (PH 4.5)' 
# 
_diffrn.id                     1 
_diffrn.ambient_temp           ? 
_diffrn.ambient_temp_details   ? 
_diffrn.crystal_id             1 
# 
_diffrn_detector.diffrn_id              1 
_diffrn_detector.detector               'IMAGE PLATE' 
_diffrn_detector.type                   'RIGAKU RAXIS IIC' 
_diffrn_detector.pdbx_collection_date   ? 
_diffrn_detector.details                ? 
# 
_diffrn_radiation.diffrn_id                        1 
_diffrn_radiation.wavelength_id                    1 
_diffrn_radiation.pdbx_monochromatic_or_laue_m_l   M 
_diffrn_radiation.monochromator                    'GRAPHITE(002)' 
_diffrn_radiation.pdbx_diffrn_protocol             ? 
_diffrn_radiation.pdbx_scattering_type             x-ray 
# 
_diffrn_radiation_wavelength.id           1 
_diffrn_radiation_wavelength.wavelength   1.5418 
_diffrn_radiation_wavelength.wt           1.0 
# 
_diffrn_source.diffrn_id                   1 
_diffrn_source.source                      ? 
_diffrn_source.type                        ? 
_diffrn_source.pdbx_synchrotron_site       ? 
_diffrn_source.pdbx_synchrotron_beamline   ? 
_diffrn_source.pdbx_wavelength             1.5418 
_diffrn_source.pdbx_wavelength_list        ? 
# 
_reflns.entry_id                     1REM 
_reflns.observed_criterion_sigma_I   0. 
_reflns.observed_criterion_sigma_F   ? 
_reflns.d_resolution_low             36.4 
_reflns.d_resolution_high            2.07 
_reflns.number_obs                   7438 
_reflns.number_all                   ? 
_reflns.percent_possible_obs         94.9 
_reflns.pdbx_Rmerge_I_obs            0.057 
_reflns.pdbx_Rsym_value              ? 
_reflns.pdbx_netI_over_sigmaI        ? 
_reflns.B_iso_Wilson_estimate        ? 
_reflns.pdbx_redundancy              3.05 
_reflns.pdbx_ordinal                 1 
_reflns.pdbx_diffrn_id               1 
# 
_refine.entry_id                                 1REM 
_refine.ls_number_reflns_obs                     7060 
_refine.ls_number_reflns_all                     ? 
_refine.pdbx_ls_sigma_I                          ? 
_refine.pdbx_ls_sigma_F                          3. 
_refine.pdbx_data_cutoff_high_absF               ? 
_refine.pdbx_data_cutoff_low_absF                ? 
_refine.pdbx_data_cutoff_high_rms_absF           ? 
_refine.ls_d_res_low                             8.0 
_refine.ls_d_res_high                            2.1 
_refine.ls_percent_reflns_obs                    ? 
_refine.ls_R_factor_obs                          0.168 
_refine.ls_R_factor_all                          ? 
_refine.ls_R_factor_R_work                       0.168 
_refine.ls_R_factor_R_free                       0.248 
_refine.ls_R_factor_R_free_error                 ? 
_refine.ls_R_factor_R_free_error_details         ? 
_refine.ls_percent_reflns_R_free                 10. 
_refine.ls_number_reflns_R_free                  ? 
_refine.ls_number_parameters                     ? 
_refine.ls_number_restraints                     ? 
_refine.occupancy_min                            ? 
_refine.occupancy_max                            ? 
_refine.B_iso_mean                               21.07 
_refine.aniso_B[1][1]                            ? 
_refine.aniso_B[2][2]                            ? 
_refine.aniso_B[3][3]                            ? 
_refine.aniso_B[1][2]                            ? 
_refine.aniso_B[1][3]                            ? 
_refine.aniso_B[2][3]                            ? 
_refine.solvent_model_details                    ? 
_refine.solvent_model_param_ksol                 ? 
_refine.solvent_model_param_bsol                 ? 
_refine.pdbx_ls_cross_valid_method               ? 
_refine.details                                  ? 
_refine.pdbx_starting_model                      'PDB ENTRY 1REY EXCEPT RESIDUE NAG 131' 
_refine.pdbx_method_to_determine_struct          'MOLECULAR REPLACEMENT' 
_refine.pdbx_isotropic_thermal_model             ? 
_refine.pdbx_stereochemistry_target_values       ? 
_refine.pdbx_stereochem_target_val_spec_case     ? 
_refine.pdbx_R_Free_selection_details            ? 
_refine.pdbx_overall_ESU_R                       ? 
_refine.pdbx_overall_ESU_R_Free                  ? 
_refine.overall_SU_ML                            ? 
_refine.overall_SU_B                             ? 
_refine.pdbx_refine_id                           'X-RAY DIFFRACTION' 
_refine.pdbx_diffrn_id                           1 
_refine.pdbx_TLS_residual_ADP_flag               ? 
_refine.correlation_coeff_Fo_to_Fc               ? 
_refine.correlation_coeff_Fo_to_Fc_free          ? 
_refine.pdbx_solvent_vdw_probe_radii             ? 
_refine.pdbx_solvent_ion_probe_radii             ? 
_refine.pdbx_solvent_shrinkage_radii             ? 
_refine.pdbx_overall_phase_error                 ? 
_refine.overall_SU_R_Cruickshank_DPI             ? 
_refine.pdbx_overall_SU_R_free_Cruickshank_DPI   ? 
_refine.pdbx_overall_SU_R_Blow_DPI               ? 
_refine.pdbx_overall_SU_R_free_Blow_DPI          ? 
# 
_refine_analyze.entry_id                        1REM 
_refine_analyze.Luzzati_coordinate_error_obs    0.25 
_refine_analyze.Luzzati_sigma_a_obs             ? 
_refine_analyze.Luzzati_d_res_low_obs           ? 
_refine_analyze.Luzzati_coordinate_error_free   ? 
_refine_analyze.Luzzati_sigma_a_free            ? 
_refine_analyze.Luzzati_d_res_low_free          ? 
_refine_analyze.number_disordered_residues      ? 
_refine_analyze.occupancy_sum_hydrogen          ? 
_refine_analyze.occupancy_sum_non_hydrogen      ? 
_refine_analyze.pdbx_refine_id                  'X-RAY DIFFRACTION' 
# 
_refine_hist.pdbx_refine_id                   'X-RAY DIFFRACTION' 
_refine_hist.cycle_id                         LAST 
_refine_hist.pdbx_number_atoms_protein        1029 
_refine_hist.pdbx_number_atoms_nucleic_acid   0 
_refine_hist.pdbx_number_atoms_ligand         34 
_refine_hist.number_atoms_solvent             88 
_refine_hist.number_atoms_total               1151 
_refine_hist.d_res_high                       2.1 
_refine_hist.d_res_low                        8.0 
# 
loop_
_refine_ls_restr.type 
_refine_ls_restr.dev_ideal 
_refine_ls_restr.dev_ideal_target 
_refine_ls_restr.weight 
_refine_ls_restr.number 
_refine_ls_restr.pdbx_refine_id 
_refine_ls_restr.pdbx_restraint_function 
x_bond_d                0.011 ? ? ? 'X-RAY DIFFRACTION' ? 
x_bond_d_na             ?     ? ? ? 'X-RAY DIFFRACTION' ? 
x_bond_d_prot           ?     ? ? ? 'X-RAY DIFFRACTION' ? 
x_angle_d               ?     ? ? ? 'X-RAY DIFFRACTION' ? 
x_angle_d_na            ?     ? ? ? 'X-RAY DIFFRACTION' ? 
x_angle_d_prot          ?     ? ? ? 'X-RAY DIFFRACTION' ? 
x_angle_deg             1.637 ? ? ? 'X-RAY DIFFRACTION' ? 
x_angle_deg_na          ?     ? ? ? 'X-RAY DIFFRACTION' ? 
x_angle_deg_prot        ?     ? ? ? 'X-RAY DIFFRACTION' ? 
x_dihedral_angle_d      24.22 ? ? ? 'X-RAY DIFFRACTION' ? 
x_dihedral_angle_d_na   ?     ? ? ? 'X-RAY DIFFRACTION' ? 
x_dihedral_angle_d_prot ?     ? ? ? 'X-RAY DIFFRACTION' ? 
x_improper_angle_d      1.428 ? ? ? 'X-RAY DIFFRACTION' ? 
x_improper_angle_d_na   ?     ? ? ? 'X-RAY DIFFRACTION' ? 
x_improper_angle_d_prot ?     ? ? ? 'X-RAY DIFFRACTION' ? 
x_mcbond_it             ?     ? ? ? 'X-RAY DIFFRACTION' ? 
x_mcangle_it            ?     ? ? ? 'X-RAY DIFFRACTION' ? 
x_scbond_it             ?     ? ? ? 'X-RAY DIFFRACTION' ? 
x_scangle_it            ?     ? ? ? 'X-RAY DIFFRACTION' ? 
# 
_struct.entry_id                  1REM 
_struct.title                     'HUMAN LYSOZYME WITH MAN-B1,4-GLCNAC COVALENTLY ATTACHED TO ASP53' 
_struct.pdbx_model_details        ? 
_struct.pdbx_CASP_flag            ? 
_struct.pdbx_model_type_details   ? 
# 
_struct_keywords.entry_id        1REM 
_struct_keywords.pdbx_keywords   HYDROLASE 
_struct_keywords.text            'LYSOZYME, MURAMIDASE, HYDROLASE (O-GLYCOSYL), MAN-B1, 4-GLCNAC, HYDROLASE' 
# 
loop_
_struct_asym.id 
_struct_asym.pdbx_blank_PDB_chainid_flag 
_struct_asym.pdbx_modified 
_struct_asym.entity_id 
_struct_asym.details 
A N N 1 ? 
B N N 2 ? 
C N N 3 ? 
D N N 4 ? 
E N N 5 ? 
# 
_struct_ref.id                         1 
_struct_ref.db_name                    UNP 
_struct_ref.db_code                    LYC_HUMAN 
_struct_ref.entity_id                  1 
_struct_ref.pdbx_db_accession          P00695 
_struct_ref.pdbx_align_begin           1 
_struct_ref.pdbx_seq_one_letter_code   
;MKALIVLGLVLLSVTVQGKVFERCELARTLKRLGMDGYRGISLANWMCLAKWESGYNTRATNYNAGDRSTDYGIFQINSR
YWCNDGKTPGAVNACHLSCSALLQDNIADAVACAKRVVRDPQGIRAWVAWRNRCQNRDVRQYVQGCGV
;
_struct_ref.pdbx_db_isoform            ? 
# 
_struct_ref_seq.align_id                      1 
_struct_ref_seq.ref_id                        1 
_struct_ref_seq.pdbx_PDB_id_code              1REM 
_struct_ref_seq.pdbx_strand_id                A 
_struct_ref_seq.seq_align_beg                 1 
_struct_ref_seq.pdbx_seq_align_beg_ins_code   ? 
_struct_ref_seq.seq_align_end                 130 
_struct_ref_seq.pdbx_seq_align_end_ins_code   ? 
_struct_ref_seq.pdbx_db_accession             P00695 
_struct_ref_seq.db_align_beg                  19 
_struct_ref_seq.pdbx_db_align_beg_ins_code    ? 
_struct_ref_seq.db_align_end                  148 
_struct_ref_seq.pdbx_db_align_end_ins_code    ? 
_struct_ref_seq.pdbx_auth_seq_align_beg       1 
_struct_ref_seq.pdbx_auth_seq_align_end       130 
# 
_pdbx_struct_assembly.id                   1 
_pdbx_struct_assembly.details              author_defined_assembly 
_pdbx_struct_assembly.method_details       ? 
_pdbx_struct_assembly.oligomeric_details   monomeric 
_pdbx_struct_assembly.oligomeric_count     1 
# 
_pdbx_struct_assembly_gen.assembly_id       1 
_pdbx_struct_assembly_gen.oper_expression   1 
_pdbx_struct_assembly_gen.asym_id_list      A,B,C,D,E 
# 
_pdbx_struct_oper_list.id                   1 
_pdbx_struct_oper_list.type                 'identity operation' 
_pdbx_struct_oper_list.name                 1_555 
_pdbx_struct_oper_list.symmetry_operation   x,y,z 
_pdbx_struct_oper_list.matrix[1][1]         1.0000000000 
_pdbx_struct_oper_list.matrix[1][2]         0.0000000000 
_pdbx_struct_oper_list.matrix[1][3]         0.0000000000 
_pdbx_struct_oper_list.vector[1]            0.0000000000 
_pdbx_struct_oper_list.matrix[2][1]         0.0000000000 
_pdbx_struct_oper_list.matrix[2][2]         1.0000000000 
_pdbx_struct_oper_list.matrix[2][3]         0.0000000000 
_pdbx_struct_oper_list.vector[2]            0.0000000000 
_pdbx_struct_oper_list.matrix[3][1]         0.0000000000 
_pdbx_struct_oper_list.matrix[3][2]         0.0000000000 
_pdbx_struct_oper_list.matrix[3][3]         1.0000000000 
_pdbx_struct_oper_list.vector[3]            0.0000000000 
# 
_struct_biol.id   1 
# 
loop_
_struct_conf.conf_type_id 
_struct_conf.id 
_struct_conf.pdbx_PDB_helix_id 
_struct_conf.beg_label_comp_id 
_struct_conf.beg_label_asym_id 
_struct_conf.beg_label_seq_id 
_struct_conf.pdbx_beg_PDB_ins_code 
_struct_conf.end_label_comp_id 
_struct_conf.end_label_asym_id 
_struct_conf.end_label_seq_id 
_struct_conf.pdbx_end_PDB_ins_code 
_struct_conf.beg_auth_comp_id 
_struct_conf.beg_auth_asym_id 
_struct_conf.beg_auth_seq_id 
_struct_conf.end_auth_comp_id 
_struct_conf.end_auth_asym_id 
_struct_conf.end_auth_seq_id 
_struct_conf.pdbx_PDB_helix_class 
_struct_conf.details 
_struct_conf.pdbx_PDB_helix_length 
HELX_P HELX_P1 1 ARG A 5   ? ARG A 14  ? ARG A 5   ARG A 14  1 ? 10 
HELX_P HELX_P2 2 TYR A 20  ? GLY A 22  ? TYR A 20  GLY A 22  5 ? 3  
HELX_P HELX_P3 3 LEU A 25  ? SER A 36  ? LEU A 25  SER A 36  1 ? 12 
HELX_P HELX_P4 4 CYS A 81  ? LEU A 85  ? CYS A 81  LEU A 85  5 ? 5  
HELX_P HELX_P5 5 ALA A 90  ? ARG A 101 ? ALA A 90  ARG A 101 1 ? 12 
HELX_P HELX_P6 6 GLY A 105 ? ALA A 108 ? GLY A 105 ALA A 108 5 ? 4  
HELX_P HELX_P7 7 VAL A 110 ? ARG A 115 ? VAL A 110 ARG A 115 1 ? 6  
HELX_P HELX_P8 8 ARG A 122 ? VAL A 125 ? ARG A 122 VAL A 125 1 ? 4  
# 
_struct_conf_type.id          HELX_P 
_struct_conf_type.criteria    ? 
_struct_conf_type.reference   ? 
# 
loop_
_struct_conn.id 
_struct_conn.conn_type_id 
_struct_conn.pdbx_leaving_atom_flag 
_struct_conn.pdbx_PDB_id 
_struct_conn.ptnr1_label_asym_id 
_struct_conn.ptnr1_label_comp_id 
_struct_conn.ptnr1_label_seq_id 
_struct_conn.ptnr1_label_atom_id 
_struct_conn.pdbx_ptnr1_label_alt_id 
_struct_conn.pdbx_ptnr1_PDB_ins_code 
_struct_conn.pdbx_ptnr1_standard_comp_id 
_struct_conn.ptnr1_symmetry 
_struct_conn.ptnr2_label_asym_id 
_struct_conn.ptnr2_label_comp_id 
_struct_conn.ptnr2_label_seq_id 
_struct_conn.ptnr2_label_atom_id 
_struct_conn.pdbx_ptnr2_label_alt_id 
_struct_conn.pdbx_ptnr2_PDB_ins_code 
_struct_conn.ptnr1_auth_asym_id 
_struct_conn.ptnr1_auth_comp_id 
_struct_conn.ptnr1_auth_seq_id 
_struct_conn.ptnr2_auth_asym_id 
_struct_conn.ptnr2_auth_comp_id 
_struct_conn.ptnr2_auth_seq_id 
_struct_conn.ptnr2_symmetry 
_struct_conn.pdbx_ptnr3_label_atom_id 
_struct_conn.pdbx_ptnr3_label_seq_id 
_struct_conn.pdbx_ptnr3_label_comp_id 
_struct_conn.pdbx_ptnr3_label_asym_id 
_struct_conn.pdbx_ptnr3_label_alt_id 
_struct_conn.pdbx_ptnr3_PDB_ins_code 
_struct_conn.details 
_struct_conn.pdbx_dist_value 
_struct_conn.pdbx_value_order 
_struct_conn.pdbx_role 
disulf1 disulf ?    ? A CYS 6  SG  ? ? ? 1_555 A CYS 128 SG ? ? A CYS 6   A CYS 128 1_555 ? ? ? ? ? ? ? 2.035 ? ? 
disulf2 disulf ?    ? A CYS 30 SG  ? ? ? 1_555 A CYS 116 SG ? ? A CYS 30  A CYS 116 1_555 ? ? ? ? ? ? ? 2.027 ? ? 
disulf3 disulf ?    ? A CYS 65 SG  ? ? ? 1_555 A CYS 81  SG ? ? A CYS 65  A CYS 81  1_555 ? ? ? ? ? ? ? 2.020 ? ? 
disulf4 disulf ?    ? A CYS 77 SG  ? ? ? 1_555 A CYS 95  SG ? ? A CYS 77  A CYS 95  1_555 ? ? ? ? ? ? ? 2.042 ? ? 
covale1 covale none ? A ASP 53 OD2 ? ? ? 1_555 D PGR .   C3 ? ? A ASP 53  A PGR 134 1_555 ? ? ? ? ? ? ? 1.489 ? ? 
covale2 covale one  ? D PGR .  O1  ? ? ? 1_555 B NAG .   C1 ? ? A PGR 134 B NAG 1   1_555 ? ? ? ? ? ? ? 1.378 ? ? 
covale3 covale both ? B NAG .  O4  ? ? ? 1_555 B BMA .   C1 ? ? B NAG 1   B BMA 2   1_555 ? ? ? ? ? ? ? 1.382 ? ? 
# 
loop_
_struct_conn_type.id 
_struct_conn_type.criteria 
_struct_conn_type.reference 
disulf ? ? 
covale ? ? 
# 
loop_
_pdbx_modification_feature.ordinal 
_pdbx_modification_feature.label_comp_id 
_pdbx_modification_feature.label_asym_id 
_pdbx_modification_feature.label_seq_id 
_pdbx_modification_feature.label_alt_id 
_pdbx_modification_feature.modified_residue_label_comp_id 
_pdbx_modification_feature.modified_residue_label_asym_id 
_pdbx_modification_feature.modified_residue_label_seq_id 
_pdbx_modification_feature.modified_residue_label_alt_id 
_pdbx_modification_feature.auth_comp_id 
_pdbx_modification_feature.auth_asym_id 
_pdbx_modification_feature.auth_seq_id 
_pdbx_modification_feature.PDB_ins_code 
_pdbx_modification_feature.symmetry 
_pdbx_modification_feature.modified_residue_auth_comp_id 
_pdbx_modification_feature.modified_residue_auth_asym_id 
_pdbx_modification_feature.modified_residue_auth_seq_id 
_pdbx_modification_feature.modified_residue_PDB_ins_code 
_pdbx_modification_feature.modified_residue_symmetry 
_pdbx_modification_feature.comp_id_linking_atom 
_pdbx_modification_feature.modified_residue_id_linking_atom 
_pdbx_modification_feature.modified_residue_id 
_pdbx_modification_feature.ref_pcm_id 
_pdbx_modification_feature.ref_comp_id 
_pdbx_modification_feature.type 
_pdbx_modification_feature.category 
1 PGR D .  ? ASP A 53  ? PGR A 134 ? 1_555 ASP A 53  ? 1_555 C3 OD2 ASP 1 PGR None 'Covalent chemical modification' 
2 CYS A 6  ? CYS A 128 ? CYS A 6   ? 1_555 CYS A 128 ? 1_555 SG SG  .   . .   None 'Disulfide bridge'               
3 CYS A 30 ? CYS A 116 ? CYS A 30  ? 1_555 CYS A 116 ? 1_555 SG SG  .   . .   None 'Disulfide bridge'               
4 CYS A 65 ? CYS A 81  ? CYS A 65  ? 1_555 CYS A 81  ? 1_555 SG SG  .   . .   None 'Disulfide bridge'               
5 CYS A 77 ? CYS A 95  ? CYS A 77  ? 1_555 CYS A 95  ? 1_555 SG SG  .   . .   None 'Disulfide bridge'               
# 
_struct_sheet.id               A 
_struct_sheet.type             ? 
_struct_sheet.number_strands   2 
_struct_sheet.details          ? 
# 
_struct_sheet_order.sheet_id     A 
_struct_sheet_order.range_id_1   1 
_struct_sheet_order.range_id_2   2 
_struct_sheet_order.offset       ? 
_struct_sheet_order.sense        anti-parallel 
# 
loop_
_struct_sheet_range.sheet_id 
_struct_sheet_range.id 
_struct_sheet_range.beg_label_comp_id 
_struct_sheet_range.beg_label_asym_id 
_struct_sheet_range.beg_label_seq_id 
_struct_sheet_range.pdbx_beg_PDB_ins_code 
_struct_sheet_range.end_label_comp_id 
_struct_sheet_range.end_label_asym_id 
_struct_sheet_range.end_label_seq_id 
_struct_sheet_range.pdbx_end_PDB_ins_code 
_struct_sheet_range.beg_auth_comp_id 
_struct_sheet_range.beg_auth_asym_id 
_struct_sheet_range.beg_auth_seq_id 
_struct_sheet_range.end_auth_comp_id 
_struct_sheet_range.end_auth_asym_id 
_struct_sheet_range.end_auth_seq_id 
A 1 THR A 43 ? ASN A 46 ? THR A 43 ASN A 46 
A 2 SER A 51 ? TYR A 54 ? SER A 51 TYR A 54 
# 
_pdbx_struct_sheet_hbond.sheet_id                A 
_pdbx_struct_sheet_hbond.range_id_1              1 
_pdbx_struct_sheet_hbond.range_id_2              2 
_pdbx_struct_sheet_hbond.range_1_label_atom_id   O 
_pdbx_struct_sheet_hbond.range_1_label_comp_id   ASN 
_pdbx_struct_sheet_hbond.range_1_label_asym_id   A 
_pdbx_struct_sheet_hbond.range_1_label_seq_id    44 
_pdbx_struct_sheet_hbond.range_1_PDB_ins_code    ? 
_pdbx_struct_sheet_hbond.range_1_auth_atom_id    O 
_pdbx_struct_sheet_hbond.range_1_auth_comp_id    ASN 
_pdbx_struct_sheet_hbond.range_1_auth_asym_id    A 
_pdbx_struct_sheet_hbond.range_1_auth_seq_id     44 
_pdbx_struct_sheet_hbond.range_2_label_atom_id   N 
_pdbx_struct_sheet_hbond.range_2_label_comp_id   ASP 
_pdbx_struct_sheet_hbond.range_2_label_asym_id   A 
_pdbx_struct_sheet_hbond.range_2_label_seq_id    53 
_pdbx_struct_sheet_hbond.range_2_PDB_ins_code    ? 
_pdbx_struct_sheet_hbond.range_2_auth_atom_id    N 
_pdbx_struct_sheet_hbond.range_2_auth_comp_id    ASP 
_pdbx_struct_sheet_hbond.range_2_auth_asym_id    A 
_pdbx_struct_sheet_hbond.range_2_auth_seq_id     53 
# 
_pdbx_entry_details.entry_id                   1REM 
_pdbx_entry_details.compound_details           ? 
_pdbx_entry_details.source_details             ? 
_pdbx_entry_details.nonpolymer_details         ? 
_pdbx_entry_details.sequence_details           ? 
_pdbx_entry_details.has_ligand_of_interest     ? 
_pdbx_entry_details.has_protein_modification   Y 
# 
_pdbx_validate_rmsd_angle.id                         1 
_pdbx_validate_rmsd_angle.PDB_model_num              1 
_pdbx_validate_rmsd_angle.auth_atom_id_1             CA 
_pdbx_validate_rmsd_angle.auth_asym_id_1             A 
_pdbx_validate_rmsd_angle.auth_comp_id_1             LEU 
_pdbx_validate_rmsd_angle.auth_seq_id_1              31 
_pdbx_validate_rmsd_angle.PDB_ins_code_1             ? 
_pdbx_validate_rmsd_angle.label_alt_id_1             ? 
_pdbx_validate_rmsd_angle.auth_atom_id_2             CB 
_pdbx_validate_rmsd_angle.auth_asym_id_2             A 
_pdbx_validate_rmsd_angle.auth_comp_id_2             LEU 
_pdbx_validate_rmsd_angle.auth_seq_id_2              31 
_pdbx_validate_rmsd_angle.PDB_ins_code_2             ? 
_pdbx_validate_rmsd_angle.label_alt_id_2             ? 
_pdbx_validate_rmsd_angle.auth_atom_id_3             CG 
_pdbx_validate_rmsd_angle.auth_asym_id_3             A 
_pdbx_validate_rmsd_angle.auth_comp_id_3             LEU 
_pdbx_validate_rmsd_angle.auth_seq_id_3              31 
_pdbx_validate_rmsd_angle.PDB_ins_code_3             ? 
_pdbx_validate_rmsd_angle.label_alt_id_3             ? 
_pdbx_validate_rmsd_angle.angle_value                131.04 
_pdbx_validate_rmsd_angle.angle_target_value         115.30 
_pdbx_validate_rmsd_angle.angle_deviation            15.74 
_pdbx_validate_rmsd_angle.angle_standard_deviation   2.30 
_pdbx_validate_rmsd_angle.linker_flag                N 
# 
_pdbx_validate_torsion.id              1 
_pdbx_validate_torsion.PDB_model_num   1 
_pdbx_validate_torsion.auth_comp_id    LYS 
_pdbx_validate_torsion.auth_asym_id    A 
_pdbx_validate_torsion.auth_seq_id     69 
_pdbx_validate_torsion.PDB_ins_code    ? 
_pdbx_validate_torsion.label_alt_id    ? 
_pdbx_validate_torsion.phi             -154.77 
_pdbx_validate_torsion.psi             25.61 
# 
loop_
_chem_comp_atom.comp_id 
_chem_comp_atom.atom_id 
_chem_comp_atom.type_symbol 
_chem_comp_atom.pdbx_aromatic_flag 
_chem_comp_atom.pdbx_stereo_config 
_chem_comp_atom.pdbx_ordinal 
ALA N    N N N 1   
ALA CA   C N S 2   
ALA C    C N N 3   
ALA O    O N N 4   
ALA CB   C N N 5   
ALA OXT  O N N 6   
ALA H    H N N 7   
ALA H2   H N N 8   
ALA HA   H N N 9   
ALA HB1  H N N 10  
ALA HB2  H N N 11  
ALA HB3  H N N 12  
ALA HXT  H N N 13  
ARG N    N N N 14  
ARG CA   C N S 15  
ARG C    C N N 16  
ARG O    O N N 17  
ARG CB   C N N 18  
ARG CG   C N N 19  
ARG CD   C N N 20  
ARG NE   N N N 21  
ARG CZ   C N N 22  
ARG NH1  N N N 23  
ARG NH2  N N N 24  
ARG OXT  O N N 25  
ARG H    H N N 26  
ARG H2   H N N 27  
ARG HA   H N N 28  
ARG HB2  H N N 29  
ARG HB3  H N N 30  
ARG HG2  H N N 31  
ARG HG3  H N N 32  
ARG HD2  H N N 33  
ARG HD3  H N N 34  
ARG HE   H N N 35  
ARG HH11 H N N 36  
ARG HH12 H N N 37  
ARG HH21 H N N 38  
ARG HH22 H N N 39  
ARG HXT  H N N 40  
ASN N    N N N 41  
ASN CA   C N S 42  
ASN C    C N N 43  
ASN O    O N N 44  
ASN CB   C N N 45  
ASN CG   C N N 46  
ASN OD1  O N N 47  
ASN ND2  N N N 48  
ASN OXT  O N N 49  
ASN H    H N N 50  
ASN H2   H N N 51  
ASN HA   H N N 52  
ASN HB2  H N N 53  
ASN HB3  H N N 54  
ASN HD21 H N N 55  
ASN HD22 H N N 56  
ASN HXT  H N N 57  
ASP N    N N N 58  
ASP CA   C N S 59  
ASP C    C N N 60  
ASP O    O N N 61  
ASP CB   C N N 62  
ASP CG   C N N 63  
ASP OD1  O N N 64  
ASP OD2  O N N 65  
ASP OXT  O N N 66  
ASP H    H N N 67  
ASP H2   H N N 68  
ASP HA   H N N 69  
ASP HB2  H N N 70  
ASP HB3  H N N 71  
ASP HD2  H N N 72  
ASP HXT  H N N 73  
BMA C1   C N R 74  
BMA C2   C N S 75  
BMA C3   C N S 76  
BMA C4   C N S 77  
BMA C5   C N R 78  
BMA C6   C N N 79  
BMA O1   O N N 80  
BMA O2   O N N 81  
BMA O3   O N N 82  
BMA O4   O N N 83  
BMA O5   O N N 84  
BMA O6   O N N 85  
BMA H1   H N N 86  
BMA H2   H N N 87  
BMA H3   H N N 88  
BMA H4   H N N 89  
BMA H5   H N N 90  
BMA H61  H N N 91  
BMA H62  H N N 92  
BMA HO1  H N N 93  
BMA HO2  H N N 94  
BMA HO3  H N N 95  
BMA HO4  H N N 96  
BMA HO6  H N N 97  
CYS N    N N N 98  
CYS CA   C N R 99  
CYS C    C N N 100 
CYS O    O N N 101 
CYS CB   C N N 102 
CYS SG   S N N 103 
CYS OXT  O N N 104 
CYS H    H N N 105 
CYS H2   H N N 106 
CYS HA   H N N 107 
CYS HB2  H N N 108 
CYS HB3  H N N 109 
CYS HG   H N N 110 
CYS HXT  H N N 111 
GLN N    N N N 112 
GLN CA   C N S 113 
GLN C    C N N 114 
GLN O    O N N 115 
GLN CB   C N N 116 
GLN CG   C N N 117 
GLN CD   C N N 118 
GLN OE1  O N N 119 
GLN NE2  N N N 120 
GLN OXT  O N N 121 
GLN H    H N N 122 
GLN H2   H N N 123 
GLN HA   H N N 124 
GLN HB2  H N N 125 
GLN HB3  H N N 126 
GLN HG2  H N N 127 
GLN HG3  H N N 128 
GLN HE21 H N N 129 
GLN HE22 H N N 130 
GLN HXT  H N N 131 
GLU N    N N N 132 
GLU CA   C N S 133 
GLU C    C N N 134 
GLU O    O N N 135 
GLU CB   C N N 136 
GLU CG   C N N 137 
GLU CD   C N N 138 
GLU OE1  O N N 139 
GLU OE2  O N N 140 
GLU OXT  O N N 141 
GLU H    H N N 142 
GLU H2   H N N 143 
GLU HA   H N N 144 
GLU HB2  H N N 145 
GLU HB3  H N N 146 
GLU HG2  H N N 147 
GLU HG3  H N N 148 
GLU HE2  H N N 149 
GLU HXT  H N N 150 
GLY N    N N N 151 
GLY CA   C N N 152 
GLY C    C N N 153 
GLY O    O N N 154 
GLY OXT  O N N 155 
GLY H    H N N 156 
GLY H2   H N N 157 
GLY HA2  H N N 158 
GLY HA3  H N N 159 
GLY HXT  H N N 160 
HIS N    N N N 161 
HIS CA   C N S 162 
HIS C    C N N 163 
HIS O    O N N 164 
HIS CB   C N N 165 
HIS CG   C Y N 166 
HIS ND1  N Y N 167 
HIS CD2  C Y N 168 
HIS CE1  C Y N 169 
HIS NE2  N Y N 170 
HIS OXT  O N N 171 
HIS H    H N N 172 
HIS H2   H N N 173 
HIS HA   H N N 174 
HIS HB2  H N N 175 
HIS HB3  H N N 176 
HIS HD1  H N N 177 
HIS HD2  H N N 178 
HIS HE1  H N N 179 
HIS HE2  H N N 180 
HIS HXT  H N N 181 
HOH O    O N N 182 
HOH H1   H N N 183 
HOH H2   H N N 184 
ILE N    N N N 185 
ILE CA   C N S 186 
ILE C    C N N 187 
ILE O    O N N 188 
ILE CB   C N S 189 
ILE CG1  C N N 190 
ILE CG2  C N N 191 
ILE CD1  C N N 192 
ILE OXT  O N N 193 
ILE H    H N N 194 
ILE H2   H N N 195 
ILE HA   H N N 196 
ILE HB   H N N 197 
ILE HG12 H N N 198 
ILE HG13 H N N 199 
ILE HG21 H N N 200 
ILE HG22 H N N 201 
ILE HG23 H N N 202 
ILE HD11 H N N 203 
ILE HD12 H N N 204 
ILE HD13 H N N 205 
ILE HXT  H N N 206 
LEU N    N N N 207 
LEU CA   C N S 208 
LEU C    C N N 209 
LEU O    O N N 210 
LEU CB   C N N 211 
LEU CG   C N N 212 
LEU CD1  C N N 213 
LEU CD2  C N N 214 
LEU OXT  O N N 215 
LEU H    H N N 216 
LEU H2   H N N 217 
LEU HA   H N N 218 
LEU HB2  H N N 219 
LEU HB3  H N N 220 
LEU HG   H N N 221 
LEU HD11 H N N 222 
LEU HD12 H N N 223 
LEU HD13 H N N 224 
LEU HD21 H N N 225 
LEU HD22 H N N 226 
LEU HD23 H N N 227 
LEU HXT  H N N 228 
LYS N    N N N 229 
LYS CA   C N S 230 
LYS C    C N N 231 
LYS O    O N N 232 
LYS CB   C N N 233 
LYS CG   C N N 234 
LYS CD   C N N 235 
LYS CE   C N N 236 
LYS NZ   N N N 237 
LYS OXT  O N N 238 
LYS H    H N N 239 
LYS H2   H N N 240 
LYS HA   H N N 241 
LYS HB2  H N N 242 
LYS HB3  H N N 243 
LYS HG2  H N N 244 
LYS HG3  H N N 245 
LYS HD2  H N N 246 
LYS HD3  H N N 247 
LYS HE2  H N N 248 
LYS HE3  H N N 249 
LYS HZ1  H N N 250 
LYS HZ2  H N N 251 
LYS HZ3  H N N 252 
LYS HXT  H N N 253 
MET N    N N N 254 
MET CA   C N S 255 
MET C    C N N 256 
MET O    O N N 257 
MET CB   C N N 258 
MET CG   C N N 259 
MET SD   S N N 260 
MET CE   C N N 261 
MET OXT  O N N 262 
MET H    H N N 263 
MET H2   H N N 264 
MET HA   H N N 265 
MET HB2  H N N 266 
MET HB3  H N N 267 
MET HG2  H N N 268 
MET HG3  H N N 269 
MET HE1  H N N 270 
MET HE2  H N N 271 
MET HE3  H N N 272 
MET HXT  H N N 273 
NAG C1   C N R 274 
NAG C2   C N R 275 
NAG C3   C N R 276 
NAG C4   C N S 277 
NAG C5   C N R 278 
NAG C6   C N N 279 
NAG C7   C N N 280 
NAG C8   C N N 281 
NAG N2   N N N 282 
NAG O1   O N N 283 
NAG O3   O N N 284 
NAG O4   O N N 285 
NAG O5   O N N 286 
NAG O6   O N N 287 
NAG O7   O N N 288 
NAG H1   H N N 289 
NAG H2   H N N 290 
NAG H3   H N N 291 
NAG H4   H N N 292 
NAG H5   H N N 293 
NAG H61  H N N 294 
NAG H62  H N N 295 
NAG H81  H N N 296 
NAG H82  H N N 297 
NAG H83  H N N 298 
NAG HN2  H N N 299 
NAG HO1  H N N 300 
NAG HO3  H N N 301 
NAG HO4  H N N 302 
NAG HO6  H N N 303 
NO3 N    N N N 304 
NO3 O1   O N N 305 
NO3 O2   O N N 306 
NO3 O3   O N N 307 
PGR C1   C N N 308 
PGR C2   C N R 309 
PGR C3   C N N 310 
PGR O1   O N N 311 
PGR O2   O N N 312 
PGR H11  H N N 313 
PGR H12  H N N 314 
PGR H2   H N N 315 
PGR H31  H N N 316 
PGR H32  H N N 317 
PGR H33  H N N 318 
PGR HO1  H N N 319 
PGR HO2  H N N 320 
PHE N    N N N 321 
PHE CA   C N S 322 
PHE C    C N N 323 
PHE O    O N N 324 
PHE CB   C N N 325 
PHE CG   C Y N 326 
PHE CD1  C Y N 327 
PHE CD2  C Y N 328 
PHE CE1  C Y N 329 
PHE CE2  C Y N 330 
PHE CZ   C Y N 331 
PHE OXT  O N N 332 
PHE H    H N N 333 
PHE H2   H N N 334 
PHE HA   H N N 335 
PHE HB2  H N N 336 
PHE HB3  H N N 337 
PHE HD1  H N N 338 
PHE HD2  H N N 339 
PHE HE1  H N N 340 
PHE HE2  H N N 341 
PHE HZ   H N N 342 
PHE HXT  H N N 343 
PRO N    N N N 344 
PRO CA   C N S 345 
PRO C    C N N 346 
PRO O    O N N 347 
PRO CB   C N N 348 
PRO CG   C N N 349 
PRO CD   C N N 350 
PRO OXT  O N N 351 
PRO H    H N N 352 
PRO HA   H N N 353 
PRO HB2  H N N 354 
PRO HB3  H N N 355 
PRO HG2  H N N 356 
PRO HG3  H N N 357 
PRO HD2  H N N 358 
PRO HD3  H N N 359 
PRO HXT  H N N 360 
SER N    N N N 361 
SER CA   C N S 362 
SER C    C N N 363 
SER O    O N N 364 
SER CB   C N N 365 
SER OG   O N N 366 
SER OXT  O N N 367 
SER H    H N N 368 
SER H2   H N N 369 
SER HA   H N N 370 
SER HB2  H N N 371 
SER HB3  H N N 372 
SER HG   H N N 373 
SER HXT  H N N 374 
THR N    N N N 375 
THR CA   C N S 376 
THR C    C N N 377 
THR O    O N N 378 
THR CB   C N R 379 
THR OG1  O N N 380 
THR CG2  C N N 381 
THR OXT  O N N 382 
THR H    H N N 383 
THR H2   H N N 384 
THR HA   H N N 385 
THR HB   H N N 386 
THR HG1  H N N 387 
THR HG21 H N N 388 
THR HG22 H N N 389 
THR HG23 H N N 390 
THR HXT  H N N 391 
TRP N    N N N 392 
TRP CA   C N S 393 
TRP C    C N N 394 
TRP O    O N N 395 
TRP CB   C N N 396 
TRP CG   C Y N 397 
TRP CD1  C Y N 398 
TRP CD2  C Y N 399 
TRP NE1  N Y N 400 
TRP CE2  C Y N 401 
TRP CE3  C Y N 402 
TRP CZ2  C Y N 403 
TRP CZ3  C Y N 404 
TRP CH2  C Y N 405 
TRP OXT  O N N 406 
TRP H    H N N 407 
TRP H2   H N N 408 
TRP HA   H N N 409 
TRP HB2  H N N 410 
TRP HB3  H N N 411 
TRP HD1  H N N 412 
TRP HE1  H N N 413 
TRP HE3  H N N 414 
TRP HZ2  H N N 415 
TRP HZ3  H N N 416 
TRP HH2  H N N 417 
TRP HXT  H N N 418 
TYR N    N N N 419 
TYR CA   C N S 420 
TYR C    C N N 421 
TYR O    O N N 422 
TYR CB   C N N 423 
TYR CG   C Y N 424 
TYR CD1  C Y N 425 
TYR CD2  C Y N 426 
TYR CE1  C Y N 427 
TYR CE2  C Y N 428 
TYR CZ   C Y N 429 
TYR OH   O N N 430 
TYR OXT  O N N 431 
TYR H    H N N 432 
TYR H2   H N N 433 
TYR HA   H N N 434 
TYR HB2  H N N 435 
TYR HB3  H N N 436 
TYR HD1  H N N 437 
TYR HD2  H N N 438 
TYR HE1  H N N 439 
TYR HE2  H N N 440 
TYR HH   H N N 441 
TYR HXT  H N N 442 
VAL N    N N N 443 
VAL CA   C N S 444 
VAL C    C N N 445 
VAL O    O N N 446 
VAL CB   C N N 447 
VAL CG1  C N N 448 
VAL CG2  C N N 449 
VAL OXT  O N N 450 
VAL H    H N N 451 
VAL H2   H N N 452 
VAL HA   H N N 453 
VAL HB   H N N 454 
VAL HG11 H N N 455 
VAL HG12 H N N 456 
VAL HG13 H N N 457 
VAL HG21 H N N 458 
VAL HG22 H N N 459 
VAL HG23 H N N 460 
VAL HXT  H N N 461 
# 
loop_
_chem_comp_bond.comp_id 
_chem_comp_bond.atom_id_1 
_chem_comp_bond.atom_id_2 
_chem_comp_bond.value_order 
_chem_comp_bond.pdbx_aromatic_flag 
_chem_comp_bond.pdbx_stereo_config 
_chem_comp_bond.pdbx_ordinal 
ALA N   CA   sing N N 1   
ALA N   H    sing N N 2   
ALA N   H2   sing N N 3   
ALA CA  C    sing N N 4   
ALA CA  CB   sing N N 5   
ALA CA  HA   sing N N 6   
ALA C   O    doub N N 7   
ALA C   OXT  sing N N 8   
ALA CB  HB1  sing N N 9   
ALA CB  HB2  sing N N 10  
ALA CB  HB3  sing N N 11  
ALA OXT HXT  sing N N 12  
ARG N   CA   sing N N 13  
ARG N   H    sing N N 14  
ARG N   H2   sing N N 15  
ARG CA  C    sing N N 16  
ARG CA  CB   sing N N 17  
ARG CA  HA   sing N N 18  
ARG C   O    doub N N 19  
ARG C   OXT  sing N N 20  
ARG CB  CG   sing N N 21  
ARG CB  HB2  sing N N 22  
ARG CB  HB3  sing N N 23  
ARG CG  CD   sing N N 24  
ARG CG  HG2  sing N N 25  
ARG CG  HG3  sing N N 26  
ARG CD  NE   sing N N 27  
ARG CD  HD2  sing N N 28  
ARG CD  HD3  sing N N 29  
ARG NE  CZ   sing N N 30  
ARG NE  HE   sing N N 31  
ARG CZ  NH1  sing N N 32  
ARG CZ  NH2  doub N N 33  
ARG NH1 HH11 sing N N 34  
ARG NH1 HH12 sing N N 35  
ARG NH2 HH21 sing N N 36  
ARG NH2 HH22 sing N N 37  
ARG OXT HXT  sing N N 38  
ASN N   CA   sing N N 39  
ASN N   H    sing N N 40  
ASN N   H2   sing N N 41  
ASN CA  C    sing N N 42  
ASN CA  CB   sing N N 43  
ASN CA  HA   sing N N 44  
ASN C   O    doub N N 45  
ASN C   OXT  sing N N 46  
ASN CB  CG   sing N N 47  
ASN CB  HB2  sing N N 48  
ASN CB  HB3  sing N N 49  
ASN CG  OD1  doub N N 50  
ASN CG  ND2  sing N N 51  
ASN ND2 HD21 sing N N 52  
ASN ND2 HD22 sing N N 53  
ASN OXT HXT  sing N N 54  
ASP N   CA   sing N N 55  
ASP N   H    sing N N 56  
ASP N   H2   sing N N 57  
ASP CA  C    sing N N 58  
ASP CA  CB   sing N N 59  
ASP CA  HA   sing N N 60  
ASP C   O    doub N N 61  
ASP C   OXT  sing N N 62  
ASP CB  CG   sing N N 63  
ASP CB  HB2  sing N N 64  
ASP CB  HB3  sing N N 65  
ASP CG  OD1  doub N N 66  
ASP CG  OD2  sing N N 67  
ASP OD2 HD2  sing N N 68  
ASP OXT HXT  sing N N 69  
BMA C1  C2   sing N N 70  
BMA C1  O1   sing N N 71  
BMA C1  O5   sing N N 72  
BMA C1  H1   sing N N 73  
BMA C2  C3   sing N N 74  
BMA C2  O2   sing N N 75  
BMA C2  H2   sing N N 76  
BMA C3  C4   sing N N 77  
BMA C3  O3   sing N N 78  
BMA C3  H3   sing N N 79  
BMA C4  C5   sing N N 80  
BMA C4  O4   sing N N 81  
BMA C4  H4   sing N N 82  
BMA C5  C6   sing N N 83  
BMA C5  O5   sing N N 84  
BMA C5  H5   sing N N 85  
BMA C6  O6   sing N N 86  
BMA C6  H61  sing N N 87  
BMA C6  H62  sing N N 88  
BMA O1  HO1  sing N N 89  
BMA O2  HO2  sing N N 90  
BMA O3  HO3  sing N N 91  
BMA O4  HO4  sing N N 92  
BMA O6  HO6  sing N N 93  
CYS N   CA   sing N N 94  
CYS N   H    sing N N 95  
CYS N   H2   sing N N 96  
CYS CA  C    sing N N 97  
CYS CA  CB   sing N N 98  
CYS CA  HA   sing N N 99  
CYS C   O    doub N N 100 
CYS C   OXT  sing N N 101 
CYS CB  SG   sing N N 102 
CYS CB  HB2  sing N N 103 
CYS CB  HB3  sing N N 104 
CYS SG  HG   sing N N 105 
CYS OXT HXT  sing N N 106 
GLN N   CA   sing N N 107 
GLN N   H    sing N N 108 
GLN N   H2   sing N N 109 
GLN CA  C    sing N N 110 
GLN CA  CB   sing N N 111 
GLN CA  HA   sing N N 112 
GLN C   O    doub N N 113 
GLN C   OXT  sing N N 114 
GLN CB  CG   sing N N 115 
GLN CB  HB2  sing N N 116 
GLN CB  HB3  sing N N 117 
GLN CG  CD   sing N N 118 
GLN CG  HG2  sing N N 119 
GLN CG  HG3  sing N N 120 
GLN CD  OE1  doub N N 121 
GLN CD  NE2  sing N N 122 
GLN NE2 HE21 sing N N 123 
GLN NE2 HE22 sing N N 124 
GLN OXT HXT  sing N N 125 
GLU N   CA   sing N N 126 
GLU N   H    sing N N 127 
GLU N   H2   sing N N 128 
GLU CA  C    sing N N 129 
GLU CA  CB   sing N N 130 
GLU CA  HA   sing N N 131 
GLU C   O    doub N N 132 
GLU C   OXT  sing N N 133 
GLU CB  CG   sing N N 134 
GLU CB  HB2  sing N N 135 
GLU CB  HB3  sing N N 136 
GLU CG  CD   sing N N 137 
GLU CG  HG2  sing N N 138 
GLU CG  HG3  sing N N 139 
GLU CD  OE1  doub N N 140 
GLU CD  OE2  sing N N 141 
GLU OE2 HE2  sing N N 142 
GLU OXT HXT  sing N N 143 
GLY N   CA   sing N N 144 
GLY N   H    sing N N 145 
GLY N   H2   sing N N 146 
GLY CA  C    sing N N 147 
GLY CA  HA2  sing N N 148 
GLY CA  HA3  sing N N 149 
GLY C   O    doub N N 150 
GLY C   OXT  sing N N 151 
GLY OXT HXT  sing N N 152 
HIS N   CA   sing N N 153 
HIS N   H    sing N N 154 
HIS N   H2   sing N N 155 
HIS CA  C    sing N N 156 
HIS CA  CB   sing N N 157 
HIS CA  HA   sing N N 158 
HIS C   O    doub N N 159 
HIS C   OXT  sing N N 160 
HIS CB  CG   sing N N 161 
HIS CB  HB2  sing N N 162 
HIS CB  HB3  sing N N 163 
HIS CG  ND1  sing Y N 164 
HIS CG  CD2  doub Y N 165 
HIS ND1 CE1  doub Y N 166 
HIS ND1 HD1  sing N N 167 
HIS CD2 NE2  sing Y N 168 
HIS CD2 HD2  sing N N 169 
HIS CE1 NE2  sing Y N 170 
HIS CE1 HE1  sing N N 171 
HIS NE2 HE2  sing N N 172 
HIS OXT HXT  sing N N 173 
HOH O   H1   sing N N 174 
HOH O   H2   sing N N 175 
ILE N   CA   sing N N 176 
ILE N   H    sing N N 177 
ILE N   H2   sing N N 178 
ILE CA  C    sing N N 179 
ILE CA  CB   sing N N 180 
ILE CA  HA   sing N N 181 
ILE C   O    doub N N 182 
ILE C   OXT  sing N N 183 
ILE CB  CG1  sing N N 184 
ILE CB  CG2  sing N N 185 
ILE CB  HB   sing N N 186 
ILE CG1 CD1  sing N N 187 
ILE CG1 HG12 sing N N 188 
ILE CG1 HG13 sing N N 189 
ILE CG2 HG21 sing N N 190 
ILE CG2 HG22 sing N N 191 
ILE CG2 HG23 sing N N 192 
ILE CD1 HD11 sing N N 193 
ILE CD1 HD12 sing N N 194 
ILE CD1 HD13 sing N N 195 
ILE OXT HXT  sing N N 196 
LEU N   CA   sing N N 197 
LEU N   H    sing N N 198 
LEU N   H2   sing N N 199 
LEU CA  C    sing N N 200 
LEU CA  CB   sing N N 201 
LEU CA  HA   sing N N 202 
LEU C   O    doub N N 203 
LEU C   OXT  sing N N 204 
LEU CB  CG   sing N N 205 
LEU CB  HB2  sing N N 206 
LEU CB  HB3  sing N N 207 
LEU CG  CD1  sing N N 208 
LEU CG  CD2  sing N N 209 
LEU CG  HG   sing N N 210 
LEU CD1 HD11 sing N N 211 
LEU CD1 HD12 sing N N 212 
LEU CD1 HD13 sing N N 213 
LEU CD2 HD21 sing N N 214 
LEU CD2 HD22 sing N N 215 
LEU CD2 HD23 sing N N 216 
LEU OXT HXT  sing N N 217 
LYS N   CA   sing N N 218 
LYS N   H    sing N N 219 
LYS N   H2   sing N N 220 
LYS CA  C    sing N N 221 
LYS CA  CB   sing N N 222 
LYS CA  HA   sing N N 223 
LYS C   O    doub N N 224 
LYS C   OXT  sing N N 225 
LYS CB  CG   sing N N 226 
LYS CB  HB2  sing N N 227 
LYS CB  HB3  sing N N 228 
LYS CG  CD   sing N N 229 
LYS CG  HG2  sing N N 230 
LYS CG  HG3  sing N N 231 
LYS CD  CE   sing N N 232 
LYS CD  HD2  sing N N 233 
LYS CD  HD3  sing N N 234 
LYS CE  NZ   sing N N 235 
LYS CE  HE2  sing N N 236 
LYS CE  HE3  sing N N 237 
LYS NZ  HZ1  sing N N 238 
LYS NZ  HZ2  sing N N 239 
LYS NZ  HZ3  sing N N 240 
LYS OXT HXT  sing N N 241 
MET N   CA   sing N N 242 
MET N   H    sing N N 243 
MET N   H2   sing N N 244 
MET CA  C    sing N N 245 
MET CA  CB   sing N N 246 
MET CA  HA   sing N N 247 
MET C   O    doub N N 248 
MET C   OXT  sing N N 249 
MET CB  CG   sing N N 250 
MET CB  HB2  sing N N 251 
MET CB  HB3  sing N N 252 
MET CG  SD   sing N N 253 
MET CG  HG2  sing N N 254 
MET CG  HG3  sing N N 255 
MET SD  CE   sing N N 256 
MET CE  HE1  sing N N 257 
MET CE  HE2  sing N N 258 
MET CE  HE3  sing N N 259 
MET OXT HXT  sing N N 260 
NAG C1  C2   sing N N 261 
NAG C1  O1   sing N N 262 
NAG C1  O5   sing N N 263 
NAG C1  H1   sing N N 264 
NAG C2  C3   sing N N 265 
NAG C2  N2   sing N N 266 
NAG C2  H2   sing N N 267 
NAG C3  C4   sing N N 268 
NAG C3  O3   sing N N 269 
NAG C3  H3   sing N N 270 
NAG C4  C5   sing N N 271 
NAG C4  O4   sing N N 272 
NAG C4  H4   sing N N 273 
NAG C5  C6   sing N N 274 
NAG C5  O5   sing N N 275 
NAG C5  H5   sing N N 276 
NAG C6  O6   sing N N 277 
NAG C6  H61  sing N N 278 
NAG C6  H62  sing N N 279 
NAG C7  C8   sing N N 280 
NAG C7  N2   sing N N 281 
NAG C7  O7   doub N N 282 
NAG C8  H81  sing N N 283 
NAG C8  H82  sing N N 284 
NAG C8  H83  sing N N 285 
NAG N2  HN2  sing N N 286 
NAG O1  HO1  sing N N 287 
NAG O3  HO3  sing N N 288 
NAG O4  HO4  sing N N 289 
NAG O6  HO6  sing N N 290 
NO3 N   O1   doub N N 291 
NO3 N   O2   sing N N 292 
NO3 N   O3   sing N N 293 
PGR C1  C2   sing N N 294 
PGR C1  O1   sing N N 295 
PGR C1  H11  sing N N 296 
PGR C1  H12  sing N N 297 
PGR C2  C3   sing N N 298 
PGR C2  O2   sing N N 299 
PGR C2  H2   sing N N 300 
PGR C3  H31  sing N N 301 
PGR C3  H32  sing N N 302 
PGR C3  H33  sing N N 303 
PGR O1  HO1  sing N N 304 
PGR O2  HO2  sing N N 305 
PHE N   CA   sing N N 306 
PHE N   H    sing N N 307 
PHE N   H2   sing N N 308 
PHE CA  C    sing N N 309 
PHE CA  CB   sing N N 310 
PHE CA  HA   sing N N 311 
PHE C   O    doub N N 312 
PHE C   OXT  sing N N 313 
PHE CB  CG   sing N N 314 
PHE CB  HB2  sing N N 315 
PHE CB  HB3  sing N N 316 
PHE CG  CD1  doub Y N 317 
PHE CG  CD2  sing Y N 318 
PHE CD1 CE1  sing Y N 319 
PHE CD1 HD1  sing N N 320 
PHE CD2 CE2  doub Y N 321 
PHE CD2 HD2  sing N N 322 
PHE CE1 CZ   doub Y N 323 
PHE CE1 HE1  sing N N 324 
PHE CE2 CZ   sing Y N 325 
PHE CE2 HE2  sing N N 326 
PHE CZ  HZ   sing N N 327 
PHE OXT HXT  sing N N 328 
PRO N   CA   sing N N 329 
PRO N   CD   sing N N 330 
PRO N   H    sing N N 331 
PRO CA  C    sing N N 332 
PRO CA  CB   sing N N 333 
PRO CA  HA   sing N N 334 
PRO C   O    doub N N 335 
PRO C   OXT  sing N N 336 
PRO CB  CG   sing N N 337 
PRO CB  HB2  sing N N 338 
PRO CB  HB3  sing N N 339 
PRO CG  CD   sing N N 340 
PRO CG  HG2  sing N N 341 
PRO CG  HG3  sing N N 342 
PRO CD  HD2  sing N N 343 
PRO CD  HD3  sing N N 344 
PRO OXT HXT  sing N N 345 
SER N   CA   sing N N 346 
SER N   H    sing N N 347 
SER N   H2   sing N N 348 
SER CA  C    sing N N 349 
SER CA  CB   sing N N 350 
SER CA  HA   sing N N 351 
SER C   O    doub N N 352 
SER C   OXT  sing N N 353 
SER CB  OG   sing N N 354 
SER CB  HB2  sing N N 355 
SER CB  HB3  sing N N 356 
SER OG  HG   sing N N 357 
SER OXT HXT  sing N N 358 
THR N   CA   sing N N 359 
THR N   H    sing N N 360 
THR N   H2   sing N N 361 
THR CA  C    sing N N 362 
THR CA  CB   sing N N 363 
THR CA  HA   sing N N 364 
THR C   O    doub N N 365 
THR C   OXT  sing N N 366 
THR CB  OG1  sing N N 367 
THR CB  CG2  sing N N 368 
THR CB  HB   sing N N 369 
THR OG1 HG1  sing N N 370 
THR CG2 HG21 sing N N 371 
THR CG2 HG22 sing N N 372 
THR CG2 HG23 sing N N 373 
THR OXT HXT  sing N N 374 
TRP N   CA   sing N N 375 
TRP N   H    sing N N 376 
TRP N   H2   sing N N 377 
TRP CA  C    sing N N 378 
TRP CA  CB   sing N N 379 
TRP CA  HA   sing N N 380 
TRP C   O    doub N N 381 
TRP C   OXT  sing N N 382 
TRP CB  CG   sing N N 383 
TRP CB  HB2  sing N N 384 
TRP CB  HB3  sing N N 385 
TRP CG  CD1  doub Y N 386 
TRP CG  CD2  sing Y N 387 
TRP CD1 NE1  sing Y N 388 
TRP CD1 HD1  sing N N 389 
TRP CD2 CE2  doub Y N 390 
TRP CD2 CE3  sing Y N 391 
TRP NE1 CE2  sing Y N 392 
TRP NE1 HE1  sing N N 393 
TRP CE2 CZ2  sing Y N 394 
TRP CE3 CZ3  doub Y N 395 
TRP CE3 HE3  sing N N 396 
TRP CZ2 CH2  doub Y N 397 
TRP CZ2 HZ2  sing N N 398 
TRP CZ3 CH2  sing Y N 399 
TRP CZ3 HZ3  sing N N 400 
TRP CH2 HH2  sing N N 401 
TRP OXT HXT  sing N N 402 
TYR N   CA   sing N N 403 
TYR N   H    sing N N 404 
TYR N   H2   sing N N 405 
TYR CA  C    sing N N 406 
TYR CA  CB   sing N N 407 
TYR CA  HA   sing N N 408 
TYR C   O    doub N N 409 
TYR C   OXT  sing N N 410 
TYR CB  CG   sing N N 411 
TYR CB  HB2  sing N N 412 
TYR CB  HB3  sing N N 413 
TYR CG  CD1  doub Y N 414 
TYR CG  CD2  sing Y N 415 
TYR CD1 CE1  sing Y N 416 
TYR CD1 HD1  sing N N 417 
TYR CD2 CE2  doub Y N 418 
TYR CD2 HD2  sing N N 419 
TYR CE1 CZ   doub Y N 420 
TYR CE1 HE1  sing N N 421 
TYR CE2 CZ   sing Y N 422 
TYR CE2 HE2  sing N N 423 
TYR CZ  OH   sing N N 424 
TYR OH  HH   sing N N 425 
TYR OXT HXT  sing N N 426 
VAL N   CA   sing N N 427 
VAL N   H    sing N N 428 
VAL N   H2   sing N N 429 
VAL CA  C    sing N N 430 
VAL CA  CB   sing N N 431 
VAL CA  HA   sing N N 432 
VAL C   O    doub N N 433 
VAL C   OXT  sing N N 434 
VAL CB  CG1  sing N N 435 
VAL CB  CG2  sing N N 436 
VAL CB  HB   sing N N 437 
VAL CG1 HG11 sing N N 438 
VAL CG1 HG12 sing N N 439 
VAL CG1 HG13 sing N N 440 
VAL CG2 HG21 sing N N 441 
VAL CG2 HG22 sing N N 442 
VAL CG2 HG23 sing N N 443 
VAL OXT HXT  sing N N 444 
# 
loop_
_pdbx_entity_branch_list.entity_id 
_pdbx_entity_branch_list.comp_id 
_pdbx_entity_branch_list.num 
_pdbx_entity_branch_list.hetero 
2 NAG 1 n 
2 BMA 2 n 
# 
_pdbx_initial_refinement_model.id               1 
_pdbx_initial_refinement_model.entity_id_list   ? 
_pdbx_initial_refinement_model.type             'experimental model' 
_pdbx_initial_refinement_model.source_name      PDB 
_pdbx_initial_refinement_model.accession_code   1REY 
_pdbx_initial_refinement_model.details          'PDB ENTRY 1REY EXCEPT RESIDUE NAG 131' 
# 
_atom_sites.entry_id                    1REM 
_atom_sites.fract_transf_matrix[1][1]   0.00644045 
_atom_sites.fract_transf_matrix[1][2]   -0.01784397 
_atom_sites.fract_transf_matrix[1][3]   0.01988124 
_atom_sites.fract_transf_matrix[2][1]   0.00176319 
_atom_sites.fract_transf_matrix[2][2]   -0.00596698 
_atom_sites.fract_transf_matrix[2][3]   -0.00592671 
_atom_sites.fract_transf_matrix[3][1]   0.03074238 
_atom_sites.fract_transf_matrix[3][2]   0.01003229 
_atom_sites.fract_transf_matrix[3][3]   -0.00095461 
_atom_sites.fract_transf_vector[1]      0.159416 
_atom_sites.fract_transf_vector[2]      0.132948 
_atom_sites.fract_transf_vector[3]      1.024235 
# 
loop_
_atom_type.symbol 
C 
N 
O 
S 
# 
loop_
_atom_site.group_PDB 
_atom_site.id 
_atom_site.type_symbol 
_atom_site.label_atom_id 
_atom_site.label_alt_id 
_atom_site.label_comp_id 
_atom_site.label_asym_id 
_atom_site.label_entity_id 
_atom_site.label_seq_id 
_atom_site.pdbx_PDB_ins_code 
_atom_site.Cartn_x 
_atom_site.Cartn_y 
_atom_site.Cartn_z 
_atom_site.occupancy 
_atom_site.B_iso_or_equiv 
_atom_site.pdbx_formal_charge 
_atom_site.auth_seq_id 
_atom_site.auth_comp_id 
_atom_site.auth_asym_id 
_atom_site.auth_atom_id 
_atom_site.pdbx_PDB_model_num 
ATOM   1    N N   . LYS A 1 1   ? -5.049  -9.582  9.093   1.00 15.55 ? 1   LYS A N   1 
ATOM   2    C CA  . LYS A 1 1   ? -6.365  -9.048  9.551   1.00 14.55 ? 1   LYS A CA  1 
ATOM   3    C C   . LYS A 1 1   ? -7.011  -8.183  8.462   1.00 13.32 ? 1   LYS A C   1 
ATOM   4    O O   . LYS A 1 1   ? -6.318  -7.662  7.582   1.00 14.98 ? 1   LYS A O   1 
ATOM   5    C CB  . LYS A 1 1   ? -6.192  -8.214  10.838  1.00 15.44 ? 1   LYS A CB  1 
ATOM   6    C CG  . LYS A 1 1   ? -5.451  -6.916  10.626  1.00 16.99 ? 1   LYS A CG  1 
ATOM   7    C CD  . LYS A 1 1   ? -5.430  -6.052  11.854  1.00 24.11 ? 1   LYS A CD  1 
ATOM   8    C CE  . LYS A 1 1   ? -6.783  -5.458  12.131  1.00 23.20 ? 1   LYS A CE  1 
ATOM   9    N NZ  . LYS A 1 1   ? -6.654  -4.541  13.287  1.00 22.94 ? 1   LYS A NZ  1 
ATOM   10   N N   . VAL A 1 2   ? -8.337  -8.062  8.502   1.00 15.00 ? 2   VAL A N   1 
ATOM   11   C CA  . VAL A 1 2   ? -9.051  -7.222  7.552   1.00 13.09 ? 2   VAL A CA  1 
ATOM   12   C C   . VAL A 1 2   ? -9.541  -6.024  8.351   1.00 14.42 ? 2   VAL A C   1 
ATOM   13   O O   . VAL A 1 2   ? -10.288 -6.167  9.311   1.00 14.17 ? 2   VAL A O   1 
ATOM   14   C CB  . VAL A 1 2   ? -10.257 -7.938  6.900   1.00 16.16 ? 2   VAL A CB  1 
ATOM   15   C CG1 . VAL A 1 2   ? -10.871 -7.038  5.843   1.00 14.87 ? 2   VAL A CG1 1 
ATOM   16   C CG2 . VAL A 1 2   ? -9.833  -9.256  6.285   1.00 11.83 ? 2   VAL A CG2 1 
ATOM   17   N N   . PHE A 1 3   ? -9.065  -4.844  7.985   1.00 17.52 ? 3   PHE A N   1 
ATOM   18   C CA  . PHE A 1 3   ? -9.444  -3.617  8.670   1.00 15.63 ? 3   PHE A CA  1 
ATOM   19   C C   . PHE A 1 3   ? -10.843 -3.149  8.314   1.00 17.64 ? 3   PHE A C   1 
ATOM   20   O O   . PHE A 1 3   ? -11.305 -3.322  7.182   1.00 15.72 ? 3   PHE A O   1 
ATOM   21   C CB  . PHE A 1 3   ? -8.472  -2.476  8.322   1.00 16.28 ? 3   PHE A CB  1 
ATOM   22   C CG  . PHE A 1 3   ? -7.140  -2.549  9.041   1.00 18.60 ? 3   PHE A CG  1 
ATOM   23   C CD1 . PHE A 1 3   ? -6.173  -3.484  8.665   1.00 20.63 ? 3   PHE A CD1 1 
ATOM   24   C CD2 . PHE A 1 3   ? -6.849  -1.658  10.084  1.00 17.47 ? 3   PHE A CD2 1 
ATOM   25   C CE1 . PHE A 1 3   ? -4.929  -3.534  9.316   1.00 20.71 ? 3   PHE A CE1 1 
ATOM   26   C CE2 . PHE A 1 3   ? -5.622  -1.694  10.739  1.00 19.93 ? 3   PHE A CE2 1 
ATOM   27   C CZ  . PHE A 1 3   ? -4.656  -2.638  10.355  1.00 20.41 ? 3   PHE A CZ  1 
ATOM   28   N N   . GLU A 1 4   ? -11.518 -2.562  9.299   1.00 17.21 ? 4   GLU A N   1 
ATOM   29   C CA  . GLU A 1 4   ? -12.816 -1.970  9.055   1.00 17.69 ? 4   GLU A CA  1 
ATOM   30   C C   . GLU A 1 4   ? -12.373 -0.702  8.328   1.00 16.24 ? 4   GLU A C   1 
ATOM   31   O O   . GLU A 1 4   ? -11.252 -0.223  8.529   1.00 17.00 ? 4   GLU A O   1 
ATOM   32   C CB  . GLU A 1 4   ? -13.517 -1.588  10.363  1.00 21.56 ? 4   GLU A CB  1 
ATOM   33   C CG  . GLU A 1 4   ? -13.993 -2.764  11.199  1.00 31.65 ? 4   GLU A CG  1 
ATOM   34   C CD  . GLU A 1 4   ? -14.773 -3.780  10.386  1.00 37.51 ? 4   GLU A CD  1 
ATOM   35   O OE1 . GLU A 1 4   ? -15.654 -3.363  9.598   1.00 45.07 ? 4   GLU A OE1 1 
ATOM   36   O OE2 . GLU A 1 4   ? -14.490 -4.994  10.525  1.00 41.76 ? 4   GLU A OE2 1 
ATOM   37   N N   . ARG A 1 5   ? -13.264 -0.127  7.538   1.00 17.09 ? 5   ARG A N   1 
ATOM   38   C CA  . ARG A 1 5   ? -12.933 1.057   6.779   1.00 16.37 ? 5   ARG A CA  1 
ATOM   39   C C   . ARG A 1 5   ? -12.430 2.240   7.610   1.00 16.07 ? 5   ARG A C   1 
ATOM   40   O O   . ARG A 1 5   ? -11.359 2.763   7.340   1.00 14.64 ? 5   ARG A O   1 
ATOM   41   C CB  . ARG A 1 5   ? -14.114 1.474   5.913   1.00 17.49 ? 5   ARG A CB  1 
ATOM   42   C CG  . ARG A 1 5   ? -13.826 2.682   5.030   1.00 20.47 ? 5   ARG A CG  1 
ATOM   43   C CD  . ARG A 1 5   ? -15.061 3.071   4.257   1.00 21.31 ? 5   ARG A CD  1 
ATOM   44   N NE  . ARG A 1 5   ? -16.144 3.437   5.165   1.00 23.60 ? 5   ARG A NE  1 
ATOM   45   C CZ  . ARG A 1 5   ? -16.425 4.685   5.517   1.00 23.27 ? 5   ARG A CZ  1 
ATOM   46   N NH1 . ARG A 1 5   ? -15.724 5.687   5.007   1.00 25.88 ? 5   ARG A NH1 1 
ATOM   47   N NH2 . ARG A 1 5   ? -17.422 4.932   6.358   1.00 21.10 ? 5   ARG A NH2 1 
ATOM   48   N N   . CYS A 1 6   ? -13.157 2.624   8.651   1.00 15.13 ? 6   CYS A N   1 
ATOM   49   C CA  . CYS A 1 6   ? -12.729 3.766   9.443   1.00 16.94 ? 6   CYS A CA  1 
ATOM   50   C C   . CYS A 1 6   ? -11.575 3.464   10.378  1.00 15.34 ? 6   CYS A C   1 
ATOM   51   O O   . CYS A 1 6   ? -10.817 4.357   10.757  1.00 15.46 ? 6   CYS A O   1 
ATOM   52   C CB  . CYS A 1 6   ? -13.899 4.413   10.183  1.00 15.26 ? 6   CYS A CB  1 
ATOM   53   S SG  . CYS A 1 6   ? -15.071 5.251   9.081   1.00 16.30 ? 6   CYS A SG  1 
ATOM   54   N N   . GLU A 1 7   ? -11.407 2.189   10.691  1.00 13.68 ? 7   GLU A N   1 
ATOM   55   C CA  . GLU A 1 7   ? -10.324 1.759   11.544  1.00 15.14 ? 7   GLU A CA  1 
ATOM   56   C C   . GLU A 1 7   ? -9.001  2.019   10.805  1.00 17.66 ? 7   GLU A C   1 
ATOM   57   O O   . GLU A 1 7   ? -8.043  2.564   11.390  1.00 19.18 ? 7   GLU A O   1 
ATOM   58   C CB  . GLU A 1 7   ? -10.464 0.271   11.875  1.00 13.14 ? 7   GLU A CB  1 
ATOM   59   C CG  . GLU A 1 7   ? -9.359  -0.261  12.739  1.00 15.75 ? 7   GLU A CG  1 
ATOM   60   C CD  . GLU A 1 7   ? -9.366  -1.769  12.863  1.00 19.53 ? 7   GLU A CD  1 
ATOM   61   O OE1 . GLU A 1 7   ? -10.223 -2.440  12.251  1.00 16.56 ? 7   GLU A OE1 1 
ATOM   62   O OE2 . GLU A 1 7   ? -8.486  -2.290  13.581  1.00 23.89 ? 7   GLU A OE2 1 
ATOM   63   N N   . LEU A 1 8   ? -8.964  1.677   9.514   1.00 14.45 ? 8   LEU A N   1 
ATOM   64   C CA  . LEU A 1 8   ? -7.757  1.871   8.713   1.00 14.86 ? 8   LEU A CA  1 
ATOM   65   C C   . LEU A 1 8   ? -7.449  3.357   8.498   1.00 16.22 ? 8   LEU A C   1 
ATOM   66   O O   . LEU A 1 8   ? -6.294  3.780   8.620   1.00 16.37 ? 8   LEU A O   1 
ATOM   67   C CB  . LEU A 1 8   ? -7.839  1.127   7.362   1.00 14.50 ? 8   LEU A CB  1 
ATOM   68   C CG  . LEU A 1 8   ? -6.574  1.164   6.482   1.00 12.11 ? 8   LEU A CG  1 
ATOM   69   C CD1 . LEU A 1 8   ? -5.385  0.542   7.206   1.00 7.72  ? 8   LEU A CD1 1 
ATOM   70   C CD2 . LEU A 1 8   ? -6.825  0.474   5.178   1.00 10.06 ? 8   LEU A CD2 1 
ATOM   71   N N   . ALA A 1 9   ? -8.479  4.144   8.188   1.00 17.19 ? 9   ALA A N   1 
ATOM   72   C CA  . ALA A 1 9   ? -8.328  5.585   7.972   1.00 17.23 ? 9   ALA A CA  1 
ATOM   73   C C   . ALA A 1 9   ? -7.685  6.258   9.184   1.00 16.44 ? 9   ALA A C   1 
ATOM   74   O O   . ALA A 1 9   ? -6.763  7.060   9.048   1.00 15.10 ? 9   ALA A O   1 
ATOM   75   C CB  . ALA A 1 9   ? -9.694  6.219   7.669   1.00 15.57 ? 9   ALA A CB  1 
ATOM   76   N N   . ARG A 1 10  ? -8.145  5.895   10.375  1.00 18.32 ? 10  ARG A N   1 
ATOM   77   C CA  . ARG A 1 10  ? -7.595  6.479   11.587  1.00 21.33 ? 10  ARG A CA  1 
ATOM   78   C C   . ARG A 1 10  ? -6.149  6.015   11.799  1.00 20.79 ? 10  ARG A C   1 
ATOM   79   O O   . ARG A 1 10  ? -5.288  6.823   12.159  1.00 20.33 ? 10  ARG A O   1 
ATOM   80   C CB  . ARG A 1 10  ? -8.483  6.168   12.804  1.00 22.21 ? 10  ARG A CB  1 
ATOM   81   C CG  . ARG A 1 10  ? -9.921  6.658   12.618  1.00 27.05 ? 10  ARG A CG  1 
ATOM   82   C CD  . ARG A 1 10  ? -10.829 6.419   13.838  1.00 29.28 ? 10  ARG A CD  1 
ATOM   83   N NE  . ARG A 1 10  ? -10.774 5.064   14.399  1.00 30.35 ? 10  ARG A NE  1 
ATOM   84   C CZ  . ARG A 1 10  ? -11.643 4.089   14.140  1.00 30.83 ? 10  ARG A CZ  1 
ATOM   85   N NH1 . ARG A 1 10  ? -12.623 4.279   13.275  1.00 34.91 ? 10  ARG A NH1 1 
ATOM   86   N NH2 . ARG A 1 10  ? -11.512 2.901   14.724  1.00 34.89 ? 10  ARG A NH2 1 
ATOM   87   N N   . THR A 1 11  ? -5.877  4.735   11.533  1.00 20.97 ? 11  THR A N   1 
ATOM   88   C CA  . THR A 1 11  ? -4.530  4.180   11.684  1.00 16.83 ? 11  THR A CA  1 
ATOM   89   C C   . THR A 1 11  ? -3.533  4.865   10.723  1.00 17.27 ? 11  THR A C   1 
ATOM   90   O O   . THR A 1 11  ? -2.456  5.290   11.132  1.00 18.13 ? 11  THR A O   1 
ATOM   91   C CB  . THR A 1 11  ? -4.534  2.644   11.479  1.00 13.38 ? 11  THR A CB  1 
ATOM   92   O OG1 . THR A 1 11  ? -5.441  2.034   12.402  1.00 7.24  ? 11  THR A OG1 1 
ATOM   93   C CG2 . THR A 1 11  ? -3.155  2.064   11.706  1.00 12.68 ? 11  THR A CG2 1 
ATOM   94   N N   . LEU A 1 12  ? -3.919  4.994   9.459   1.00 17.28 ? 12  LEU A N   1 
ATOM   95   C CA  . LEU A 1 12  ? -3.096  5.652   8.452   1.00 16.11 ? 12  LEU A CA  1 
ATOM   96   C C   . LEU A 1 12  ? -2.874  7.128   8.810   1.00 15.77 ? 12  LEU A C   1 
ATOM   97   O O   . LEU A 1 12  ? -1.824  7.683   8.533   1.00 14.77 ? 12  LEU A O   1 
ATOM   98   C CB  . LEU A 1 12  ? -3.765  5.573   7.065   1.00 14.82 ? 12  LEU A CB  1 
ATOM   99   C CG  . LEU A 1 12  ? -3.948  4.226   6.352   1.00 13.92 ? 12  LEU A CG  1 
ATOM   100  C CD1 . LEU A 1 12  ? -4.481  4.426   4.933   1.00 9.33  ? 12  LEU A CD1 1 
ATOM   101  C CD2 . LEU A 1 12  ? -2.604  3.500   6.314   1.00 16.85 ? 12  LEU A CD2 1 
ATOM   102  N N   . LYS A 1 13  ? -3.884  7.782   9.370   1.00 18.41 ? 13  LYS A N   1 
ATOM   103  C CA  . LYS A 1 13  ? -3.729  9.185   9.738   1.00 20.84 ? 13  LYS A CA  1 
ATOM   104  C C   . LYS A 1 13  ? -2.735  9.295   10.898  1.00 22.35 ? 13  LYS A C   1 
ATOM   105  O O   . LYS A 1 13  ? -1.827  10.125  10.889  1.00 22.69 ? 13  LYS A O   1 
ATOM   106  C CB  . LYS A 1 13  ? -5.069  9.800   10.113  1.00 24.37 ? 13  LYS A CB  1 
ATOM   107  C CG  . LYS A 1 13  ? -4.956  11.296  10.367  1.00 28.58 ? 13  LYS A CG  1 
ATOM   108  C CD  . LYS A 1 13  ? -6.287  11.994  10.569  1.00 33.60 ? 13  LYS A CD  1 
ATOM   109  C CE  . LYS A 1 13  ? -6.083  13.494  10.788  1.00 34.97 ? 13  LYS A CE  1 
ATOM   110  N NZ  . LYS A 1 13  ? -5.302  14.119  9.665   1.00 39.67 ? 13  LYS A NZ  1 
ATOM   111  N N   . ARG A 1 14  ? -2.893  8.416   11.881  1.00 23.37 ? 14  ARG A N   1 
ATOM   112  C CA  . ARG A 1 14  ? -2.023  8.367   13.048  1.00 21.99 ? 14  ARG A CA  1 
ATOM   113  C C   . ARG A 1 14  ? -0.563  8.114   12.644  1.00 21.77 ? 14  ARG A C   1 
ATOM   114  O O   . ARG A 1 14  ? 0.362   8.548   13.317  1.00 19.73 ? 14  ARG A O   1 
ATOM   115  C CB  . ARG A 1 14  ? -2.512  7.258   13.982  1.00 21.73 ? 14  ARG A CB  1 
ATOM   116  C CG  . ARG A 1 14  ? -2.090  7.397   15.436  1.00 27.55 ? 14  ARG A CG  1 
ATOM   117  C CD  . ARG A 1 14  ? -2.559  6.199   16.271  1.00 29.58 ? 14  ARG A CD  1 
ATOM   118  N NE  . ARG A 1 14  ? -3.939  5.837   15.976  1.00 32.03 ? 14  ARG A NE  1 
ATOM   119  C CZ  . ARG A 1 14  ? -4.331  4.630   15.570  1.00 31.76 ? 14  ARG A CZ  1 
ATOM   120  N NH1 . ARG A 1 14  ? -3.454  3.634   15.419  1.00 27.62 ? 14  ARG A NH1 1 
ATOM   121  N NH2 . ARG A 1 14  ? -5.599  4.450   15.210  1.00 37.57 ? 14  ARG A NH2 1 
ATOM   122  N N   . LEU A 1 15  ? -0.364  7.392   11.547  1.00 23.58 ? 15  LEU A N   1 
ATOM   123  C CA  . LEU A 1 15  ? 0.985   7.083   11.067  1.00 22.08 ? 15  LEU A CA  1 
ATOM   124  C C   . LEU A 1 15  ? 1.542   8.092   10.058  1.00 20.06 ? 15  LEU A C   1 
ATOM   125  O O   . LEU A 1 15  ? 2.528   7.816   9.390   1.00 20.03 ? 15  LEU A O   1 
ATOM   126  C CB  . LEU A 1 15  ? 1.045   5.649   10.508  1.00 22.03 ? 15  LEU A CB  1 
ATOM   127  C CG  . LEU A 1 15  ? 0.791   4.511   11.519  1.00 20.46 ? 15  LEU A CG  1 
ATOM   128  C CD1 . LEU A 1 15  ? 0.580   3.207   10.798  1.00 14.10 ? 15  LEU A CD1 1 
ATOM   129  C CD2 . LEU A 1 15  ? 1.948   4.390   12.509  1.00 18.18 ? 15  LEU A CD2 1 
ATOM   130  N N   . GLY A 1 16  ? 0.870   9.231   9.909   1.00 17.56 ? 16  GLY A N   1 
ATOM   131  C CA  . GLY A 1 16  ? 1.346   10.289  9.030   1.00 14.89 ? 16  GLY A CA  1 
ATOM   132  C C   . GLY A 1 16  ? 1.140   10.214  7.530   1.00 17.04 ? 16  GLY A C   1 
ATOM   133  O O   . GLY A 1 16  ? 1.864   10.872  6.771   1.00 18.39 ? 16  GLY A O   1 
ATOM   134  N N   . MET A 1 17  ? 0.120   9.484   7.099   1.00 17.45 ? 17  MET A N   1 
ATOM   135  C CA  . MET A 1 17  ? -0.149  9.322   5.675   1.00 18.98 ? 17  MET A CA  1 
ATOM   136  C C   . MET A 1 17  ? -0.974  10.429  5.030   1.00 20.06 ? 17  MET A C   1 
ATOM   137  O O   . MET A 1 17  ? -0.940  10.623  3.808   1.00 20.13 ? 17  MET A O   1 
ATOM   138  C CB  . MET A 1 17  ? -0.794  7.953   5.423   1.00 21.36 ? 17  MET A CB  1 
ATOM   139  C CG  . MET A 1 17  ? 0.161   6.777   5.632   1.00 19.23 ? 17  MET A CG  1 
ATOM   140  S SD  . MET A 1 17  ? 1.443   6.682   4.346   1.00 24.88 ? 17  MET A SD  1 
ATOM   141  C CE  . MET A 1 17  ? 0.849   5.191   3.515   1.00 24.40 ? 17  MET A CE  1 
ATOM   142  N N   . ASP A 1 18  ? -1.733  11.161  5.837   1.00 23.93 ? 18  ASP A N   1 
ATOM   143  C CA  . ASP A 1 18  ? -2.557  12.241  5.286   1.00 25.08 ? 18  ASP A CA  1 
ATOM   144  C C   . ASP A 1 18  ? -1.679  13.394  4.742   1.00 24.45 ? 18  ASP A C   1 
ATOM   145  O O   . ASP A 1 18  ? -1.015  14.103  5.501   1.00 21.98 ? 18  ASP A O   1 
ATOM   146  C CB  . ASP A 1 18  ? -3.566  12.736  6.336   1.00 25.44 ? 18  ASP A CB  1 
ATOM   147  C CG  . ASP A 1 18  ? -4.729  13.519  5.721   1.00 30.19 ? 18  ASP A CG  1 
ATOM   148  O OD1 . ASP A 1 18  ? -4.840  13.602  4.468   1.00 25.70 ? 18  ASP A OD1 1 
ATOM   149  O OD2 . ASP A 1 18  ? -5.543  14.050  6.512   1.00 32.01 ? 18  ASP A OD2 1 
ATOM   150  N N   . GLY A 1 19  ? -1.631  13.516  3.416   1.00 23.95 ? 19  GLY A N   1 
ATOM   151  C CA  . GLY A 1 19  ? -0.849  14.566  2.787   1.00 23.03 ? 19  GLY A CA  1 
ATOM   152  C C   . GLY A 1 19  ? 0.618   14.204  2.587   1.00 24.32 ? 19  GLY A C   1 
ATOM   153  O O   . GLY A 1 19  ? 1.408   15.044  2.136   1.00 24.16 ? 19  GLY A O   1 
ATOM   154  N N   . TYR A 1 20  ? 0.996   12.966  2.897   1.00 20.32 ? 20  TYR A N   1 
ATOM   155  C CA  . TYR A 1 20  ? 2.380   12.560  2.736   1.00 18.57 ? 20  TYR A CA  1 
ATOM   156  C C   . TYR A 1 20  ? 2.721   12.717  1.284   1.00 18.80 ? 20  TYR A C   1 
ATOM   157  O O   . TYR A 1 20  ? 2.148   12.036  0.443   1.00 17.89 ? 20  TYR A O   1 
ATOM   158  C CB  . TYR A 1 20  ? 2.594   11.107  3.153   1.00 19.02 ? 20  TYR A CB  1 
ATOM   159  C CG  . TYR A 1 20  ? 4.056   10.742  3.144   1.00 21.06 ? 20  TYR A CG  1 
ATOM   160  C CD1 . TYR A 1 20  ? 4.870   11.083  4.210   1.00 20.13 ? 20  TYR A CD1 1 
ATOM   161  C CD2 . TYR A 1 20  ? 4.645   10.105  2.040   1.00 21.13 ? 20  TYR A CD2 1 
ATOM   162  C CE1 . TYR A 1 20  ? 6.225   10.807  4.189   1.00 21.13 ? 20  TYR A CE1 1 
ATOM   163  C CE2 . TYR A 1 20  ? 6.016   9.827   2.011   1.00 18.71 ? 20  TYR A CE2 1 
ATOM   164  C CZ  . TYR A 1 20  ? 6.796   10.186  3.098   1.00 18.98 ? 20  TYR A CZ  1 
ATOM   165  O OH  . TYR A 1 20  ? 8.144   9.951   3.134   1.00 19.08 ? 20  TYR A OH  1 
ATOM   166  N N   . ARG A 1 21  ? 3.678   13.599  1.001   1.00 19.22 ? 21  ARG A N   1 
ATOM   167  C CA  . ARG A 1 21  ? 4.112   13.903  -0.369  1.00 19.60 ? 21  ARG A CA  1 
ATOM   168  C C   . ARG A 1 21  ? 2.941   14.397  -1.218  1.00 19.32 ? 21  ARG A C   1 
ATOM   169  O O   . ARG A 1 21  ? 2.880   14.153  -2.426  1.00 21.90 ? 21  ARG A O   1 
ATOM   170  C CB  . ARG A 1 21  ? 4.800   12.706  -1.046  1.00 21.94 ? 21  ARG A CB  1 
ATOM   171  C CG  . ARG A 1 21  ? 5.956   12.082  -0.261  1.00 30.46 ? 21  ARG A CG  1 
ATOM   172  C CD  . ARG A 1 21  ? 7.111   13.028  0.019   1.00 33.53 ? 21  ARG A CD  1 
ATOM   173  N NE  . ARG A 1 21  ? 8.083   13.052  -1.070  1.00 43.39 ? 21  ARG A NE  1 
ATOM   174  C CZ  . ARG A 1 21  ? 9.367   13.386  -0.917  1.00 47.50 ? 21  ARG A CZ  1 
ATOM   175  N NH1 . ARG A 1 21  ? 9.833   13.714  0.283   1.00 46.02 ? 21  ARG A NH1 1 
ATOM   176  N NH2 . ARG A 1 21  ? 10.188  13.388  -1.959  1.00 45.05 ? 21  ARG A NH2 1 
ATOM   177  N N   . GLY A 1 22  ? 2.017   15.108  -0.577  1.00 17.47 ? 22  GLY A N   1 
ATOM   178  C CA  . GLY A 1 22  ? 0.870   15.640  -1.280  1.00 15.67 ? 22  GLY A CA  1 
ATOM   179  C C   . GLY A 1 22  ? -0.298  14.685  -1.473  1.00 19.07 ? 22  GLY A C   1 
ATOM   180  O O   . GLY A 1 22  ? -1.360  15.132  -1.897  1.00 21.90 ? 22  GLY A O   1 
ATOM   181  N N   . ILE A 1 23  ? -0.134  13.403  -1.133  1.00 18.62 ? 23  ILE A N   1 
ATOM   182  C CA  . ILE A 1 23  ? -1.202  12.396  -1.274  1.00 17.27 ? 23  ILE A CA  1 
ATOM   183  C C   . ILE A 1 23  ? -2.138  12.371  -0.084  1.00 15.52 ? 23  ILE A C   1 
ATOM   184  O O   . ILE A 1 23  ? -1.735  12.036  1.032   1.00 18.31 ? 23  ILE A O   1 
ATOM   185  C CB  . ILE A 1 23  ? -0.637  10.961  -1.462  1.00 17.54 ? 23  ILE A CB  1 
ATOM   186  C CG1 . ILE A 1 23  ? 0.262   10.919  -2.702  1.00 18.64 ? 23  ILE A CG1 1 
ATOM   187  C CG2 . ILE A 1 23  ? -1.792  9.939   -1.609  1.00 14.31 ? 23  ILE A CG2 1 
ATOM   188  C CD1 . ILE A 1 23  ? 1.702   10.491  -2.438  1.00 20.92 ? 23  ILE A CD1 1 
ATOM   189  N N   . SER A 1 24  ? -3.404  12.688  -0.333  1.00 12.96 ? 24  SER A N   1 
ATOM   190  C CA  . SER A 1 24  ? -4.416  12.708  0.714   1.00 13.10 ? 24  SER A CA  1 
ATOM   191  C C   . SER A 1 24  ? -4.798  11.315  1.231   1.00 12.86 ? 24  SER A C   1 
ATOM   192  O O   . SER A 1 24  ? -4.602  10.315  0.544   1.00 13.47 ? 24  SER A O   1 
ATOM   193  C CB  . SER A 1 24  ? -5.656  13.453  0.219   1.00 11.36 ? 24  SER A CB  1 
ATOM   194  O OG  . SER A 1 24  ? -6.288  12.764  -0.849  1.00 16.92 ? 24  SER A OG  1 
ATOM   195  N N   . LEU A 1 25  ? -5.339  11.268  2.450   1.00 12.30 ? 25  LEU A N   1 
ATOM   196  C CA  . LEU A 1 25  ? -5.776  10.027  3.092   1.00 11.45 ? 25  LEU A CA  1 
ATOM   197  C C   . LEU A 1 25  ? -6.833  9.281   2.258   1.00 12.87 ? 25  LEU A C   1 
ATOM   198  O O   . LEU A 1 25  ? -6.872  8.054   2.252   1.00 10.12 ? 25  LEU A O   1 
ATOM   199  C CB  . LEU A 1 25  ? -6.349  10.329  4.491   1.00 9.70  ? 25  LEU A CB  1 
ATOM   200  C CG  . LEU A 1 25  ? -6.557  9.188   5.494   1.00 12.54 ? 25  LEU A CG  1 
ATOM   201  C CD1 . LEU A 1 25  ? -5.212  8.590   5.883   1.00 15.63 ? 25  LEU A CD1 1 
ATOM   202  C CD2 . LEU A 1 25  ? -7.249  9.719   6.731   1.00 13.33 ? 25  LEU A CD2 1 
ATOM   203  N N   . ALA A 1 26  ? -7.716  10.030  1.598   1.00 14.14 ? 26  ALA A N   1 
ATOM   204  C CA  . ALA A 1 26  ? -8.780  9.466   0.762   1.00 15.23 ? 26  ALA A CA  1 
ATOM   205  C C   . ALA A 1 26  ? -8.171  8.686   -0.382  1.00 12.45 ? 26  ALA A C   1 
ATOM   206  O O   . ALA A 1 26  ? -8.680  7.637   -0.789  1.00 16.68 ? 26  ALA A O   1 
ATOM   207  C CB  . ALA A 1 26  ? -9.669  10.581  0.218   1.00 14.63 ? 26  ALA A CB  1 
ATOM   208  N N   . ASN A 1 27  ? -7.084  9.218   -0.922  1.00 12.03 ? 27  ASN A N   1 
ATOM   209  C CA  . ASN A 1 27  ? -6.411  8.536   -2.005  1.00 12.78 ? 27  ASN A CA  1 
ATOM   210  C C   . ASN A 1 27  ? -5.772  7.265   -1.512  1.00 11.20 ? 27  ASN A C   1 
ATOM   211  O O   . ASN A 1 27  ? -5.894  6.247   -2.165  1.00 12.90 ? 27  ASN A O   1 
ATOM   212  C CB  . ASN A 1 27  ? -5.414  9.446   -2.717  1.00 15.89 ? 27  ASN A CB  1 
ATOM   213  C CG  . ASN A 1 27  ? -6.103  10.359  -3.730  1.00 18.37 ? 27  ASN A CG  1 
ATOM   214  O OD1 . ASN A 1 27  ? -6.737  9.887   -4.667  1.00 17.80 ? 27  ASN A OD1 1 
ATOM   215  N ND2 . ASN A 1 27  ? -6.024  11.660  -3.513  1.00 15.86 ? 27  ASN A ND2 1 
ATOM   216  N N   . TRP A 1 28  ? -5.157  7.301   -0.331  1.00 13.18 ? 28  TRP A N   1 
ATOM   217  C CA  . TRP A 1 28  ? -4.532  6.101   0.240   1.00 13.63 ? 28  TRP A CA  1 
ATOM   218  C C   . TRP A 1 28  ? -5.592  5.038   0.530   1.00 12.83 ? 28  TRP A C   1 
ATOM   219  O O   . TRP A 1 28  ? -5.379  3.845   0.309   1.00 14.65 ? 28  TRP A O   1 
ATOM   220  C CB  . TRP A 1 28  ? -3.753  6.413   1.541   1.00 17.12 ? 28  TRP A CB  1 
ATOM   221  C CG  . TRP A 1 28  ? -2.429  7.149   1.353   1.00 17.28 ? 28  TRP A CG  1 
ATOM   222  C CD1 . TRP A 1 28  ? -2.117  8.428   1.770   1.00 16.46 ? 28  TRP A CD1 1 
ATOM   223  C CD2 . TRP A 1 28  ? -1.251  6.640   0.716   1.00 17.27 ? 28  TRP A CD2 1 
ATOM   224  N NE1 . TRP A 1 28  ? -0.819  8.737   1.428   1.00 11.30 ? 28  TRP A NE1 1 
ATOM   225  C CE2 . TRP A 1 28  ? -0.263  7.663   0.782   1.00 19.32 ? 28  TRP A CE2 1 
ATOM   226  C CE3 . TRP A 1 28  ? -0.926  5.422   0.097   1.00 16.51 ? 28  TRP A CE3 1 
ATOM   227  C CZ2 . TRP A 1 28  ? 1.031   7.490   0.245   1.00 14.10 ? 28  TRP A CZ2 1 
ATOM   228  C CZ3 . TRP A 1 28  ? 0.357   5.257   -0.427  1.00 14.85 ? 28  TRP A CZ3 1 
ATOM   229  C CH2 . TRP A 1 28  ? 1.313   6.287   -0.350  1.00 11.38 ? 28  TRP A CH2 1 
ATOM   230  N N   . MET A 1 29  ? -6.732  5.466   1.049   1.00 12.30 ? 29  MET A N   1 
ATOM   231  C CA  . MET A 1 29  ? -7.810  4.538   1.380   1.00 12.60 ? 29  MET A CA  1 
ATOM   232  C C   . MET A 1 29  ? -8.312  3.875   0.109   1.00 11.38 ? 29  MET A C   1 
ATOM   233  O O   . MET A 1 29  ? -8.496  2.664   0.057   1.00 12.44 ? 29  MET A O   1 
ATOM   234  C CB  . MET A 1 29  ? -8.952  5.273   2.090   1.00 13.31 ? 29  MET A CB  1 
ATOM   235  C CG  . MET A 1 29  ? -8.673  5.614   3.553   1.00 10.35 ? 29  MET A CG  1 
ATOM   236  S SD  . MET A 1 29  ? -8.293  4.162   4.578   1.00 12.41 ? 29  MET A SD  1 
ATOM   237  C CE  . MET A 1 29  ? -9.781  3.264   4.526   1.00 8.72  ? 29  MET A CE  1 
ATOM   238  N N   . CYS A 1 30  ? -8.477  4.677   -0.933  1.00 13.84 ? 30  CYS A N   1 
ATOM   239  C CA  . CYS A 1 30  ? -8.932  4.169   -2.213  1.00 15.30 ? 30  CYS A CA  1 
ATOM   240  C C   . CYS A 1 30  ? -7.972  3.079   -2.750  1.00 16.11 ? 30  CYS A C   1 
ATOM   241  O O   . CYS A 1 30  ? -8.408  1.968   -3.100  1.00 15.47 ? 30  CYS A O   1 
ATOM   242  C CB  . CYS A 1 30  ? -9.099  5.339   -3.209  1.00 13.86 ? 30  CYS A CB  1 
ATOM   243  S SG  . CYS A 1 30  ? -9.785  4.885   -4.860  1.00 18.12 ? 30  CYS A SG  1 
ATOM   244  N N   . LEU A 1 31  ? -6.668  3.348   -2.767  1.00 15.75 ? 31  LEU A N   1 
ATOM   245  C CA  . LEU A 1 31  ? -5.764  2.331   -3.298  1.00 15.92 ? 31  LEU A CA  1 
ATOM   246  C C   . LEU A 1 31  ? -5.777  1.108   -2.431  1.00 14.52 ? 31  LEU A C   1 
ATOM   247  O O   . LEU A 1 31  ? -5.724  0.004   -2.952  1.00 16.17 ? 31  LEU A O   1 
ATOM   248  C CB  . LEU A 1 31  ? -4.322  2.830   -3.526  1.00 20.59 ? 31  LEU A CB  1 
ATOM   249  C CG  . LEU A 1 31  ? -3.106  2.877   -2.580  1.00 17.83 ? 31  LEU A CG  1 
ATOM   250  C CD1 . LEU A 1 31  ? -2.602  1.529   -2.188  1.00 17.08 ? 31  LEU A CD1 1 
ATOM   251  C CD2 . LEU A 1 31  ? -1.991  3.593   -3.320  1.00 18.46 ? 31  LEU A CD2 1 
ATOM   252  N N   . ALA A 1 32  ? -5.932  1.290   -1.123  1.00 12.75 ? 32  ALA A N   1 
ATOM   253  C CA  . ALA A 1 32  ? -5.925  0.148   -0.227  1.00 12.83 ? 32  ALA A CA  1 
ATOM   254  C C   . ALA A 1 32  ? -7.150  -0.732  -0.386  1.00 10.69 ? 32  ALA A C   1 
ATOM   255  O O   . ALA A 1 32  ? -7.053  -1.939  -0.218  1.00 12.61 ? 32  ALA A O   1 
ATOM   256  C CB  . ALA A 1 32  ? -5.747  0.586   1.224   1.00 11.64 ? 32  ALA A CB  1 
ATOM   257  N N   . LYS A 1 33  ? -8.296  -0.137  -0.704  1.00 12.08 ? 33  LYS A N   1 
ATOM   258  C CA  . LYS A 1 33  ? -9.518  -0.924  -0.886  1.00 14.46 ? 33  LYS A CA  1 
ATOM   259  C C   . LYS A 1 33  ? -9.408  -1.756  -2.153  1.00 16.97 ? 33  LYS A C   1 
ATOM   260  O O   . LYS A 1 33  ? -9.657  -2.973  -2.131  1.00 17.87 ? 33  LYS A O   1 
ATOM   261  C CB  . LYS A 1 33  ? -10.782 -0.054  -0.976  1.00 12.07 ? 33  LYS A CB  1 
ATOM   262  C CG  . LYS A 1 33  ? -12.089 -0.889  -1.064  1.00 16.49 ? 33  LYS A CG  1 
ATOM   263  C CD  . LYS A 1 33  ? -12.122 -2.037  0.035   1.00 26.69 ? 33  LYS A CD  1 
ATOM   264  C CE  . LYS A 1 33  ? -13.442 -2.892  0.169   1.00 15.10 ? 33  LYS A CE  1 
ATOM   265  N NZ  . LYS A 1 33  ? -14.343 -2.573  1.343   1.00 7.56  ? 33  LYS A NZ  1 
ATOM   266  N N   . TRP A 1 34  ? -8.984  -1.100  -3.231  1.00 15.49 ? 34  TRP A N   1 
ATOM   267  C CA  . TRP A 1 34  ? -8.834  -1.735  -4.523  1.00 14.06 ? 34  TRP A CA  1 
ATOM   268  C C   . TRP A 1 34  ? -7.681  -2.711  -4.635  1.00 16.40 ? 34  TRP A C   1 
ATOM   269  O O   . TRP A 1 34  ? -7.743  -3.649  -5.433  1.00 18.74 ? 34  TRP A O   1 
ATOM   270  C CB  . TRP A 1 34  ? -8.778  -0.670  -5.612  1.00 9.95  ? 34  TRP A CB  1 
ATOM   271  C CG  . TRP A 1 34  ? -10.132 -0.086  -5.780  1.00 13.47 ? 34  TRP A CG  1 
ATOM   272  C CD1 . TRP A 1 34  ? -10.551 1.145   -5.384  1.00 13.01 ? 34  TRP A CD1 1 
ATOM   273  C CD2 . TRP A 1 34  ? -11.283 -0.738  -6.335  1.00 12.02 ? 34  TRP A CD2 1 
ATOM   274  N NE1 . TRP A 1 34  ? -11.886 1.303   -5.645  1.00 11.52 ? 34  TRP A NE1 1 
ATOM   275  C CE2 . TRP A 1 34  ? -12.359 0.158   -6.233  1.00 11.90 ? 34  TRP A CE2 1 
ATOM   276  C CE3 . TRP A 1 34  ? -11.501 -1.996  -6.916  1.00 16.61 ? 34  TRP A CE3 1 
ATOM   277  C CZ2 . TRP A 1 34  ? -13.650 -0.159  -6.693  1.00 18.48 ? 34  TRP A CZ2 1 
ATOM   278  C CZ3 . TRP A 1 34  ? -12.788 -2.314  -7.376  1.00 16.88 ? 34  TRP A CZ3 1 
ATOM   279  C CH2 . TRP A 1 34  ? -13.841 -1.402  -7.261  1.00 15.53 ? 34  TRP A CH2 1 
ATOM   280  N N   . GLU A 1 35  ? -6.637  -2.509  -3.838  1.00 15.09 ? 35  GLU A N   1 
ATOM   281  C CA  . GLU A 1 35  ? -5.488  -3.402  -3.859  1.00 15.87 ? 35  GLU A CA  1 
ATOM   282  C C   . GLU A 1 35  ? -5.644  -4.663  -3.026  1.00 16.44 ? 35  GLU A C   1 
ATOM   283  O O   . GLU A 1 35  ? -5.332  -5.760  -3.497  1.00 17.78 ? 35  GLU A O   1 
ATOM   284  C CB  . GLU A 1 35  ? -4.221  -2.663  -3.410  1.00 16.85 ? 35  GLU A CB  1 
ATOM   285  C CG  . GLU A 1 35  ? -3.671  -1.657  -4.422  1.00 18.47 ? 35  GLU A CG  1 
ATOM   286  C CD  . GLU A 1 35  ? -2.853  -2.265  -5.576  1.00 21.36 ? 35  GLU A CD  1 
ATOM   287  O OE1 . GLU A 1 35  ? -2.686  -3.500  -5.653  1.00 22.04 ? 35  GLU A OE1 1 
ATOM   288  O OE2 . GLU A 1 35  ? -2.368  -1.477  -6.419  1.00 19.26 ? 35  GLU A OE2 1 
ATOM   289  N N   . SER A 1 36  ? -6.153  -4.517  -1.810  1.00 14.40 ? 36  SER A N   1 
ATOM   290  C CA  . SER A 1 36  ? -6.251  -5.656  -0.917  1.00 14.33 ? 36  SER A CA  1 
ATOM   291  C C   . SER A 1 36  ? -7.544  -5.810  -0.158  1.00 13.68 ? 36  SER A C   1 
ATOM   292  O O   . SER A 1 36  ? -7.696  -6.769  0.583   1.00 20.20 ? 36  SER A O   1 
ATOM   293  C CB  . SER A 1 36  ? -5.124  -5.574  0.107   1.00 13.91 ? 36  SER A CB  1 
ATOM   294  O OG  . SER A 1 36  ? -5.334  -4.451  0.945   1.00 14.08 ? 36  SER A OG  1 
ATOM   295  N N   . GLY A 1 37  ? -8.471  -4.875  -0.298  1.00 14.23 ? 37  GLY A N   1 
ATOM   296  C CA  . GLY A 1 37  ? -9.700  -4.989  0.464   1.00 11.84 ? 37  GLY A CA  1 
ATOM   297  C C   . GLY A 1 37  ? -9.412  -4.799  1.948   1.00 12.51 ? 37  GLY A C   1 
ATOM   298  O O   . GLY A 1 37  ? -10.114 -5.352  2.781   1.00 13.25 ? 37  GLY A O   1 
ATOM   299  N N   . TYR A 1 38  ? -8.375  -4.019  2.266   1.00 12.77 ? 38  TYR A N   1 
ATOM   300  C CA  . TYR A 1 38  ? -7.947  -3.715  3.643   1.00 11.41 ? 38  TYR A CA  1 
ATOM   301  C C   . TYR A 1 38  ? -7.442  -4.966  4.370   1.00 12.15 ? 38  TYR A C   1 
ATOM   302  O O   . TYR A 1 38  ? -7.450  -5.051  5.600   1.00 12.12 ? 38  TYR A O   1 
ATOM   303  C CB  . TYR A 1 38  ? -9.083  -3.068  4.468   1.00 13.12 ? 38  TYR A CB  1 
ATOM   304  C CG  . TYR A 1 38  ? -9.824  -1.908  3.816   1.00 10.43 ? 38  TYR A CG  1 
ATOM   305  C CD1 . TYR A 1 38  ? -9.142  -0.927  3.109   1.00 8.13  ? 38  TYR A CD1 1 
ATOM   306  C CD2 . TYR A 1 38  ? -11.209 -1.803  3.924   1.00 8.97  ? 38  TYR A CD2 1 
ATOM   307  C CE1 . TYR A 1 38  ? -9.818  0.139   2.521   1.00 11.61 ? 38  TYR A CE1 1 
ATOM   308  C CE2 . TYR A 1 38  ? -11.900 -0.747  3.339   1.00 11.78 ? 38  TYR A CE2 1 
ATOM   309  C CZ  . TYR A 1 38  ? -11.195 0.226   2.635   1.00 12.84 ? 38  TYR A CZ  1 
ATOM   310  O OH  . TYR A 1 38  ? -11.862 1.277   2.027   1.00 11.42 ? 38  TYR A OH  1 
ATOM   311  N N   . ASN A 1 39  ? -6.959  -5.923  3.602   1.00 13.46 ? 39  ASN A N   1 
ATOM   312  C CA  . ASN A 1 39  ? -6.489  -7.173  4.159   1.00 14.41 ? 39  ASN A CA  1 
ATOM   313  C C   . ASN A 1 39  ? -4.961  -7.199  4.221   1.00 12.39 ? 39  ASN A C   1 
ATOM   314  O O   . ASN A 1 39  ? -4.281  -7.094  3.209   1.00 11.54 ? 39  ASN A O   1 
ATOM   315  C CB  . ASN A 1 39  ? -7.051  -8.300  3.289   1.00 15.06 ? 39  ASN A CB  1 
ATOM   316  C CG  . ASN A 1 39  ? -6.731  -9.675  3.815   1.00 23.13 ? 39  ASN A CG  1 
ATOM   317  O OD1 . ASN A 1 39  ? -6.152  -9.836  4.897   1.00 24.46 ? 39  ASN A OD1 1 
ATOM   318  N ND2 . ASN A 1 39  ? -7.085  -10.693 3.029   1.00 19.46 ? 39  ASN A ND2 1 
ATOM   319  N N   . THR A 1 40  ? -4.410  -7.300  5.421   1.00 11.69 ? 40  THR A N   1 
ATOM   320  C CA  . THR A 1 40  ? -2.960  -7.351  5.563   1.00 13.73 ? 40  THR A CA  1 
ATOM   321  C C   . THR A 1 40  ? -2.334  -8.644  5.023   1.00 15.87 ? 40  THR A C   1 
ATOM   322  O O   . THR A 1 40  ? -1.137  -8.680  4.763   1.00 16.95 ? 40  THR A O   1 
ATOM   323  C CB  . THR A 1 40  ? -2.511  -7.232  7.047   1.00 11.62 ? 40  THR A CB  1 
ATOM   324  O OG1 . THR A 1 40  ? -3.024  -8.345  7.796   1.00 9.52  ? 40  THR A OG1 1 
ATOM   325  C CG2 . THR A 1 40  ? -2.997  -5.918  7.653   1.00 11.58 ? 40  THR A CG2 1 
ATOM   326  N N   . ARG A 1 41  ? -3.127  -9.709  4.905   1.00 19.17 ? 41  ARG A N   1 
ATOM   327  C CA  . ARG A 1 41  ? -2.615  -11.014 4.440   1.00 22.76 ? 41  ARG A CA  1 
ATOM   328  C C   . ARG A 1 41  ? -2.586  -11.224 2.929   1.00 19.77 ? 41  ARG A C   1 
ATOM   329  O O   . ARG A 1 41  ? -2.042  -12.231 2.460   1.00 20.50 ? 41  ARG A O   1 
ATOM   330  C CB  . ARG A 1 41  ? -3.424  -12.178 5.040   1.00 24.87 ? 41  ARG A CB  1 
ATOM   331  C CG  . ARG A 1 41  ? -3.672  -12.116 6.527   1.00 32.07 ? 41  ARG A CG  1 
ATOM   332  C CD  . ARG A 1 41  ? -2.405  -12.198 7.313   1.00 36.77 ? 41  ARG A CD  1 
ATOM   333  N NE  . ARG A 1 41  ? -1.953  -13.571 7.482   1.00 45.21 ? 41  ARG A NE  1 
ATOM   334  C CZ  . ARG A 1 41  ? -1.090  -13.954 8.413   1.00 45.66 ? 41  ARG A CZ  1 
ATOM   335  N NH1 . ARG A 1 41  ? -0.605  -13.069 9.280   1.00 47.67 ? 41  ARG A NH1 1 
ATOM   336  N NH2 . ARG A 1 41  ? -0.694  -15.214 8.455   1.00 42.90 ? 41  ARG A NH2 1 
ATOM   337  N N   . ALA A 1 42  ? -3.163  -10.293 2.175   1.00 16.41 ? 42  ALA A N   1 
ATOM   338  C CA  . ALA A 1 42  ? -3.227  -10.423 0.730   1.00 14.91 ? 42  ALA A CA  1 
ATOM   339  C C   . ALA A 1 42  ? -1.879  -10.495 0.030   1.00 15.75 ? 42  ALA A C   1 
ATOM   340  O O   . ALA A 1 42  ? -0.977  -9.696  0.269   1.00 13.63 ? 42  ALA A O   1 
ATOM   341  C CB  . ALA A 1 42  ? -4.069  -9.324  0.144   1.00 15.77 ? 42  ALA A CB  1 
ATOM   342  N N   . THR A 1 43  ? -1.727  -11.514 -0.801  1.00 18.66 ? 43  THR A N   1 
ATOM   343  C CA  . THR A 1 43  ? -0.507  -11.698 -1.575  1.00 20.35 ? 43  THR A CA  1 
ATOM   344  C C   . THR A 1 43  ? -1.003  -12.135 -2.943  1.00 21.47 ? 43  THR A C   1 
ATOM   345  O O   . THR A 1 43  ? -1.950  -12.929 -3.047  1.00 24.39 ? 43  THR A O   1 
ATOM   346  C CB  . THR A 1 43  ? 0.401   -12.788 -0.994  1.00 18.98 ? 43  THR A CB  1 
ATOM   347  O OG1 . THR A 1 43  ? -0.280  -14.032 -1.081  1.00 23.91 ? 43  THR A OG1 1 
ATOM   348  C CG2 . THR A 1 43  ? 0.725   -12.518 0.475   1.00 14.89 ? 43  THR A CG2 1 
ATOM   349  N N   . ASN A 1 44  ? -0.447  -11.531 -3.983  1.00 21.09 ? 44  ASN A N   1 
ATOM   350  C CA  . ASN A 1 44  ? -0.849  -11.833 -5.351  1.00 22.00 ? 44  ASN A CA  1 
ATOM   351  C C   . ASN A 1 44  ? 0.386   -11.943 -6.216  1.00 19.96 ? 44  ASN A C   1 
ATOM   352  O O   . ASN A 1 44  ? 1.307   -11.143 -6.075  1.00 18.07 ? 44  ASN A O   1 
ATOM   353  C CB  . ASN A 1 44  ? -1.760  -10.729 -5.901  1.00 25.69 ? 44  ASN A CB  1 
ATOM   354  C CG  . ASN A 1 44  ? -3.205  -10.829 -5.380  1.00 31.16 ? 44  ASN A CG  1 
ATOM   355  O OD1 . ASN A 1 44  ? -3.668  -9.976  -4.616  1.00 33.84 ? 44  ASN A OD1 1 
ATOM   356  N ND2 . ASN A 1 44  ? -3.927  -11.853 -5.820  1.00 29.91 ? 44  ASN A ND2 1 
ATOM   357  N N   . TYR A 1 45  ? 0.423   -12.952 -7.087  1.00 20.77 ? 45  TYR A N   1 
ATOM   358  C CA  . TYR A 1 45  ? 1.551   -13.162 -7.999  1.00 20.42 ? 45  TYR A CA  1 
ATOM   359  C C   . TYR A 1 45  ? 1.523   -12.157 -9.119  1.00 21.31 ? 45  TYR A C   1 
ATOM   360  O O   . TYR A 1 45  ? 0.489   -11.995 -9.773  1.00 26.25 ? 45  TYR A O   1 
ATOM   361  C CB  . TYR A 1 45  ? 1.482   -14.541 -8.645  1.00 21.97 ? 45  TYR A CB  1 
ATOM   362  C CG  . TYR A 1 45  ? 2.691   -14.828 -9.505  1.00 19.56 ? 45  TYR A CG  1 
ATOM   363  C CD1 . TYR A 1 45  ? 3.912   -15.132 -8.919  1.00 18.04 ? 45  TYR A CD1 1 
ATOM   364  C CD2 . TYR A 1 45  ? 2.635   -14.716 -10.893 1.00 20.68 ? 45  TYR A CD2 1 
ATOM   365  C CE1 . TYR A 1 45  ? 5.053   -15.307 -9.685  1.00 21.62 ? 45  TYR A CE1 1 
ATOM   366  C CE2 . TYR A 1 45  ? 3.777   -14.891 -11.673 1.00 21.53 ? 45  TYR A CE2 1 
ATOM   367  C CZ  . TYR A 1 45  ? 4.988   -15.189 -11.063 1.00 20.17 ? 45  TYR A CZ  1 
ATOM   368  O OH  . TYR A 1 45  ? 6.125   -15.410 -11.816 1.00 19.69 ? 45  TYR A OH  1 
ATOM   369  N N   . ASN A 1 46  ? 2.667   -11.535 -9.390  1.00 20.87 ? 46  ASN A N   1 
ATOM   370  C CA  . ASN A 1 46  ? 2.733   -10.547 -10.476 1.00 19.00 ? 46  ASN A CA  1 
ATOM   371  C C   . ASN A 1 46  ? 3.215   -11.297 -11.687 1.00 23.44 ? 46  ASN A C   1 
ATOM   372  O O   . ASN A 1 46  ? 4.390   -11.611 -11.803 1.00 24.13 ? 46  ASN A O   1 
ATOM   373  C CB  . ASN A 1 46  ? 3.687   -9.405  -10.203 1.00 18.26 ? 46  ASN A CB  1 
ATOM   374  C CG  . ASN A 1 46  ? 3.366   -8.670  -8.891  1.00 17.79 ? 46  ASN A CG  1 
ATOM   375  O OD1 . ASN A 1 46  ? 4.267   -8.282  -8.148  1.00 23.23 ? 46  ASN A OD1 1 
ATOM   376  N ND2 . ASN A 1 46  ? 2.099   -8.496  -8.625  1.00 17.46 ? 46  ASN A ND2 1 
ATOM   377  N N   . ALA A 1 47  ? 2.257   -11.578 -12.574 1.00 28.24 ? 47  ALA A N   1 
ATOM   378  C CA  . ALA A 1 47  ? 2.464   -12.359 -13.811 1.00 32.57 ? 47  ALA A CA  1 
ATOM   379  C C   . ALA A 1 47  ? 3.604   -11.953 -14.778 1.00 34.92 ? 47  ALA A C   1 
ATOM   380  O O   . ALA A 1 47  ? 4.291   -12.791 -15.331 1.00 35.93 ? 47  ALA A O   1 
ATOM   381  C CB  . ALA A 1 47  ? 1.141   -12.424 -14.593 1.00 32.63 ? 47  ALA A CB  1 
ATOM   382  N N   . GLY A 1 48  ? 3.825   -10.678 -14.984 1.00 37.30 ? 48  GLY A N   1 
ATOM   383  C CA  . GLY A 1 48  ? 4.867   -10.332 -15.928 1.00 41.00 ? 48  GLY A CA  1 
ATOM   384  C C   . GLY A 1 48  ? 6.119   -9.878  -15.253 1.00 38.36 ? 48  GLY A C   1 
ATOM   385  O O   . GLY A 1 48  ? 6.997   -9.381  -15.945 1.00 41.28 ? 48  GLY A O   1 
ATOM   386  N N   . ASP A 1 49  ? 6.130   -9.954  -13.919 1.00 34.85 ? 49  ASP A N   1 
ATOM   387  C CA  . ASP A 1 49  ? 7.263   -9.467  -13.179 1.00 29.04 ? 49  ASP A CA  1 
ATOM   388  C C   . ASP A 1 49  ? 8.025   -10.536 -12.431 1.00 23.98 ? 49  ASP A C   1 
ATOM   389  O O   . ASP A 1 49  ? 9.049   -10.220 -11.868 1.00 19.41 ? 49  ASP A O   1 
ATOM   390  C CB  . ASP A 1 49  ? 6.757   -8.378  -12.212 1.00 31.61 ? 49  ASP A CB  1 
ATOM   391  C CG  . ASP A 1 49  ? 7.765   -7.255  -11.992 1.00 34.36 ? 49  ASP A CG  1 
ATOM   392  O OD1 . ASP A 1 49  ? 8.354   -6.777  -12.990 1.00 33.20 ? 49  ASP A OD1 1 
ATOM   393  O OD2 . ASP A 1 49  ? 7.989   -6.882  -10.809 1.00 39.93 ? 49  ASP A OD2 1 
ATOM   394  N N   . ARG A 1 50  ? 7.610   -11.798 -12.545 1.00 20.73 ? 50  ARG A N   1 
ATOM   395  C CA  . ARG A 1 50  ? 8.278   -12.907 -11.827 1.00 20.00 ? 50  ARG A CA  1 
ATOM   396  C C   . ARG A 1 50  ? 8.519   -12.463 -10.384 1.00 17.04 ? 50  ARG A C   1 
ATOM   397  O O   . ARG A 1 50  ? 9.643   -12.476 -9.889  1.00 12.91 ? 50  ARG A O   1 
ATOM   398  C CB  . ARG A 1 50  ? 9.619   -13.291 -12.462 1.00 21.09 ? 50  ARG A CB  1 
ATOM   399  C CG  . ARG A 1 50  ? 9.569   -13.833 -13.873 1.00 24.25 ? 50  ARG A CG  1 
ATOM   400  C CD  . ARG A 1 50  ? 10.977  -14.286 -14.288 1.00 32.57 ? 50  ARG A CD  1 
ATOM   401  N NE  . ARG A 1 50  ? 11.068  -14.670 -15.703 1.00 35.69 ? 50  ARG A NE  1 
ATOM   402  C CZ  . ARG A 1 50  ? 10.815  -15.888 -16.188 1.00 36.15 ? 50  ARG A CZ  1 
ATOM   403  N NH1 . ARG A 1 50  ? 10.442  -16.894 -15.384 1.00 28.03 ? 50  ARG A NH1 1 
ATOM   404  N NH2 . ARG A 1 50  ? 10.961  -16.100 -17.492 1.00 33.53 ? 50  ARG A NH2 1 
ATOM   405  N N   . SER A 1 51  ? 7.451   -12.030 -9.736  1.00 16.99 ? 51  SER A N   1 
ATOM   406  C CA  . SER A 1 51  ? 7.545   -11.567 -8.369  1.00 14.38 ? 51  SER A CA  1 
ATOM   407  C C   . SER A 1 51  ? 6.180   -11.715 -7.745  1.00 14.04 ? 51  SER A C   1 
ATOM   408  O O   . SER A 1 51  ? 5.242   -12.250 -8.364  1.00 14.31 ? 51  SER A O   1 
ATOM   409  C CB  . SER A 1 51  ? 7.994   -10.111 -8.334  1.00 11.86 ? 51  SER A CB  1 
ATOM   410  O OG  . SER A 1 51  ? 7.086   -9.295  -9.050  1.00 11.72 ? 51  SER A OG  1 
ATOM   411  N N   . THR A 1 52  ? 6.062   -11.235 -6.523  1.00 11.60 ? 52  THR A N   1 
ATOM   412  C CA  . THR A 1 52  ? 4.807   -11.313 -5.805  1.00 15.11 ? 52  THR A CA  1 
ATOM   413  C C   . THR A 1 52  ? 4.554   -9.989  -5.093  1.00 12.23 ? 52  THR A C   1 
ATOM   414  O O   . THR A 1 52  ? 5.497   -9.286  -4.737  1.00 13.28 ? 52  THR A O   1 
ATOM   415  C CB  . THR A 1 52  ? 4.839   -12.495 -4.813  1.00 17.46 ? 52  THR A CB  1 
ATOM   416  O OG1 . THR A 1 52  ? 5.099   -13.712 -5.544  1.00 19.43 ? 52  THR A OG1 1 
ATOM   417  C CG2 . THR A 1 52  ? 3.503   -12.620 -4.044  1.00 20.26 ? 52  THR A CG2 1 
ATOM   418  N N   . ASP A 1 53  ? 3.285   -9.610  -5.002  1.00 13.79 ? 53  ASP A N   1 
ATOM   419  C CA  . ASP A 1 53  ? 2.875   -8.393  -4.323  1.00 9.94  ? 53  ASP A CA  1 
ATOM   420  C C   . ASP A 1 53  ? 2.397   -8.817  -2.943  1.00 13.97 ? 53  ASP A C   1 
ATOM   421  O O   . ASP A 1 53  ? 1.696   -9.827  -2.808  1.00 11.50 ? 53  ASP A O   1 
ATOM   422  C CB  . ASP A 1 53  ? 1.773   -7.694  -5.103  1.00 8.87  ? 53  ASP A CB  1 
ATOM   423  C CG  . ASP A 1 53  ? 2.295   -6.533  -5.919  1.00 11.87 ? 53  ASP A CG  1 
ATOM   424  O OD1 . ASP A 1 53  ? 3.530   -6.434  -6.087  1.00 9.34  ? 53  ASP A OD1 1 
ATOM   425  O OD2 . ASP A 1 53  ? 1.476   -5.710  -6.367  1.00 15.52 ? 53  ASP A OD2 1 
ATOM   426  N N   . TYR A 1 54  ? 2.770   -8.045  -1.926  1.00 13.28 ? 54  TYR A N   1 
ATOM   427  C CA  . TYR A 1 54  ? 2.436   -8.372  -0.554  1.00 11.42 ? 54  TYR A CA  1 
ATOM   428  C C   . TYR A 1 54  ? 1.708   -7.346  0.302   1.00 11.98 ? 54  TYR A C   1 
ATOM   429  O O   . TYR A 1 54  ? 2.038   -6.161  0.301   1.00 9.21  ? 54  TYR A O   1 
ATOM   430  C CB  . TYR A 1 54  ? 3.713   -8.744  0.181   1.00 12.35 ? 54  TYR A CB  1 
ATOM   431  C CG  . TYR A 1 54  ? 4.365   -10.014 -0.289  1.00 10.21 ? 54  TYR A CG  1 
ATOM   432  C CD1 . TYR A 1 54  ? 5.279   -10.007 -1.333  1.00 7.49  ? 54  TYR A CD1 1 
ATOM   433  C CD2 . TYR A 1 54  ? 4.123   -11.208 0.367   1.00 9.25  ? 54  TYR A CD2 1 
ATOM   434  C CE1 . TYR A 1 54  ? 5.950   -11.158 -1.710  1.00 6.47  ? 54  TYR A CE1 1 
ATOM   435  C CE2 . TYR A 1 54  ? 4.788   -12.362 0.004   1.00 12.47 ? 54  TYR A CE2 1 
ATOM   436  C CZ  . TYR A 1 54  ? 5.699   -12.328 -1.028  1.00 7.41  ? 54  TYR A CZ  1 
ATOM   437  O OH  . TYR A 1 54  ? 6.403   -13.469 -1.309  1.00 15.10 ? 54  TYR A OH  1 
ATOM   438  N N   . GLY A 1 55  ? 0.727   -7.848  1.046   1.00 10.15 ? 55  GLY A N   1 
ATOM   439  C CA  . GLY A 1 55  ? -0.030  -7.048  1.978   1.00 9.84  ? 55  GLY A CA  1 
ATOM   440  C C   . GLY A 1 55  ? -1.065  -6.045  1.536   1.00 11.50 ? 55  GLY A C   1 
ATOM   441  O O   . GLY A 1 55  ? -1.502  -5.980  0.384   1.00 12.73 ? 55  GLY A O   1 
ATOM   442  N N   . ILE A 1 56  ? -1.451  -5.246  2.518   1.00 12.37 ? 56  ILE A N   1 
ATOM   443  C CA  . ILE A 1 56  ? -2.459  -4.218  2.390   1.00 12.84 ? 56  ILE A CA  1 
ATOM   444  C C   . ILE A 1 56  ? -2.206  -3.254  1.212   1.00 12.13 ? 56  ILE A C   1 
ATOM   445  O O   . ILE A 1 56  ? -3.130  -2.921  0.477   1.00 14.54 ? 56  ILE A O   1 
ATOM   446  C CB  . ILE A 1 56  ? -2.628  -3.523  3.801   1.00 15.34 ? 56  ILE A CB  1 
ATOM   447  C CG1 . ILE A 1 56  ? -4.025  -2.946  3.986   1.00 17.71 ? 56  ILE A CG1 1 
ATOM   448  C CG2 . ILE A 1 56  ? -1.551  -2.468  4.050   1.00 15.22 ? 56  ILE A CG2 1 
ATOM   449  C CD1 . ILE A 1 56  ? -4.335  -2.646  5.438   1.00 15.28 ? 56  ILE A CD1 1 
ATOM   450  N N   . PHE A 1 57  ? -0.954  -2.867  0.987   1.00 12.54 ? 57  PHE A N   1 
ATOM   451  C CA  . PHE A 1 57  ? -0.624  -1.961  -0.121  1.00 14.78 ? 57  PHE A CA  1 
ATOM   452  C C   . PHE A 1 57  ? -0.056  -2.709  -1.322  1.00 13.79 ? 57  PHE A C   1 
ATOM   453  O O   . PHE A 1 57  ? 0.469   -2.077  -2.238  1.00 15.25 ? 57  PHE A O   1 
ATOM   454  C CB  . PHE A 1 57  ? 0.408   -0.897  0.311   1.00 14.85 ? 57  PHE A CB  1 
ATOM   455  C CG  . PHE A 1 57  ? -0.109  0.061   1.335   1.00 16.72 ? 57  PHE A CG  1 
ATOM   456  C CD1 . PHE A 1 57  ? -1.182  0.892   1.046   1.00 16.40 ? 57  PHE A CD1 1 
ATOM   457  C CD2 . PHE A 1 57  ? 0.430   0.088   2.620   1.00 21.57 ? 57  PHE A CD2 1 
ATOM   458  C CE1 . PHE A 1 57  ? -1.717  1.730   2.031   1.00 17.00 ? 57  PHE A CE1 1 
ATOM   459  C CE2 . PHE A 1 57  ? -0.106  0.927   3.606   1.00 20.43 ? 57  PHE A CE2 1 
ATOM   460  C CZ  . PHE A 1 57  ? -1.182  1.744   3.301   1.00 15.73 ? 57  PHE A CZ  1 
ATOM   461  N N   . GLN A 1 58  ? -0.108  -4.040  -1.285  1.00 10.06 ? 58  GLN A N   1 
ATOM   462  C CA  . GLN A 1 58  ? 0.409   -4.878  -2.370  1.00 10.14 ? 58  GLN A CA  1 
ATOM   463  C C   . GLN A 1 58  ? 1.774   -4.420  -2.910  1.00 12.70 ? 58  GLN A C   1 
ATOM   464  O O   . GLN A 1 58  ? 1.907   -4.070  -4.090  1.00 11.11 ? 58  GLN A O   1 
ATOM   465  C CB  . GLN A 1 58  ? -0.626  -4.951  -3.492  1.00 12.10 ? 58  GLN A CB  1 
ATOM   466  C CG  . GLN A 1 58  ? -1.865  -5.763  -3.142  1.00 7.72  ? 58  GLN A CG  1 
ATOM   467  C CD  . GLN A 1 58  ? -1.573  -7.257  -3.118  1.00 9.18  ? 58  GLN A CD  1 
ATOM   468  O OE1 . GLN A 1 58  ? -1.552  -7.917  -4.165  1.00 9.46  ? 58  GLN A OE1 1 
ATOM   469  N NE2 . GLN A 1 58  ? -1.323  -7.795  -1.927  1.00 7.82  ? 58  GLN A NE2 1 
ATOM   470  N N   . ILE A 1 59  ? 2.787   -4.426  -2.039  1.00 15.28 ? 59  ILE A N   1 
ATOM   471  C CA  . ILE A 1 59  ? 4.153   -3.992  -2.400  1.00 14.03 ? 59  ILE A CA  1 
ATOM   472  C C   . ILE A 1 59  ? 4.927   -5.124  -3.113  1.00 12.21 ? 59  ILE A C   1 
ATOM   473  O O   . ILE A 1 59  ? 4.970   -6.252  -2.623  1.00 9.33  ? 59  ILE A O   1 
ATOM   474  C CB  . ILE A 1 59  ? 4.933   -3.519  -1.132  1.00 15.46 ? 59  ILE A CB  1 
ATOM   475  C CG1 . ILE A 1 59  ? 4.128   -2.482  -0.329  1.00 17.27 ? 59  ILE A CG1 1 
ATOM   476  C CG2 . ILE A 1 59  ? 6.254   -2.917  -1.516  1.00 21.21 ? 59  ILE A CG2 1 
ATOM   477  C CD1 . ILE A 1 59  ? 4.124   -1.093  -0.869  1.00 14.80 ? 59  ILE A CD1 1 
ATOM   478  N N   . ASN A 1 60  ? 5.568   -4.779  -4.230  1.00 9.86  ? 60  ASN A N   1 
ATOM   479  C CA  . ASN A 1 60  ? 6.326   -5.691  -5.093  1.00 11.50 ? 60  ASN A CA  1 
ATOM   480  C C   . ASN A 1 60  ? 7.689   -6.213  -4.570  1.00 11.30 ? 60  ASN A C   1 
ATOM   481  O O   . ASN A 1 60  ? 8.628   -5.443  -4.403  1.00 11.32 ? 60  ASN A O   1 
ATOM   482  C CB  . ASN A 1 60  ? 6.523   -4.981  -6.449  1.00 9.28  ? 60  ASN A CB  1 
ATOM   483  C CG  . ASN A 1 60  ? 6.850   -5.930  -7.570  1.00 9.75  ? 60  ASN A CG  1 
ATOM   484  O OD1 . ASN A 1 60  ? 7.486   -6.960  -7.369  1.00 11.71 ? 60  ASN A OD1 1 
ATOM   485  N ND2 . ASN A 1 60  ? 6.448   -5.567  -8.771  1.00 7.92  ? 60  ASN A ND2 1 
ATOM   486  N N   . SER A 1 61  ? 7.827   -7.530  -4.440  1.00 14.53 ? 61  SER A N   1 
ATOM   487  C CA  . SER A 1 61  ? 9.061   -8.182  -3.952  1.00 15.68 ? 61  SER A CA  1 
ATOM   488  C C   . SER A 1 61  ? 10.292  -8.042  -4.867  1.00 18.24 ? 61  SER A C   1 
ATOM   489  O O   . SER A 1 61  ? 11.401  -8.449  -4.504  1.00 18.16 ? 61  SER A O   1 
ATOM   490  C CB  . SER A 1 61  ? 8.811   -9.680  -3.688  1.00 12.53 ? 61  SER A CB  1 
ATOM   491  O OG  . SER A 1 61  ? 8.457   -10.350 -4.879  1.00 10.26 ? 61  SER A OG  1 
ATOM   492  N N   . ARG A 1 62  ? 10.097  -7.483  -6.058  1.00 17.47 ? 62  ARG A N   1 
ATOM   493  C CA  . ARG A 1 62  ? 11.195  -7.285  -6.998  1.00 18.20 ? 62  ARG A CA  1 
ATOM   494  C C   . ARG A 1 62  ? 11.987  -6.014  -6.699  1.00 16.72 ? 62  ARG A C   1 
ATOM   495  O O   . ARG A 1 62  ? 13.210  -5.948  -6.907  1.00 15.35 ? 62  ARG A O   1 
ATOM   496  C CB  . ARG A 1 62  ? 10.637  -7.238  -8.438  1.00 20.10 ? 62  ARG A CB  1 
ATOM   497  C CG  . ARG A 1 62  ? 11.487  -6.492  -9.454  1.00 21.83 ? 62  ARG A CG  1 
ATOM   498  C CD  . ARG A 1 62  ? 11.478  -7.190  -10.782 1.00 27.99 ? 62  ARG A CD  1 
ATOM   499  N NE  . ARG A 1 62  ? 11.985  -8.547  -10.617 1.00 36.25 ? 62  ARG A NE  1 
ATOM   500  C CZ  . ARG A 1 62  ? 11.855  -9.510  -11.519 1.00 40.04 ? 62  ARG A CZ  1 
ATOM   501  N NH1 . ARG A 1 62  ? 11.240  -9.271  -12.677 1.00 46.04 ? 62  ARG A NH1 1 
ATOM   502  N NH2 . ARG A 1 62  ? 12.243  -10.743 -11.223 1.00 38.68 ? 62  ARG A NH2 1 
ATOM   503  N N   . TYR A 1 63  ? 11.302  -5.023  -6.151  1.00 13.71 ? 63  TYR A N   1 
ATOM   504  C CA  . TYR A 1 63  ? 11.952  -3.743  -5.886  1.00 16.90 ? 63  TYR A CA  1 
ATOM   505  C C   . TYR A 1 63  ? 11.973  -3.273  -4.432  1.00 15.34 ? 63  TYR A C   1 
ATOM   506  O O   . TYR A 1 63  ? 12.872  -2.535  -4.054  1.00 14.18 ? 63  TYR A O   1 
ATOM   507  C CB  . TYR A 1 63  ? 11.262  -2.641  -6.714  1.00 16.29 ? 63  TYR A CB  1 
ATOM   508  C CG  . TYR A 1 63  ? 11.059  -2.955  -8.177  1.00 17.19 ? 63  TYR A CG  1 
ATOM   509  C CD1 . TYR A 1 63  ? 12.072  -2.737  -9.105  1.00 16.99 ? 63  TYR A CD1 1 
ATOM   510  C CD2 . TYR A 1 63  ? 9.854   -3.466  -8.632  1.00 13.44 ? 63  TYR A CD2 1 
ATOM   511  C CE1 . TYR A 1 63  ? 11.883  -3.026  -10.453 1.00 21.53 ? 63  TYR A CE1 1 
ATOM   512  C CE2 . TYR A 1 63  ? 9.654   -3.752  -9.968  1.00 17.03 ? 63  TYR A CE2 1 
ATOM   513  C CZ  . TYR A 1 63  ? 10.672  -3.529  -10.876 1.00 19.07 ? 63  TYR A CZ  1 
ATOM   514  O OH  . TYR A 1 63  ? 10.470  -3.785  -12.215 1.00 23.80 ? 63  TYR A OH  1 
ATOM   515  N N   . TRP A 1 64  ? 11.039  -3.756  -3.613  1.00 12.72 ? 64  TRP A N   1 
ATOM   516  C CA  . TRP A 1 64  ? 10.893  -3.262  -2.243  1.00 13.36 ? 64  TRP A CA  1 
ATOM   517  C C   . TRP A 1 64  ? 11.115  -4.133  -1.020  1.00 14.39 ? 64  TRP A C   1 
ATOM   518  O O   . TRP A 1 64  ? 11.602  -3.660  -0.001  1.00 17.93 ? 64  TRP A O   1 
ATOM   519  C CB  . TRP A 1 64  ? 9.525   -2.626  -2.138  1.00 12.06 ? 64  TRP A CB  1 
ATOM   520  C CG  . TRP A 1 64  ? 9.262   -1.710  -3.249  1.00 8.88  ? 64  TRP A CG  1 
ATOM   521  C CD1 . TRP A 1 64  ? 8.376   -1.884  -4.285  1.00 8.55  ? 64  TRP A CD1 1 
ATOM   522  C CD2 . TRP A 1 64  ? 9.889   -0.451  -3.457  1.00 10.53 ? 64  TRP A CD2 1 
ATOM   523  N NE1 . TRP A 1 64  ? 8.418   -0.796  -5.124  1.00 8.79  ? 64  TRP A NE1 1 
ATOM   524  C CE2 . TRP A 1 64  ? 9.338   0.099   -4.640  1.00 8.39  ? 64  TRP A CE2 1 
ATOM   525  C CE3 . TRP A 1 64  ? 10.866  0.270   -2.754  1.00 10.47 ? 64  TRP A CE3 1 
ATOM   526  C CZ2 . TRP A 1 64  ? 9.731   1.347   -5.138  1.00 12.36 ? 64  TRP A CZ2 1 
ATOM   527  C CZ3 . TRP A 1 64  ? 11.261  1.506   -3.244  1.00 11.00 ? 64  TRP A CZ3 1 
ATOM   528  C CH2 . TRP A 1 64  ? 10.691  2.038   -4.429  1.00 13.31 ? 64  TRP A CH2 1 
ATOM   529  N N   . CYS A 1 65  ? 10.726  -5.384  -1.077  1.00 14.42 ? 65  CYS A N   1 
ATOM   530  C CA  . CYS A 1 65  ? 10.926  -6.221  0.076   1.00 15.66 ? 65  CYS A CA  1 
ATOM   531  C C   . CYS A 1 65  ? 11.523  -7.492  -0.457  1.00 15.52 ? 65  CYS A C   1 
ATOM   532  O O   . CYS A 1 65  ? 11.312  -7.825  -1.623  1.00 14.68 ? 65  CYS A O   1 
ATOM   533  C CB  . CYS A 1 65  ? 9.585   -6.479  0.787   1.00 13.90 ? 65  CYS A CB  1 
ATOM   534  S SG  . CYS A 1 65  ? 8.311   -7.371  -0.165  1.00 15.11 ? 65  CYS A SG  1 
ATOM   535  N N   . ASN A 1 66  ? 12.322  -8.169  0.364   1.00 14.96 ? 66  ASN A N   1 
ATOM   536  C CA  . ASN A 1 66  ? 12.946  -9.416  -0.060  1.00 18.48 ? 66  ASN A CA  1 
ATOM   537  C C   . ASN A 1 66  ? 12.127  -10.591 0.447   1.00 18.64 ? 66  ASN A C   1 
ATOM   538  O O   . ASN A 1 66  ? 11.899  -10.714 1.656   1.00 18.21 ? 66  ASN A O   1 
ATOM   539  C CB  . ASN A 1 66  ? 14.395  -9.495  0.455   1.00 22.20 ? 66  ASN A CB  1 
ATOM   540  C CG  . ASN A 1 66  ? 14.989  -10.907 0.353   1.00 23.90 ? 66  ASN A CG  1 
ATOM   541  O OD1 . ASN A 1 66  ? 14.991  -11.516 -0.711  1.00 30.96 ? 66  ASN A OD1 1 
ATOM   542  N ND2 . ASN A 1 66  ? 15.482  -11.424 1.467   1.00 21.54 ? 66  ASN A ND2 1 
ATOM   543  N N   . ASP A 1 67  ? 11.614  -11.412 -0.470  1.00 19.76 ? 67  ASP A N   1 
ATOM   544  C CA  . ASP A 1 67  ? 10.827  -12.589 -0.081  1.00 18.26 ? 67  ASP A CA  1 
ATOM   545  C C   . ASP A 1 67  ? 11.633  -13.861 -0.232  1.00 19.78 ? 67  ASP A C   1 
ATOM   546  O O   . ASP A 1 67  ? 11.124  -14.955 -0.006  1.00 21.21 ? 67  ASP A O   1 
ATOM   547  C CB  . ASP A 1 67  ? 9.483   -12.687 -0.832  1.00 16.15 ? 67  ASP A CB  1 
ATOM   548  C CG  . ASP A 1 67  ? 9.618   -13.042 -2.321  1.00 17.14 ? 67  ASP A CG  1 
ATOM   549  O OD1 . ASP A 1 67  ? 10.715  -12.970 -2.914  1.00 17.08 ? 67  ASP A OD1 1 
ATOM   550  O OD2 . ASP A 1 67  ? 8.578   -13.387 -2.916  1.00 18.77 ? 67  ASP A OD2 1 
ATOM   551  N N   . GLY A 1 68  ? 12.890  -13.702 -0.638  1.00 21.01 ? 68  GLY A N   1 
ATOM   552  C CA  . GLY A 1 68  ? 13.780  -14.832 -0.815  1.00 23.79 ? 68  GLY A CA  1 
ATOM   553  C C   . GLY A 1 68  ? 13.506  -15.737 -2.004  1.00 24.77 ? 68  GLY A C   1 
ATOM   554  O O   . GLY A 1 68  ? 14.021  -16.853 -2.044  1.00 25.27 ? 68  GLY A O   1 
ATOM   555  N N   . LYS A 1 69  ? 12.717  -15.280 -2.974  1.00 24.26 ? 69  LYS A N   1 
ATOM   556  C CA  . LYS A 1 69  ? 12.430  -16.120 -4.129  1.00 26.04 ? 69  LYS A CA  1 
ATOM   557  C C   . LYS A 1 69  ? 12.067  -15.358 -5.378  1.00 24.75 ? 69  LYS A C   1 
ATOM   558  O O   . LYS A 1 69  ? 11.387  -15.872 -6.269  1.00 30.07 ? 69  LYS A O   1 
ATOM   559  C CB  . LYS A 1 69  ? 11.369  -17.178 -3.792  1.00 27.17 ? 69  LYS A CB  1 
ATOM   560  C CG  . LYS A 1 69  ? 10.031  -16.666 -3.356  1.00 32.27 ? 69  LYS A CG  1 
ATOM   561  C CD  . LYS A 1 69  ? 9.169   -17.821 -2.879  1.00 34.66 ? 69  LYS A CD  1 
ATOM   562  C CE  . LYS A 1 69  ? 7.792   -17.336 -2.439  1.00 37.88 ? 69  LYS A CE  1 
ATOM   563  N NZ  . LYS A 1 69  ? 7.074   -16.543 -3.492  1.00 38.66 ? 69  LYS A NZ  1 
ATOM   564  N N   . THR A 1 70  ? 12.540  -14.129 -5.454  1.00 22.94 ? 70  THR A N   1 
ATOM   565  C CA  . THR A 1 70  ? 12.279  -13.280 -6.607  1.00 21.88 ? 70  THR A CA  1 
ATOM   566  C C   . THR A 1 70  ? 13.601  -13.067 -7.355  1.00 22.26 ? 70  THR A C   1 
ATOM   567  O O   . THR A 1 70  ? 14.620  -12.750 -6.741  1.00 24.56 ? 70  THR A O   1 
ATOM   568  C CB  . THR A 1 70  ? 11.682  -11.925 -6.151  1.00 19.70 ? 70  THR A CB  1 
ATOM   569  O OG1 . THR A 1 70  ? 10.429  -12.166 -5.493  1.00 18.99 ? 70  THR A OG1 1 
ATOM   570  C CG2 . THR A 1 70  ? 11.479  -10.966 -7.331  1.00 14.65 ? 70  THR A CG2 1 
ATOM   571  N N   . PRO A 1 71  ? 13.637  -13.369 -8.657  1.00 19.91 ? 71  PRO A N   1 
ATOM   572  C CA  . PRO A 1 71  ? 14.869  -13.180 -9.425  1.00 20.17 ? 71  PRO A CA  1 
ATOM   573  C C   . PRO A 1 71  ? 15.263  -11.692 -9.566  1.00 21.06 ? 71  PRO A C   1 
ATOM   574  O O   . PRO A 1 71  ? 14.432  -10.836 -9.867  1.00 19.27 ? 71  PRO A O   1 
ATOM   575  C CB  . PRO A 1 71  ? 14.517  -13.801 -10.779 1.00 20.90 ? 71  PRO A CB  1 
ATOM   576  C CG  . PRO A 1 71  ? 13.535  -14.861 -10.413 1.00 21.21 ? 71  PRO A CG  1 
ATOM   577  C CD  . PRO A 1 71  ? 12.662  -14.164 -9.425  1.00 19.75 ? 71  PRO A CD  1 
ATOM   578  N N   . GLY A 1 72  ? 16.536  -11.392 -9.316  1.00 24.16 ? 72  GLY A N   1 
ATOM   579  C CA  . GLY A 1 72  ? 17.045  -10.024 -9.427  1.00 24.38 ? 72  GLY A CA  1 
ATOM   580  C C   . GLY A 1 72  ? 16.310  -8.939  -8.657  1.00 23.97 ? 72  GLY A C   1 
ATOM   581  O O   . GLY A 1 72  ? 15.985  -7.899  -9.209  1.00 26.60 ? 72  GLY A O   1 
ATOM   582  N N   . ALA A 1 73  ? 16.090  -9.167  -7.372  1.00 22.84 ? 73  ALA A N   1 
ATOM   583  C CA  . ALA A 1 73  ? 15.379  -8.210  -6.537  1.00 23.97 ? 73  ALA A CA  1 
ATOM   584  C C   . ALA A 1 73  ? 16.317  -7.161  -5.945  1.00 25.34 ? 73  ALA A C   1 
ATOM   585  O O   . ALA A 1 73  ? 17.524  -7.399  -5.835  1.00 26.25 ? 73  ALA A O   1 
ATOM   586  C CB  . ALA A 1 73  ? 14.654  -8.953  -5.438  1.00 19.70 ? 73  ALA A CB  1 
ATOM   587  N N   . VAL A 1 74  ? 15.770  -6.000  -5.579  1.00 24.99 ? 74  VAL A N   1 
ATOM   588  C CA  . VAL A 1 74  ? 16.571  -4.931  -4.980  1.00 23.78 ? 74  VAL A CA  1 
ATOM   589  C C   . VAL A 1 74  ? 16.324  -4.673  -3.480  1.00 26.09 ? 74  VAL A C   1 
ATOM   590  O O   . VAL A 1 74  ? 17.271  -4.403  -2.733  1.00 34.01 ? 74  VAL A O   1 
ATOM   591  C CB  . VAL A 1 74  ? 16.507  -3.604  -5.780  1.00 20.05 ? 74  VAL A CB  1 
ATOM   592  C CG1 . VAL A 1 74  ? 17.333  -3.707  -7.040  1.00 23.19 ? 74  VAL A CG1 1 
ATOM   593  C CG2 . VAL A 1 74  ? 15.114  -3.250  -6.115  1.00 26.53 ? 74  VAL A CG2 1 
ATOM   594  N N   . ASN A 1 75  ? 15.079  -4.727  -3.025  1.00 23.48 ? 75  ASN A N   1 
ATOM   595  C CA  . ASN A 1 75  ? 14.802  -4.525  -1.595  1.00 20.01 ? 75  ASN A CA  1 
ATOM   596  C C   . ASN A 1 75  ? 15.048  -3.097  -1.099  1.00 17.27 ? 75  ASN A C   1 
ATOM   597  O O   . ASN A 1 75  ? 15.706  -2.885  -0.079  1.00 19.83 ? 75  ASN A O   1 
ATOM   598  C CB  . ASN A 1 75  ? 15.636  -5.518  -0.767  1.00 16.32 ? 75  ASN A CB  1 
ATOM   599  C CG  . ASN A 1 75  ? 15.174  -5.631  0.673   1.00 18.52 ? 75  ASN A CG  1 
ATOM   600  O OD1 . ASN A 1 75  ? 14.227  -4.949  1.115   1.00 15.86 ? 75  ASN A OD1 1 
ATOM   601  N ND2 . ASN A 1 75  ? 15.815  -6.524  1.411   1.00 17.96 ? 75  ASN A ND2 1 
ATOM   602  N N   . ALA A 1 76  ? 14.486  -2.120  -1.791  1.00 14.13 ? 76  ALA A N   1 
ATOM   603  C CA  . ALA A 1 76  ? 14.670  -0.722  -1.409  1.00 14.32 ? 76  ALA A CA  1 
ATOM   604  C C   . ALA A 1 76  ? 14.083  -0.352  -0.057  1.00 13.65 ? 76  ALA A C   1 
ATOM   605  O O   . ALA A 1 76  ? 14.437  0.666   0.510   1.00 14.03 ? 76  ALA A O   1 
ATOM   606  C CB  . ALA A 1 76  ? 14.145  0.207   -2.492  1.00 12.59 ? 76  ALA A CB  1 
ATOM   607  N N   . CYS A 1 77  ? 13.163  -1.152  0.456   1.00 14.86 ? 77  CYS A N   1 
ATOM   608  C CA  . CYS A 1 77  ? 12.588  -0.863  1.769   1.00 16.48 ? 77  CYS A CA  1 
ATOM   609  C C   . CYS A 1 77  ? 13.396  -1.504  2.882   1.00 15.47 ? 77  CYS A C   1 
ATOM   610  O O   . CYS A 1 77  ? 13.165  -1.216  4.058   1.00 13.37 ? 77  CYS A O   1 
ATOM   611  C CB  . CYS A 1 77  ? 11.147  -1.355  1.869   1.00 13.49 ? 77  CYS A CB  1 
ATOM   612  S SG  . CYS A 1 77  ? 9.949   -0.289  1.039   1.00 15.65 ? 77  CYS A SG  1 
ATOM   613  N N   . HIS A 1 78  ? 14.322  -2.382  2.497   1.00 15.97 ? 78  HIS A N   1 
ATOM   614  C CA  . HIS A 1 78  ? 15.174  -3.108  3.426   1.00 15.34 ? 78  HIS A CA  1 
ATOM   615  C C   . HIS A 1 78  ? 14.325  -3.843  4.432   1.00 16.45 ? 78  HIS A C   1 
ATOM   616  O O   . HIS A 1 78  ? 14.615  -3.856  5.633   1.00 15.58 ? 78  HIS A O   1 
ATOM   617  C CB  . HIS A 1 78  ? 16.179  -2.177  4.088   1.00 14.80 ? 78  HIS A CB  1 
ATOM   618  C CG  . HIS A 1 78  ? 17.142  -1.588  3.117   1.00 16.83 ? 78  HIS A CG  1 
ATOM   619  N ND1 . HIS A 1 78  ? 16.958  -0.337  2.558   1.00 17.25 ? 78  HIS A ND1 1 
ATOM   620  C CD2 . HIS A 1 78  ? 18.215  -2.122  2.500   1.00 15.96 ? 78  HIS A CD2 1 
ATOM   621  C CE1 . HIS A 1 78  ? 17.867  -0.138  1.627   1.00 12.00 ? 78  HIS A CE1 1 
ATOM   622  N NE2 . HIS A 1 78  ? 18.644  -1.203  1.569   1.00 18.35 ? 78  HIS A NE2 1 
ATOM   623  N N   . LEU A 1 79  ? 13.274  -4.466  3.900   1.00 17.33 ? 79  LEU A N   1 
ATOM   624  C CA  . LEU A 1 79  ? 12.324  -5.239  4.677   1.00 17.26 ? 79  LEU A CA  1 
ATOM   625  C C   . LEU A 1 79  ? 12.187  -6.626  4.101   1.00 19.48 ? 79  LEU A C   1 
ATOM   626  O O   . LEU A 1 79  ? 12.274  -6.827  2.896   1.00 19.65 ? 79  LEU A O   1 
ATOM   627  C CB  . LEU A 1 79  ? 10.919  -4.655  4.586   1.00 15.89 ? 79  LEU A CB  1 
ATOM   628  C CG  . LEU A 1 79  ? 10.464  -3.439  5.357   1.00 22.85 ? 79  LEU A CG  1 
ATOM   629  C CD1 . LEU A 1 79  ? 9.006   -3.242  5.032   1.00 23.67 ? 79  LEU A CD1 1 
ATOM   630  C CD2 . LEU A 1 79  ? 10.655  -3.643  6.845   1.00 22.34 ? 79  LEU A CD2 1 
ATOM   631  N N   . SER A 1 80  ? 11.908  -7.569  4.983   1.00 19.06 ? 80  SER A N   1 
ATOM   632  C CA  . SER A 1 80  ? 11.640  -8.938  4.620   1.00 18.71 ? 80  SER A CA  1 
ATOM   633  C C   . SER A 1 80  ? 10.136  -8.845  4.295   1.00 18.01 ? 80  SER A C   1 
ATOM   634  O O   . SER A 1 80  ? 9.373   -8.253  5.071   1.00 21.25 ? 80  SER A O   1 
ATOM   635  C CB  . SER A 1 80  ? 11.875  -9.810  5.845   1.00 18.50 ? 80  SER A CB  1 
ATOM   636  O OG  . SER A 1 80  ? 11.162  -11.011 5.756   1.00 28.89 ? 80  SER A OG  1 
ATOM   637  N N   . CYS A 1 81  ? 9.702   -9.400  3.166   1.00 14.94 ? 81  CYS A N   1 
ATOM   638  C CA  . CYS A 1 81  ? 8.299   -9.310  2.774   1.00 12.61 ? 81  CYS A CA  1 
ATOM   639  C C   . CYS A 1 81  ? 7.296   -9.807  3.791   1.00 12.73 ? 81  CYS A C   1 
ATOM   640  O O   . CYS A 1 81  ? 6.161   -9.348  3.802   1.00 14.74 ? 81  CYS A O   1 
ATOM   641  C CB  . CYS A 1 81  ? 8.034   -9.981  1.428   1.00 12.51 ? 81  CYS A CB  1 
ATOM   642  S SG  . CYS A 1 81  ? 8.906   -9.296  -0.013  1.00 14.06 ? 81  CYS A SG  1 
ATOM   643  N N   . SER A 1 82  ? 7.689   -10.751 4.636   1.00 13.80 ? 82  SER A N   1 
ATOM   644  C CA  . SER A 1 82  ? 6.779   -11.251 5.664   1.00 15.36 ? 82  SER A CA  1 
ATOM   645  C C   . SER A 1 82  ? 6.369   -10.130 6.652   1.00 15.19 ? 82  SER A C   1 
ATOM   646  O O   . SER A 1 82  ? 5.300   -10.184 7.263   1.00 14.23 ? 82  SER A O   1 
ATOM   647  C CB  . SER A 1 82  ? 7.433   -12.411 6.421   1.00 16.23 ? 82  SER A CB  1 
ATOM   648  O OG  . SER A 1 82  ? 8.686   -12.014 6.953   1.00 16.15 ? 82  SER A OG  1 
ATOM   649  N N   . ALA A 1 83  ? 7.231   -9.127  6.808   1.00 13.76 ? 83  ALA A N   1 
ATOM   650  C CA  . ALA A 1 83  ? 6.948   -7.989  7.689   1.00 15.22 ? 83  ALA A CA  1 
ATOM   651  C C   . ALA A 1 83  ? 5.744   -7.190  7.196   1.00 13.75 ? 83  ALA A C   1 
ATOM   652  O O   . ALA A 1 83  ? 5.140   -6.453  7.944   1.00 15.35 ? 83  ALA A O   1 
ATOM   653  C CB  . ALA A 1 83  ? 8.178   -7.068  7.787   1.00 15.96 ? 83  ALA A CB  1 
ATOM   654  N N   . LEU A 1 84  ? 5.408   -7.357  5.927   1.00 15.00 ? 84  LEU A N   1 
ATOM   655  C CA  . LEU A 1 84  ? 4.282   -6.676  5.316   1.00 12.57 ? 84  LEU A CA  1 
ATOM   656  C C   . LEU A 1 84  ? 3.049   -7.575  5.337   1.00 13.00 ? 84  LEU A C   1 
ATOM   657  O O   . LEU A 1 84  ? 2.100   -7.344  4.588   1.00 12.58 ? 84  LEU A O   1 
ATOM   658  C CB  . LEU A 1 84  ? 4.608   -6.294  3.865   1.00 11.76 ? 84  LEU A CB  1 
ATOM   659  C CG  . LEU A 1 84  ? 5.925   -5.569  3.615   1.00 10.98 ? 84  LEU A CG  1 
ATOM   660  C CD1 . LEU A 1 84  ? 6.278   -5.644  2.150   1.00 10.62 ? 84  LEU A CD1 1 
ATOM   661  C CD2 . LEU A 1 84  ? 5.840   -4.170  4.100   1.00 9.28  ? 84  LEU A CD2 1 
ATOM   662  N N   . LEU A 1 85  ? 3.116   -8.665  6.104   1.00 15.47 ? 85  LEU A N   1 
ATOM   663  C CA  . LEU A 1 85  ? 1.972   -9.569  6.249   1.00 19.49 ? 85  LEU A CA  1 
ATOM   664  C C   . LEU A 1 85  ? 1.485   -9.600  7.701   1.00 21.63 ? 85  LEU A C   1 
ATOM   665  O O   . LEU A 1 85  ? 0.663   -10.457 8.066   1.00 24.01 ? 85  LEU A O   1 
ATOM   666  C CB  . LEU A 1 85  ? 2.309   -10.994 5.811   1.00 15.56 ? 85  LEU A CB  1 
ATOM   667  C CG  . LEU A 1 85  ? 2.643   -11.248 4.338   1.00 16.43 ? 85  LEU A CG  1 
ATOM   668  C CD1 . LEU A 1 85  ? 3.035   -12.698 4.178   1.00 11.10 ? 85  LEU A CD1 1 
ATOM   669  C CD2 . LEU A 1 85  ? 1.458   -10.930 3.447   1.00 11.94 ? 85  LEU A CD2 1 
ATOM   670  N N   . GLN A 1 86  ? 1.970   -8.661  8.527   1.00 22.16 ? 86  GLN A N   1 
ATOM   671  C CA  . GLN A 1 86  ? 1.606   -8.625  9.947   1.00 20.14 ? 86  GLN A CA  1 
ATOM   672  C C   . GLN A 1 86  ? 0.395   -7.741  10.233  1.00 18.99 ? 86  GLN A C   1 
ATOM   673  O O   . GLN A 1 86  ? 0.047   -6.875  9.440   1.00 16.49 ? 86  GLN A O   1 
ATOM   674  C CB  . GLN A 1 86  ? 2.824   -8.271  10.843  1.00 23.58 ? 86  GLN A CB  1 
ATOM   675  C CG  . GLN A 1 86  ? 3.659   -7.017  10.442  1.00 37.44 ? 86  GLN A CG  1 
ATOM   676  C CD  . GLN A 1 86  ? 4.847   -6.668  11.411  1.00 40.81 ? 86  GLN A CD  1 
ATOM   677  O OE1 . GLN A 1 86  ? 4.742   -6.819  12.645  1.00 42.54 ? 86  GLN A OE1 1 
ATOM   678  N NE2 . GLN A 1 86  ? 5.955   -6.172  10.844  1.00 29.68 ? 86  GLN A NE2 1 
ATOM   679  N N   . ASP A 1 87  ? -0.300  -8.023  11.332  1.00 19.41 ? 87  ASP A N   1 
ATOM   680  C CA  . ASP A 1 87  ? -1.474  -7.236  11.711  1.00 20.88 ? 87  ASP A CA  1 
ATOM   681  C C   . ASP A 1 87  ? -1.103  -5.774  11.922  1.00 19.08 ? 87  ASP A C   1 
ATOM   682  O O   . ASP A 1 87  ? -1.902  -4.878  11.639  1.00 18.01 ? 87  ASP A O   1 
ATOM   683  C CB  . ASP A 1 87  ? -2.136  -7.804  12.967  1.00 20.88 ? 87  ASP A CB  1 
ATOM   684  C CG  . ASP A 1 87  ? -3.042  -8.979  12.677  1.00 20.01 ? 87  ASP A CG  1 
ATOM   685  O OD1 . ASP A 1 87  ? -2.884  -9.622  11.628  1.00 22.40 ? 87  ASP A OD1 1 
ATOM   686  O OD2 . ASP A 1 87  ? -3.911  -9.279  13.520  1.00 19.75 ? 87  ASP A OD2 1 
ATOM   687  N N   . ASN A 1 88  ? 0.119   -5.551  12.419  1.00 16.05 ? 88  ASN A N   1 
ATOM   688  C CA  . ASN A 1 88  ? 0.641   -4.208  12.657  1.00 17.95 ? 88  ASN A CA  1 
ATOM   689  C C   . ASN A 1 88  ? 1.208   -3.640  11.345  1.00 13.91 ? 88  ASN A C   1 
ATOM   690  O O   . ASN A 1 88  ? 2.241   -4.093  10.860  1.00 11.81 ? 88  ASN A O   1 
ATOM   691  C CB  . ASN A 1 88  ? 1.740   -4.229  13.717  1.00 20.56 ? 88  ASN A CB  1 
ATOM   692  C CG  . ASN A 1 88  ? 2.268   -2.847  13.994  1.00 19.90 ? 88  ASN A CG  1 
ATOM   693  O OD1 . ASN A 1 88  ? 2.990   -2.281  13.187  1.00 21.98 ? 88  ASN A OD1 1 
ATOM   694  N ND2 . ASN A 1 88  ? 1.827   -2.253  15.093  1.00 27.07 ? 88  ASN A ND2 1 
ATOM   695  N N   . ILE A 1 89  ? 0.604   -2.573  10.844  1.00 10.27 ? 89  ILE A N   1 
ATOM   696  C CA  . ILE A 1 89  ? 1.024   -2.028  9.575   1.00 12.58 ? 89  ILE A CA  1 
ATOM   697  C C   . ILE A 1 89  ? 2.145   -0.996  9.555   1.00 13.15 ? 89  ILE A C   1 
ATOM   698  O O   . ILE A 1 89  ? 2.516   -0.507  8.491   1.00 12.40 ? 89  ILE A O   1 
ATOM   699  C CB  . ILE A 1 89  ? -0.211  -1.541  8.755   1.00 16.82 ? 89  ILE A CB  1 
ATOM   700  C CG1 . ILE A 1 89  ? -0.870  -0.311  9.392   1.00 12.95 ? 89  ILE A CG1 1 
ATOM   701  C CG2 . ILE A 1 89  ? -1.252  -2.683  8.665   1.00 12.53 ? 89  ILE A CG2 1 
ATOM   702  C CD1 . ILE A 1 89  ? -1.997  0.263   8.539   1.00 9.53  ? 89  ILE A CD1 1 
ATOM   703  N N   . ALA A 1 90  ? 2.737   -0.730  10.712  1.00 11.76 ? 90  ALA A N   1 
ATOM   704  C CA  . ALA A 1 90  ? 3.821   0.240   10.800  1.00 13.93 ? 90  ALA A CA  1 
ATOM   705  C C   . ALA A 1 90  ? 4.936   0.040   9.756   1.00 13.51 ? 90  ALA A C   1 
ATOM   706  O O   . ALA A 1 90  ? 5.371   1.004   9.119   1.00 16.27 ? 90  ALA A O   1 
ATOM   707  C CB  . ALA A 1 90  ? 4.389   0.253   12.196  1.00 14.40 ? 90  ALA A CB  1 
ATOM   708  N N   . ASP A 1 91  ? 5.389   -1.191  9.549   1.00 14.18 ? 91  ASP A N   1 
ATOM   709  C CA  . ASP A 1 91  ? 6.435   -1.440  8.544   1.00 13.75 ? 91  ASP A CA  1 
ATOM   710  C C   . ASP A 1 91  ? 5.900   -1.238  7.128   1.00 13.43 ? 91  ASP A C   1 
ATOM   711  O O   . ASP A 1 91  ? 6.581   -0.657  6.294   1.00 14.04 ? 91  ASP A O   1 
ATOM   712  C CB  . ASP A 1 91  ? 7.025   -2.861  8.661   1.00 16.43 ? 91  ASP A CB  1 
ATOM   713  C CG  . ASP A 1 91  ? 7.928   -3.038  9.880   1.00 20.27 ? 91  ASP A CG  1 
ATOM   714  O OD1 . ASP A 1 91  ? 8.443   -2.038  10.417  1.00 24.78 ? 91  ASP A OD1 1 
ATOM   715  O OD2 . ASP A 1 91  ? 8.129   -4.191  10.308  1.00 20.51 ? 91  ASP A OD2 1 
ATOM   716  N N   . ALA A 1 92  ? 4.667   -1.680  6.870   1.00 12.78 ? 92  ALA A N   1 
ATOM   717  C CA  . ALA A 1 92  ? 4.051   -1.544  5.543   1.00 14.15 ? 92  ALA A CA  1 
ATOM   718  C C   . ALA A 1 92  ? 3.921   -0.079  5.134   1.00 13.12 ? 92  ALA A C   1 
ATOM   719  O O   . ALA A 1 92  ? 4.185   0.272   3.983   1.00 14.23 ? 92  ALA A O   1 
ATOM   720  C CB  . ALA A 1 92  ? 2.679   -2.244  5.498   1.00 14.80 ? 92  ALA A CB  1 
ATOM   721  N N   . VAL A 1 93  ? 3.508   0.766   6.077   1.00 13.61 ? 93  VAL A N   1 
ATOM   722  C CA  . VAL A 1 93  ? 3.374   2.223   5.853   1.00 11.94 ? 93  VAL A CA  1 
ATOM   723  C C   . VAL A 1 93  ? 4.734   2.912   5.590   1.00 8.93  ? 93  VAL A C   1 
ATOM   724  O O   . VAL A 1 93  ? 4.854   3.736   4.692   1.00 8.60  ? 93  VAL A O   1 
ATOM   725  C CB  . VAL A 1 93  ? 2.623   2.894   7.055   1.00 12.79 ? 93  VAL A CB  1 
ATOM   726  C CG1 . VAL A 1 93  ? 2.893   4.391   7.127   1.00 10.68 ? 93  VAL A CG1 1 
ATOM   727  C CG2 . VAL A 1 93  ? 1.118   2.635   6.935   1.00 8.86  ? 93  VAL A CG2 1 
ATOM   728  N N   . ALA A 1 94  ? 5.758   2.544   6.349   1.00 10.27 ? 94  ALA A N   1 
ATOM   729  C CA  . ALA A 1 94  ? 7.093   3.120   6.173   1.00 12.22 ? 94  ALA A CA  1 
ATOM   730  C C   . ALA A 1 94  ? 7.567   2.770   4.748   1.00 14.38 ? 94  ALA A C   1 
ATOM   731  O O   . ALA A 1 94  ? 8.109   3.611   4.026   1.00 12.42 ? 94  ALA A O   1 
ATOM   732  C CB  . ALA A 1 94  ? 8.052   2.554   7.221   1.00 7.51  ? 94  ALA A CB  1 
ATOM   733  N N   . CYS A 1 95  ? 7.327   1.525   4.341   1.00 15.82 ? 95  CYS A N   1 
ATOM   734  C CA  . CYS A 1 95  ? 7.675   1.068   2.997   1.00 15.09 ? 95  CYS A CA  1 
ATOM   735  C C   . CYS A 1 95  ? 6.852   1.794   1.911   1.00 15.80 ? 95  CYS A C   1 
ATOM   736  O O   . CYS A 1 95  ? 7.394   2.199   0.878   1.00 16.18 ? 95  CYS A O   1 
ATOM   737  C CB  . CYS A 1 95  ? 7.504   -0.459  2.878   1.00 14.52 ? 95  CYS A CB  1 
ATOM   738  S SG  . CYS A 1 95  ? 8.143   -1.195  1.336   1.00 13.41 ? 95  CYS A SG  1 
ATOM   739  N N   . ALA A 1 96  ? 5.553   1.981   2.139   1.00 15.32 ? 96  ALA A N   1 
ATOM   740  C CA  . ALA A 1 96  ? 4.736   2.675   1.145   1.00 12.12 ? 96  ALA A CA  1 
ATOM   741  C C   . ALA A 1 96  ? 5.221   4.106   1.046   1.00 12.78 ? 96  ALA A C   1 
ATOM   742  O O   . ALA A 1 96  ? 5.209   4.685   -0.040  1.00 12.09 ? 96  ALA A O   1 
ATOM   743  C CB  . ALA A 1 96  ? 3.249   2.618   1.486   1.00 9.56  ? 96  ALA A CB  1 
ATOM   744  N N   . LYS A 1 97  ? 5.686   4.670   2.160   1.00 12.67 ? 97  LYS A N   1 
ATOM   745  C CA  . LYS A 1 97  ? 6.204   6.030   2.130   1.00 12.14 ? 97  LYS A CA  1 
ATOM   746  C C   . LYS A 1 97  ? 7.447   6.023   1.275   1.00 13.26 ? 97  LYS A C   1 
ATOM   747  O O   . LYS A 1 97  ? 7.645   6.915   0.456   1.00 14.85 ? 97  LYS A O   1 
ATOM   748  C CB  . LYS A 1 97  ? 6.548   6.533   3.528   1.00 10.23 ? 97  LYS A CB  1 
ATOM   749  C CG  . LYS A 1 97  ? 5.345   6.943   4.360   1.00 11.47 ? 97  LYS A CG  1 
ATOM   750  C CD  . LYS A 1 97  ? 5.779   7.593   5.664   1.00 12.69 ? 97  LYS A CD  1 
ATOM   751  C CE  . LYS A 1 97  ? 4.595   8.076   6.461   1.00 12.73 ? 97  LYS A CE  1 
ATOM   752  N NZ  . LYS A 1 97  ? 5.029   8.319   7.861   1.00 17.39 ? 97  LYS A NZ  1 
ATOM   753  N N   . ARG A 1 98  ? 8.259   4.984   1.433   1.00 13.55 ? 98  ARG A N   1 
ATOM   754  C CA  . ARG A 1 98  ? 9.480   4.847   0.656   1.00 12.83 ? 98  ARG A CA  1 
ATOM   755  C C   . ARG A 1 98  ? 9.167   4.785   -0.840  1.00 14.98 ? 98  ARG A C   1 
ATOM   756  O O   . ARG A 1 98  ? 9.819   5.463   -1.644  1.00 15.06 ? 98  ARG A O   1 
ATOM   757  C CB  . ARG A 1 98  ? 10.249  3.609   1.097   1.00 10.50 ? 98  ARG A CB  1 
ATOM   758  C CG  . ARG A 1 98  ? 11.419  3.227   0.206   1.00 13.25 ? 98  ARG A CG  1 
ATOM   759  C CD  . ARG A 1 98  ? 12.400  4.371   0.049   1.00 15.18 ? 98  ARG A CD  1 
ATOM   760  N NE  . ARG A 1 98  ? 13.448  4.064   -0.933  1.00 18.68 ? 98  ARG A NE  1 
ATOM   761  C CZ  . ARG A 1 98  ? 13.397  4.415   -2.214  1.00 19.32 ? 98  ARG A CZ  1 
ATOM   762  N NH1 . ARG A 1 98  ? 12.362  5.111   -2.666  1.00 20.49 ? 98  ARG A NH1 1 
ATOM   763  N NH2 . ARG A 1 98  ? 14.388  4.099   -3.036  1.00 18.32 ? 98  ARG A NH2 1 
ATOM   764  N N   . VAL A 1 99  ? 8.148   4.011   -1.209  1.00 13.91 ? 99  VAL A N   1 
ATOM   765  C CA  . VAL A 1 99  ? 7.747   3.881   -2.611  1.00 12.16 ? 99  VAL A CA  1 
ATOM   766  C C   . VAL A 1 99  ? 7.403   5.252   -3.236  1.00 13.97 ? 99  VAL A C   1 
ATOM   767  O O   . VAL A 1 99  ? 7.935   5.588   -4.294  1.00 13.65 ? 99  VAL A O   1 
ATOM   768  C CB  . VAL A 1 99  ? 6.526   2.927   -2.773  1.00 8.55  ? 99  VAL A CB  1 
ATOM   769  C CG1 . VAL A 1 99  ? 6.098   2.855   -4.230  1.00 10.06 ? 99  VAL A CG1 1 
ATOM   770  C CG2 . VAL A 1 99  ? 6.850   1.552   -2.244  1.00 7.32  ? 99  VAL A CG2 1 
ATOM   771  N N   . VAL A 1 100 ? 6.552   6.053   -2.582  1.00 16.92 ? 100 VAL A N   1 
ATOM   772  C CA  . VAL A 1 100 ? 6.170   7.361   -3.139  1.00 20.63 ? 100 VAL A CA  1 
ATOM   773  C C   . VAL A 1 100 ? 7.280   8.381   -3.200  1.00 23.14 ? 100 VAL A C   1 
ATOM   774  O O   . VAL A 1 100 ? 7.060   9.495   -3.688  1.00 27.84 ? 100 VAL A O   1 
ATOM   775  C CB  . VAL A 1 100 ? 4.961   8.053   -2.419  1.00 18.53 ? 100 VAL A CB  1 
ATOM   776  C CG1 . VAL A 1 100 ? 3.695   7.313   -2.692  1.00 21.01 ? 100 VAL A CG1 1 
ATOM   777  C CG2 . VAL A 1 100 ? 5.216   8.226   -0.928  1.00 16.74 ? 100 VAL A CG2 1 
ATOM   778  N N   . ARG A 1 101 ? 8.423   8.066   -2.601  1.00 23.46 ? 101 ARG A N   1 
ATOM   779  C CA  . ARG A 1 101 ? 9.546   8.984   -2.651  1.00 21.02 ? 101 ARG A CA  1 
ATOM   780  C C   . ARG A 1 101 ? 10.305  8.856   -3.981  1.00 22.27 ? 101 ARG A C   1 
ATOM   781  O O   . ARG A 1 101 ? 11.184  9.665   -4.292  1.00 27.51 ? 101 ARG A O   1 
ATOM   782  C CB  . ARG A 1 101 ? 10.456  8.809   -1.435  1.00 19.62 ? 101 ARG A CB  1 
ATOM   783  C CG  . ARG A 1 101 ? 9.810   9.308   -0.147  1.00 17.74 ? 101 ARG A CG  1 
ATOM   784  C CD  . ARG A 1 101 ? 10.836  9.684   0.911   1.00 17.70 ? 101 ARG A CD  1 
ATOM   785  N NE  . ARG A 1 101 ? 11.573  8.547   1.479   1.00 20.34 ? 101 ARG A NE  1 
ATOM   786  C CZ  . ARG A 1 101 ? 11.146  7.756   2.471   1.00 17.86 ? 101 ARG A CZ  1 
ATOM   787  N NH1 . ARG A 1 101 ? 9.957   7.942   3.046   1.00 13.07 ? 101 ARG A NH1 1 
ATOM   788  N NH2 . ARG A 1 101 ? 11.927  6.765   2.894   1.00 16.62 ? 101 ARG A NH2 1 
ATOM   789  N N   . ASP A 1 102 ? 9.977   7.842   -4.771  1.00 17.99 ? 102 ASP A N   1 
ATOM   790  C CA  . ASP A 1 102 ? 10.615  7.672   -6.066  1.00 19.00 ? 102 ASP A CA  1 
ATOM   791  C C   . ASP A 1 102 ? 9.893   8.560   -7.067  1.00 19.83 ? 102 ASP A C   1 
ATOM   792  O O   . ASP A 1 102 ? 8.774   8.989   -6.822  1.00 21.18 ? 102 ASP A O   1 
ATOM   793  C CB  . ASP A 1 102 ? 10.573  6.215   -6.495  1.00 20.73 ? 102 ASP A CB  1 
ATOM   794  C CG  . ASP A 1 102 ? 11.867  5.509   -6.199  1.00 23.23 ? 102 ASP A CG  1 
ATOM   795  O OD1 . ASP A 1 102 ? 12.545  5.913   -5.240  1.00 21.90 ? 102 ASP A OD1 1 
ATOM   796  O OD2 . ASP A 1 102 ? 12.227  4.576   -6.941  1.00 27.90 ? 102 ASP A OD2 1 
ATOM   797  N N   . PRO A 1 103 ? 10.495  8.784   -8.248  1.00 21.60 ? 103 PRO A N   1 
ATOM   798  C CA  . PRO A 1 103 ? 9.892   9.638   -9.285  1.00 20.88 ? 103 PRO A CA  1 
ATOM   799  C C   . PRO A 1 103 ? 8.440   9.377   -9.698  1.00 19.79 ? 103 PRO A C   1 
ATOM   800  O O   . PRO A 1 103 ? 7.666   10.323  -9.834  1.00 22.44 ? 103 PRO A O   1 
ATOM   801  C CB  . PRO A 1 103 ? 10.848  9.448   -10.459 1.00 19.53 ? 103 PRO A CB  1 
ATOM   802  C CG  . PRO A 1 103 ? 12.176  9.246   -9.777  1.00 22.81 ? 103 PRO A CG  1 
ATOM   803  C CD  . PRO A 1 103 ? 11.794  8.259   -8.694  1.00 24.97 ? 103 PRO A CD  1 
ATOM   804  N N   . GLN A 1 104 ? 8.085   8.114   -9.930  1.00 20.82 ? 104 GLN A N   1 
ATOM   805  C CA  . GLN A 1 104 ? 6.721   7.741   -10.353 1.00 24.00 ? 104 GLN A CA  1 
ATOM   806  C C   . GLN A 1 104 ? 5.696   8.090   -9.270  1.00 21.05 ? 104 GLN A C   1 
ATOM   807  O O   . GLN A 1 104 ? 4.526   8.359   -9.554  1.00 19.19 ? 104 GLN A O   1 
ATOM   808  C CB  . GLN A 1 104 ? 6.648   6.236   -10.730 1.00 29.55 ? 104 GLN A CB  1 
ATOM   809  C CG  . GLN A 1 104 ? 6.966   5.304   -9.543  1.00 37.61 ? 104 GLN A CG  1 
ATOM   810  C CD  . GLN A 1 104 ? 7.127   3.808   -9.855  1.00 37.94 ? 104 GLN A CD  1 
ATOM   811  O OE1 . GLN A 1 104 ? 6.549   3.268   -10.821 1.00 33.58 ? 104 GLN A OE1 1 
ATOM   812  N NE2 . GLN A 1 104 ? 7.883   3.119   -8.983  1.00 31.18 ? 104 GLN A NE2 1 
ATOM   813  N N   . GLY A 1 105 ? 6.156   8.103   -8.024  1.00 21.66 ? 105 GLY A N   1 
ATOM   814  C CA  . GLY A 1 105 ? 5.288   8.419   -6.911  1.00 18.17 ? 105 GLY A CA  1 
ATOM   815  C C   . GLY A 1 105 ? 4.163   7.426   -6.733  1.00 14.93 ? 105 GLY A C   1 
ATOM   816  O O   . GLY A 1 105 ? 4.376   6.214   -6.677  1.00 14.04 ? 105 GLY A O   1 
ATOM   817  N N   . ILE A 1 106 ? 2.962   7.981   -6.617  1.00 17.57 ? 106 ILE A N   1 
ATOM   818  C CA  . ILE A 1 106 ? 1.717   7.245   -6.417  1.00 15.89 ? 106 ILE A CA  1 
ATOM   819  C C   . ILE A 1 106 ? 1.334   6.397   -7.637  1.00 16.35 ? 106 ILE A C   1 
ATOM   820  O O   . ILE A 1 106 ? 0.507   5.478   -7.540  1.00 13.97 ? 106 ILE A O   1 
ATOM   821  C CB  . ILE A 1 106 ? 0.580   8.240   -6.070  1.00 15.75 ? 106 ILE A CB  1 
ATOM   822  C CG1 . ILE A 1 106 ? -0.641  7.496   -5.543  1.00 18.05 ? 106 ILE A CG1 1 
ATOM   823  C CG2 . ILE A 1 106 ? 0.210   9.101   -7.288  1.00 19.82 ? 106 ILE A CG2 1 
ATOM   824  C CD1 . ILE A 1 106 ? -0.403  6.805   -4.213  1.00 19.86 ? 106 ILE A CD1 1 
ATOM   825  N N   . ARG A 1 107 ? 1.922   6.726   -8.788  1.00 16.30 ? 107 ARG A N   1 
ATOM   826  C CA  . ARG A 1 107 ? 1.665   5.989   -10.018 1.00 16.74 ? 107 ARG A CA  1 
ATOM   827  C C   . ARG A 1 107 ? 2.278   4.600   -10.007 1.00 13.13 ? 107 ARG A C   1 
ATOM   828  O O   . ARG A 1 107 ? 2.118   3.855   -10.961 1.00 13.63 ? 107 ARG A O   1 
ATOM   829  C CB  . ARG A 1 107 ? 2.132   6.771   -11.250 1.00 21.92 ? 107 ARG A CB  1 
ATOM   830  C CG  . ARG A 1 107 ? 1.111   7.789   -11.764 1.00 31.07 ? 107 ARG A CG  1 
ATOM   831  C CD  . ARG A 1 107 ? 1.703   8.726   -12.815 1.00 37.86 ? 107 ARG A CD  1 
ATOM   832  N NE  . ARG A 1 107 ? 2.775   9.546   -12.239 1.00 47.14 ? 107 ARG A NE  1 
ATOM   833  C CZ  . ARG A 1 107 ? 2.603   10.430  -11.252 1.00 46.60 ? 107 ARG A CZ  1 
ATOM   834  N NH1 . ARG A 1 107 ? 1.392   10.635  -10.721 1.00 47.22 ? 107 ARG A NH1 1 
ATOM   835  N NH2 . ARG A 1 107 ? 3.656   11.062  -10.750 1.00 42.31 ? 107 ARG A NH2 1 
ATOM   836  N N   . ALA A 1 108 ? 2.991   4.251   -8.936  1.00 10.75 ? 108 ALA A N   1 
ATOM   837  C CA  . ALA A 1 108 ? 3.571   2.916   -8.816  1.00 9.01  ? 108 ALA A CA  1 
ATOM   838  C C   . ALA A 1 108 ? 2.492   1.853   -8.579  1.00 8.00  ? 108 ALA A C   1 
ATOM   839  O O   . ALA A 1 108 ? 2.787   0.659   -8.558  1.00 10.43 ? 108 ALA A O   1 
ATOM   840  C CB  . ALA A 1 108 ? 4.586   2.884   -7.688  1.00 10.91 ? 108 ALA A CB  1 
ATOM   841  N N   . TRP A 1 109 ? 1.265   2.302   -8.322  1.00 10.48 ? 109 TRP A N   1 
ATOM   842  C CA  . TRP A 1 109 ? 0.114   1.434   -8.072  1.00 12.54 ? 109 TRP A CA  1 
ATOM   843  C C   . TRP A 1 109 ? -0.906  1.603   -9.193  1.00 15.18 ? 109 TRP A C   1 
ATOM   844  O O   . TRP A 1 109 ? -1.650  2.584   -9.207  1.00 17.75 ? 109 TRP A O   1 
ATOM   845  C CB  . TRP A 1 109 ? -0.572  1.823   -6.765  1.00 10.46 ? 109 TRP A CB  1 
ATOM   846  C CG  . TRP A 1 109 ? 0.163   1.464   -5.508  1.00 13.52 ? 109 TRP A CG  1 
ATOM   847  C CD1 . TRP A 1 109 ? 0.089   0.274   -4.838  1.00 15.36 ? 109 TRP A CD1 1 
ATOM   848  C CD2 . TRP A 1 109 ? 1.000   2.315   -4.715  1.00 13.87 ? 109 TRP A CD2 1 
ATOM   849  N NE1 . TRP A 1 109 ? 0.811   0.341   -3.667  1.00 16.97 ? 109 TRP A NE1 1 
ATOM   850  C CE2 . TRP A 1 109 ? 1.383   1.576   -3.561  1.00 18.21 ? 109 TRP A CE2 1 
ATOM   851  C CE3 . TRP A 1 109 ? 1.463   3.633   -4.858  1.00 13.95 ? 109 TRP A CE3 1 
ATOM   852  C CZ2 . TRP A 1 109 ? 2.204   2.119   -2.557  1.00 16.05 ? 109 TRP A CZ2 1 
ATOM   853  C CZ3 . TRP A 1 109 ? 2.276   4.170   -3.858  1.00 13.10 ? 109 TRP A CZ3 1 
ATOM   854  C CH2 . TRP A 1 109 ? 2.636   3.415   -2.724  1.00 14.08 ? 109 TRP A CH2 1 
ATOM   855  N N   . VAL A 1 110 ? -1.009  0.608   -10.070 1.00 16.65 ? 110 VAL A N   1 
ATOM   856  C CA  . VAL A 1 110 ? -1.946  0.666   -11.194 1.00 17.42 ? 110 VAL A CA  1 
ATOM   857  C C   . VAL A 1 110 ? -3.401  0.797   -10.717 1.00 17.80 ? 110 VAL A C   1 
ATOM   858  O O   . VAL A 1 110 ? -4.218  1.447   -11.371 1.00 19.58 ? 110 VAL A O   1 
ATOM   859  C CB  . VAL A 1 110 ? -1.812  -0.581  -12.128 1.00 21.83 ? 110 VAL A CB  1 
ATOM   860  C CG1 . VAL A 1 110 ? -2.792  -0.497  -13.311 1.00 22.73 ? 110 VAL A CG1 1 
ATOM   861  C CG2 . VAL A 1 110 ? -0.384  -0.691  -12.650 1.00 27.15 ? 110 VAL A CG2 1 
ATOM   862  N N   . ALA A 1 111 ? -3.706  0.211   -9.561  1.00 18.18 ? 111 ALA A N   1 
ATOM   863  C CA  . ALA A 1 111 ? -5.049  0.267   -9.012  1.00 17.63 ? 111 ALA A CA  1 
ATOM   864  C C   . ALA A 1 111 ? -5.484  1.686   -8.684  1.00 15.29 ? 111 ALA A C   1 
ATOM   865  O O   . ALA A 1 111 ? -6.658  2.019   -8.777  1.00 16.44 ? 111 ALA A O   1 
ATOM   866  C CB  . ALA A 1 111 ? -5.163  -0.615  -7.781  1.00 20.62 ? 111 ALA A CB  1 
ATOM   867  N N   . TRP A 1 112 ? -4.537  2.525   -8.290  1.00 15.02 ? 112 TRP A N   1 
ATOM   868  C CA  . TRP A 1 112 ? -4.871  3.888   -7.980  1.00 12.28 ? 112 TRP A CA  1 
ATOM   869  C C   . TRP A 1 112 ? -5.207  4.627   -9.274  1.00 14.82 ? 112 TRP A C   1 
ATOM   870  O O   . TRP A 1 112 ? -6.166  5.392   -9.312  1.00 18.10 ? 112 TRP A O   1 
ATOM   871  C CB  . TRP A 1 112 ? -3.740  4.574   -7.225  1.00 11.55 ? 112 TRP A CB  1 
ATOM   872  C CG  . TRP A 1 112 ? -4.019  6.016   -6.988  1.00 15.87 ? 112 TRP A CG  1 
ATOM   873  C CD1 . TRP A 1 112 ? -4.754  6.558   -5.965  1.00 13.49 ? 112 TRP A CD1 1 
ATOM   874  C CD2 . TRP A 1 112 ? -3.656  7.105   -7.844  1.00 15.30 ? 112 TRP A CD2 1 
ATOM   875  N NE1 . TRP A 1 112 ? -4.882  7.907   -6.153  1.00 12.68 ? 112 TRP A NE1 1 
ATOM   876  C CE2 . TRP A 1 112 ? -4.214  8.272   -7.293  1.00 15.25 ? 112 TRP A CE2 1 
ATOM   877  C CE3 . TRP A 1 112 ? -2.914  7.207   -9.031  1.00 18.63 ? 112 TRP A CE3 1 
ATOM   878  C CZ2 . TRP A 1 112 ? -4.055  9.531   -7.890  1.00 18.39 ? 112 TRP A CZ2 1 
ATOM   879  C CZ3 . TRP A 1 112 ? -2.758  8.458   -9.622  1.00 18.13 ? 112 TRP A CZ3 1 
ATOM   880  C CH2 . TRP A 1 112 ? -3.325  9.600   -9.051  1.00 17.15 ? 112 TRP A CH2 1 
ATOM   881  N N   . ARG A 1 113 ? -4.467  4.338   -10.347 1.00 15.03 ? 113 ARG A N   1 
ATOM   882  C CA  . ARG A 1 113 ? -4.676  4.960   -11.664 1.00 17.14 ? 113 ARG A CA  1 
ATOM   883  C C   . ARG A 1 113 ? -5.978  4.553   -12.351 1.00 16.34 ? 113 ARG A C   1 
ATOM   884  O O   . ARG A 1 113 ? -6.595  5.352   -13.049 1.00 16.80 ? 113 ARG A O   1 
ATOM   885  C CB  . ARG A 1 113 ? -3.517  4.612   -12.599 1.00 20.29 ? 113 ARG A CB  1 
ATOM   886  C CG  . ARG A 1 113 ? -2.145  4.793   -11.971 1.00 22.78 ? 113 ARG A CG  1 
ATOM   887  C CD  . ARG A 1 113 ? -1.040  4.459   -12.969 1.00 23.21 ? 113 ARG A CD  1 
ATOM   888  N NE  . ARG A 1 113 ? -0.837  5.532   -13.935 1.00 21.74 ? 113 ARG A NE  1 
ATOM   889  C CZ  . ARG A 1 113 ? 0.291   5.701   -14.621 1.00 30.43 ? 113 ARG A CZ  1 
ATOM   890  N NH1 . ARG A 1 113 ? 1.324   4.868   -14.451 1.00 29.22 ? 113 ARG A NH1 1 
ATOM   891  N NH2 . ARG A 1 113 ? 0.391   6.712   -15.470 1.00 31.07 ? 113 ARG A NH2 1 
ATOM   892  N N   . ASN A 1 114 ? -6.371  3.299   -12.161 1.00 16.34 ? 114 ASN A N   1 
ATOM   893  C CA  . ASN A 1 114 ? -7.579  2.742   -12.766 1.00 17.10 ? 114 ASN A CA  1 
ATOM   894  C C   . ASN A 1 114 ? -8.885  2.970   -11.990 1.00 19.29 ? 114 ASN A C   1 
ATOM   895  O O   . ASN A 1 114 ? -9.959  3.053   -12.602 1.00 20.33 ? 114 ASN A O   1 
ATOM   896  C CB  . ASN A 1 114 ? -7.407  1.226   -12.975 1.00 16.64 ? 114 ASN A CB  1 
ATOM   897  C CG  . ASN A 1 114 ? -6.377  0.903   -14.024 1.00 16.76 ? 114 ASN A CG  1 
ATOM   898  O OD1 . ASN A 1 114 ? -5.778  1.807   -14.590 1.00 18.81 ? 114 ASN A OD1 1 
ATOM   899  N ND2 . ASN A 1 114 ? -6.166  -0.380  -14.298 1.00 12.87 ? 114 ASN A ND2 1 
ATOM   900  N N   . ARG A 1 115 ? -8.779  3.079   -10.661 1.00 19.57 ? 115 ARG A N   1 
ATOM   901  C CA  . ARG A 1 115 ? -9.931  3.220   -9.758  1.00 17.53 ? 115 ARG A CA  1 
ATOM   902  C C   . ARG A 1 115 ? -10.053 4.507   -8.941  1.00 18.23 ? 115 ARG A C   1 
ATOM   903  O O   . ARG A 1 115 ? -11.139 4.843   -8.471  1.00 22.17 ? 115 ARG A O   1 
ATOM   904  C CB  . ARG A 1 115 ? -9.880  2.088   -8.727  1.00 16.32 ? 115 ARG A CB  1 
ATOM   905  C CG  . ARG A 1 115 ? -9.651  0.717   -9.284  1.00 16.81 ? 115 ARG A CG  1 
ATOM   906  C CD  . ARG A 1 115 ? -10.918 0.165   -9.909  1.00 22.19 ? 115 ARG A CD  1 
ATOM   907  N NE  . ARG A 1 115 ? -10.714 -1.215  -10.326 1.00 25.49 ? 115 ARG A NE  1 
ATOM   908  C CZ  . ARG A 1 115 ? -11.660 -1.993  -10.840 1.00 27.03 ? 115 ARG A CZ  1 
ATOM   909  N NH1 . ARG A 1 115 ? -12.900 -1.532  -10.979 1.00 25.27 ? 115 ARG A NH1 1 
ATOM   910  N NH2 . ARG A 1 115 ? -11.368 -3.243  -11.191 1.00 23.48 ? 115 ARG A NH2 1 
ATOM   911  N N   . CYS A 1 116 ? -8.959  5.236   -8.779  1.00 18.06 ? 116 CYS A N   1 
ATOM   912  C CA  . CYS A 1 116 ? -8.968  6.411   -7.921  1.00 15.66 ? 116 CYS A CA  1 
ATOM   913  C C   . CYS A 1 116 ? -8.703  7.740   -8.567  1.00 15.29 ? 116 CYS A C   1 
ATOM   914  O O   . CYS A 1 116 ? -9.288  8.757   -8.191  1.00 12.98 ? 116 CYS A O   1 
ATOM   915  C CB  . CYS A 1 116 ? -7.941  6.198   -6.812  1.00 14.63 ? 116 CYS A CB  1 
ATOM   916  S SG  . CYS A 1 116 ? -8.123  4.588   -5.981  1.00 16.13 ? 116 CYS A SG  1 
ATOM   917  N N   . GLN A 1 117 ? -7.734  7.733   -9.465  1.00 12.49 ? 117 GLN A N   1 
ATOM   918  C CA  . GLN A 1 117 ? -7.326  8.918   -10.177 1.00 14.40 ? 117 GLN A CA  1 
ATOM   919  C C   . GLN A 1 117 ? -8.497  9.394   -11.032 1.00 15.63 ? 117 GLN A C   1 
ATOM   920  O O   . GLN A 1 117 ? -9.168  8.589   -11.683 1.00 14.96 ? 117 GLN A O   1 
ATOM   921  C CB  . GLN A 1 117 ? -6.116  8.572   -11.049 1.00 15.58 ? 117 GLN A CB  1 
ATOM   922  C CG  . GLN A 1 117 ? -5.548  9.713   -11.823 1.00 19.94 ? 117 GLN A CG  1 
ATOM   923  C CD  . GLN A 1 117 ? -4.314  9.338   -12.624 1.00 21.57 ? 117 GLN A CD  1 
ATOM   924  O OE1 . GLN A 1 117 ? -3.402  10.137  -12.734 1.00 22.59 ? 117 GLN A OE1 1 
ATOM   925  N NE2 . GLN A 1 117 ? -4.285  8.127   -13.188 1.00 23.96 ? 117 GLN A NE2 1 
ATOM   926  N N   . ASN A 1 118 ? -8.769  10.694  -10.975 1.00 13.85 ? 118 ASN A N   1 
ATOM   927  C CA  . ASN A 1 118 ? -9.856  11.321  -11.738 1.00 16.96 ? 118 ASN A CA  1 
ATOM   928  C C   . ASN A 1 118 ? -11.196 10.730  -11.330 1.00 18.14 ? 118 ASN A C   1 
ATOM   929  O O   . ASN A 1 118 ? -12.118 10.582  -12.151 1.00 19.24 ? 118 ASN A O   1 
ATOM   930  C CB  . ASN A 1 118 ? -9.632  11.210  -13.262 1.00 15.73 ? 118 ASN A CB  1 
ATOM   931  C CG  . ASN A 1 118 ? -8.460  12.060  -13.744 1.00 17.16 ? 118 ASN A CG  1 
ATOM   932  O OD1 . ASN A 1 118 ? -7.561  11.583  -14.437 1.00 21.69 ? 118 ASN A OD1 1 
ATOM   933  N ND2 . ASN A 1 118 ? -8.444  13.306  -13.338 1.00 14.40 ? 118 ASN A ND2 1 
ATOM   934  N N   . ARG A 1 119 ? -11.301 10.439  -10.033 1.00 19.26 ? 119 ARG A N   1 
ATOM   935  C CA  . ARG A 1 119 ? -12.495 9.858   -9.448  1.00 19.84 ? 119 ARG A CA  1 
ATOM   936  C C   . ARG A 1 119 ? -12.750 10.447  -8.070  1.00 21.23 ? 119 ARG A C   1 
ATOM   937  O O   . ARG A 1 119 ? -11.861 11.050  -7.449  1.00 20.20 ? 119 ARG A O   1 
ATOM   938  C CB  . ARG A 1 119 ? -12.365 8.334   -9.357  1.00 19.36 ? 119 ARG A CB  1 
ATOM   939  C CG  . ARG A 1 119 ? -12.039 7.691   -10.699 1.00 25.19 ? 119 ARG A CG  1 
ATOM   940  C CD  . ARG A 1 119 ? -12.421 6.242   -10.769 1.00 33.04 ? 119 ARG A CD  1 
ATOM   941  N NE  . ARG A 1 119 ? -13.460 6.011   -11.771 1.00 40.31 ? 119 ARG A NE  1 
ATOM   942  C CZ  . ARG A 1 119 ? -13.515 4.945   -12.576 1.00 46.45 ? 119 ARG A CZ  1 
ATOM   943  N NH1 . ARG A 1 119 ? -12.562 4.017   -12.544 1.00 45.58 ? 119 ARG A NH1 1 
ATOM   944  N NH2 . ARG A 1 119 ? -14.510 4.821   -13.454 1.00 50.01 ? 119 ARG A NH2 1 
ATOM   945  N N   . ASP A 1 120 ? -14.001 10.339  -7.634  1.00 24.09 ? 120 ASP A N   1 
ATOM   946  C CA  . ASP A 1 120 ? -14.404 10.824  -6.330  1.00 27.30 ? 120 ASP A CA  1 
ATOM   947  C C   . ASP A 1 120 ? -13.823 9.826   -5.354  1.00 25.57 ? 120 ASP A C   1 
ATOM   948  O O   . ASP A 1 120 ? -13.940 8.619   -5.554  1.00 26.77 ? 120 ASP A O   1 
ATOM   949  C CB  . ASP A 1 120 ? -15.937 10.829  -6.206  1.00 37.47 ? 120 ASP A CB  1 
ATOM   950  C CG  . ASP A 1 120 ? -16.420 11.412  -4.873  1.00 44.37 ? 120 ASP A CG  1 
ATOM   951  O OD1 . ASP A 1 120 ? -15.964 12.531  -4.521  1.00 44.01 ? 120 ASP A OD1 1 
ATOM   952  O OD2 . ASP A 1 120 ? -17.242 10.746  -4.182  1.00 48.51 ? 120 ASP A OD2 1 
ATOM   953  N N   . VAL A 1 121 ? -13.145 10.323  -4.332  1.00 21.93 ? 121 VAL A N   1 
ATOM   954  C CA  . VAL A 1 121 ? -12.567 9.432   -3.349  1.00 21.07 ? 121 VAL A CA  1 
ATOM   955  C C   . VAL A 1 121 ? -13.057 9.753   -1.945  1.00 20.20 ? 121 VAL A C   1 
ATOM   956  O O   . VAL A 1 121 ? -12.667 9.096   -0.978  1.00 17.77 ? 121 VAL A O   1 
ATOM   957  C CB  . VAL A 1 121 ? -11.009 9.413   -3.428  1.00 21.41 ? 121 VAL A CB  1 
ATOM   958  C CG1 . VAL A 1 121 ? -10.559 8.709   -4.713  1.00 21.27 ? 121 VAL A CG1 1 
ATOM   959  C CG2 . VAL A 1 121 ? -10.430 10.818  -3.373  1.00 14.35 ? 121 VAL A CG2 1 
ATOM   960  N N   . ARG A 1 122 ? -13.986 10.703  -1.857  1.00 21.07 ? 122 ARG A N   1 
ATOM   961  C CA  . ARG A 1 122 ? -14.553 11.125  -0.584  1.00 25.26 ? 122 ARG A CA  1 
ATOM   962  C C   . ARG A 1 122 ? -15.207 9.970   0.139   1.00 23.57 ? 122 ARG A C   1 
ATOM   963  O O   . ARG A 1 122 ? -15.044 9.807   1.344   1.00 24.33 ? 122 ARG A O   1 
ATOM   964  C CB  . ARG A 1 122 ? -15.607 12.194  -0.804  1.00 30.49 ? 122 ARG A CB  1 
ATOM   965  C CG  . ARG A 1 122 ? -15.089 13.519  -1.328  1.00 44.06 ? 122 ARG A CG  1 
ATOM   966  C CD  . ARG A 1 122 ? -16.272 14.479  -1.552  1.00 52.88 ? 122 ARG A CD  1 
ATOM   967  N NE  . ARG A 1 122 ? -17.340 13.811  -2.305  1.00 61.63 ? 122 ARG A NE  1 
ATOM   968  C CZ  . ARG A 1 122 ? -18.257 14.424  -3.052  1.00 64.80 ? 122 ARG A CZ  1 
ATOM   969  N NH1 . ARG A 1 122 ? -18.270 15.752  -3.161  1.00 66.15 ? 122 ARG A NH1 1 
ATOM   970  N NH2 . ARG A 1 122 ? -19.168 13.695  -3.690  1.00 64.51 ? 122 ARG A NH2 1 
ATOM   971  N N   . GLN A 1 123 ? -15.937 9.156   -0.614  1.00 25.97 ? 123 GLN A N   1 
ATOM   972  C CA  . GLN A 1 123 ? -16.646 7.995   -0.069  1.00 27.58 ? 123 GLN A CA  1 
ATOM   973  C C   . GLN A 1 123 ? -15.827 7.063   0.831   1.00 27.22 ? 123 GLN A C   1 
ATOM   974  O O   . GLN A 1 123 ? -16.394 6.394   1.697   1.00 26.52 ? 123 GLN A O   1 
ATOM   975  C CB  . GLN A 1 123 ? -17.271 7.176   -1.202  1.00 29.84 ? 123 GLN A CB  1 
ATOM   976  C CG  . GLN A 1 123 ? -16.348 6.141   -1.797  1.00 35.68 ? 123 GLN A CG  1 
ATOM   977  C CD  . GLN A 1 123 ? -16.793 5.681   -3.166  1.00 41.63 ? 123 GLN A CD  1 
ATOM   978  O OE1 . GLN A 1 123 ? -16.596 6.385   -4.153  1.00 45.64 ? 123 GLN A OE1 1 
ATOM   979  N NE2 . GLN A 1 123 ? -17.394 4.496   -3.236  1.00 45.08 ? 123 GLN A NE2 1 
ATOM   980  N N   . TYR A 1 124 ? -14.516 6.986   0.599   1.00 25.38 ? 124 TYR A N   1 
ATOM   981  C CA  . TYR A 1 124 ? -13.643 6.112   1.372   1.00 22.04 ? 124 TYR A CA  1 
ATOM   982  C C   . TYR A 1 124 ? -13.441 6.555   2.806   1.00 22.53 ? 124 TYR A C   1 
ATOM   983  O O   . TYR A 1 124 ? -13.275 5.726   3.705   1.00 22.01 ? 124 TYR A O   1 
ATOM   984  C CB  . TYR A 1 124 ? -12.295 5.944   0.668   1.00 17.32 ? 124 TYR A CB  1 
ATOM   985  C CG  . TYR A 1 124 ? -12.456 5.308   -0.683  1.00 14.09 ? 124 TYR A CG  1 
ATOM   986  C CD1 . TYR A 1 124 ? -12.659 3.928   -0.807  1.00 14.06 ? 124 TYR A CD1 1 
ATOM   987  C CD2 . TYR A 1 124 ? -12.511 6.089   -1.819  1.00 10.84 ? 124 TYR A CD2 1 
ATOM   988  C CE1 . TYR A 1 124 ? -12.924 3.350   -2.039  1.00 11.01 ? 124 TYR A CE1 1 
ATOM   989  C CE2 . TYR A 1 124 ? -12.771 5.544   -3.043  1.00 12.48 ? 124 TYR A CE2 1 
ATOM   990  C CZ  . TYR A 1 124 ? -12.981 4.174   -3.153  1.00 16.78 ? 124 TYR A CZ  1 
ATOM   991  O OH  . TYR A 1 124 ? -13.235 3.640   -4.396  1.00 18.10 ? 124 TYR A OH  1 
ATOM   992  N N   . VAL A 1 125 ? -13.478 7.860   3.021   1.00 22.22 ? 125 VAL A N   1 
ATOM   993  C CA  . VAL A 1 125 ? -13.272 8.399   4.353   1.00 22.34 ? 125 VAL A CA  1 
ATOM   994  C C   . VAL A 1 125 ? -14.509 9.058   4.950   1.00 23.28 ? 125 VAL A C   1 
ATOM   995  O O   . VAL A 1 125 ? -14.427 9.674   6.011   1.00 25.84 ? 125 VAL A O   1 
ATOM   996  C CB  . VAL A 1 125 ? -12.107 9.431   4.388   1.00 19.72 ? 125 VAL A CB  1 
ATOM   997  C CG1 . VAL A 1 125 ? -10.773 8.762   4.079   1.00 15.74 ? 125 VAL A CG1 1 
ATOM   998  C CG2 . VAL A 1 125 ? -12.394 10.577  3.427   1.00 18.18 ? 125 VAL A CG2 1 
ATOM   999  N N   . GLN A 1 126 ? -15.640 8.963   4.263   1.00 27.18 ? 126 GLN A N   1 
ATOM   1000 C CA  . GLN A 1 126 ? -16.865 9.569   4.768   1.00 29.23 ? 126 GLN A CA  1 
ATOM   1001 C C   . GLN A 1 126 ? -17.243 8.961   6.136   1.00 29.02 ? 126 GLN A C   1 
ATOM   1002 O O   . GLN A 1 126 ? -17.173 7.748   6.338   1.00 30.87 ? 126 GLN A O   1 
ATOM   1003 C CB  . GLN A 1 126 ? -18.016 9.389   3.758   1.00 35.10 ? 126 GLN A CB  1 
ATOM   1004 C CG  . GLN A 1 126 ? -18.059 10.442  2.605   1.00 45.77 ? 126 GLN A CG  1 
ATOM   1005 C CD  . GLN A 1 126 ? -18.999 10.070  1.409   1.00 49.99 ? 126 GLN A CD  1 
ATOM   1006 O OE1 . GLN A 1 126 ? -19.113 10.829  0.433   1.00 48.51 ? 126 GLN A OE1 1 
ATOM   1007 N NE2 . GLN A 1 126 ? -19.635 8.891   1.475   1.00 52.92 ? 126 GLN A NE2 1 
ATOM   1008 N N   . GLY A 1 127 ? -17.555 9.824   7.097   1.00 23.26 ? 127 GLY A N   1 
ATOM   1009 C CA  . GLY A 1 127 ? -17.964 9.366   8.406   1.00 21.11 ? 127 GLY A CA  1 
ATOM   1010 C C   . GLY A 1 127 ? -16.903 8.816   9.338   1.00 24.35 ? 127 GLY A C   1 
ATOM   1011 O O   . GLY A 1 127 ? -17.235 8.328   10.418  1.00 24.72 ? 127 GLY A O   1 
ATOM   1012 N N   . CYS A 1 128 ? -15.635 8.966   8.985   1.00 22.99 ? 128 CYS A N   1 
ATOM   1013 C CA  . CYS A 1 128 ? -14.579 8.440   9.832   1.00 23.35 ? 128 CYS A CA  1 
ATOM   1014 C C   . CYS A 1 128 ? -14.013 9.420   10.870  1.00 24.40 ? 128 CYS A C   1 
ATOM   1015 O O   . CYS A 1 128 ? -13.263 9.008   11.757  1.00 24.62 ? 128 CYS A O   1 
ATOM   1016 C CB  . CYS A 1 128 ? -13.452 7.847   8.974   1.00 19.09 ? 128 CYS A CB  1 
ATOM   1017 S SG  . CYS A 1 128 ? -13.967 6.481   7.893   1.00 15.73 ? 128 CYS A SG  1 
ATOM   1018 N N   . GLY A 1 129 ? -14.351 10.704  10.747  1.00 24.84 ? 129 GLY A N   1 
ATOM   1019 C CA  . GLY A 1 129 ? -13.866 11.703  11.684  1.00 29.12 ? 129 GLY A CA  1 
ATOM   1020 C C   . GLY A 1 129 ? -12.380 12.000  11.603  1.00 32.06 ? 129 GLY A C   1 
ATOM   1021 O O   . GLY A 1 129 ? -11.790 12.512  12.556  1.00 34.99 ? 129 GLY A O   1 
ATOM   1022 N N   . VAL A 1 130 ? -11.792 11.697  10.450  1.00 35.06 ? 130 VAL A N   1 
ATOM   1023 C CA  . VAL A 1 130 ? -10.368 11.903  10.178  1.00 37.58 ? 130 VAL A CA  1 
ATOM   1024 C C   . VAL A 1 130 ? -10.208 13.134  9.286   1.00 42.40 ? 130 VAL A C   1 
ATOM   1025 O O   . VAL A 1 130 ? -11.241 13.580  8.728   1.00 45.06 ? 130 VAL A O   1 
ATOM   1026 C CB  . VAL A 1 130 ? -9.714  10.663  9.446   1.00 37.21 ? 130 VAL A CB  1 
ATOM   1027 C CG1 . VAL A 1 130 ? -9.536  9.508   10.416  1.00 36.31 ? 130 VAL A CG1 1 
ATOM   1028 C CG2 . VAL A 1 130 ? -10.559 10.216  8.235   1.00 30.36 ? 130 VAL A CG2 1 
ATOM   1029 O OXT . VAL A 1 130 ? -9.060  13.623  9.142   1.00 43.43 ? 130 VAL A OXT 1 
HETATM 1030 C C1  . NAG B 2 .   ? 4.627   -2.159  -9.202  1.00 16.85 ? 1   NAG B C1  1 
HETATM 1031 C C2  . NAG B 2 .   ? 5.474   -1.447  -8.152  1.00 15.92 ? 1   NAG B C2  1 
HETATM 1032 C C3  . NAG B 2 .   ? 6.331   -0.362  -8.788  1.00 15.33 ? 1   NAG B C3  1 
HETATM 1033 C C4  . NAG B 2 .   ? 7.135   -0.943  -9.947  1.00 19.99 ? 1   NAG B C4  1 
HETATM 1034 C C5  . NAG B 2 .   ? 6.199   -1.654  -10.916 1.00 19.28 ? 1   NAG B C5  1 
HETATM 1035 C C6  . NAG B 2 .   ? 6.897   -2.280  -12.106 1.00 19.06 ? 1   NAG B C6  1 
HETATM 1036 C C7  . NAG B 2 .   ? 4.510   -1.397  -5.948  1.00 12.94 ? 1   NAG B C7  1 
HETATM 1037 C C8  . NAG B 2 .   ? 3.550   -0.719  -4.999  1.00 8.17  ? 1   NAG B C8  1 
HETATM 1038 N N2  . NAG B 2 .   ? 4.587   -0.868  -7.161  1.00 13.49 ? 1   NAG B N2  1 
HETATM 1039 O O3  . NAG B 2 .   ? 7.209   0.180   -7.820  1.00 13.59 ? 1   NAG B O3  1 
HETATM 1040 O O4  . NAG B 2 .   ? 7.801   0.123   -10.648 1.00 21.21 ? 1   NAG B O4  1 
HETATM 1041 O O5  . NAG B 2 .   ? 5.466   -2.691  -10.231 1.00 16.74 ? 1   NAG B O5  1 
HETATM 1042 O O6  . NAG B 2 .   ? 5.972   -2.993  -12.919 1.00 26.01 ? 1   NAG B O6  1 
HETATM 1043 O O7  . NAG B 2 .   ? 5.206   -2.351  -5.586  1.00 13.00 ? 1   NAG B O7  1 
HETATM 1044 C C1  . BMA B 2 .   ? 9.183   0.117   -10.666 1.00 27.04 ? 2   BMA B C1  1 
HETATM 1045 C C2  . BMA B 2 .   ? 9.651   0.645   -12.015 1.00 29.80 ? 2   BMA B C2  1 
HETATM 1046 C C3  . BMA B 2 .   ? 11.165  0.711   -12.027 1.00 29.59 ? 2   BMA B C3  1 
HETATM 1047 C C4  . BMA B 2 .   ? 11.642  1.562   -10.861 1.00 28.13 ? 2   BMA B C4  1 
HETATM 1048 C C5  . BMA B 2 .   ? 11.072  1.059   -9.542  1.00 23.83 ? 2   BMA B C5  1 
HETATM 1049 C C6  . BMA B 2 .   ? 11.394  1.997   -8.397  1.00 21.34 ? 2   BMA B C6  1 
HETATM 1050 O O2  . BMA B 2 .   ? 9.119   1.950   -12.239 1.00 30.30 ? 2   BMA B O2  1 
HETATM 1051 O O3  . BMA B 2 .   ? 11.580  1.306   -13.247 1.00 38.55 ? 2   BMA B O3  1 
HETATM 1052 O O4  . BMA B 2 .   ? 13.059  1.532   -10.811 1.00 32.15 ? 2   BMA B O4  1 
HETATM 1053 O O5  . BMA B 2 .   ? 9.640   0.977   -9.615  1.00 26.45 ? 2   BMA B O5  1 
HETATM 1054 O O6  . BMA B 2 .   ? 10.608  3.176   -8.458  1.00 23.35 ? 2   BMA B O6  1 
HETATM 1055 N N   . NO3 C 3 .   ? -15.385 1.132   11.280  1.00 55.28 ? 133 NO3 A N   1 
HETATM 1056 O O1  . NO3 C 3 .   ? -16.395 0.551   11.752  1.00 55.46 ? 133 NO3 A O1  1 
HETATM 1057 O O2  . NO3 C 3 .   ? -14.403 1.367   12.044  1.00 53.59 ? 133 NO3 A O2  1 
HETATM 1058 O O3  . NO3 C 3 .   ? -15.378 1.475   10.058  1.00 49.73 ? 133 NO3 A O3  1 
HETATM 1059 C C1  . PGR D 4 .   ? 3.048   -3.959  -9.389  1.00 19.00 ? 134 PGR A C1  1 
HETATM 1060 C C2  . PGR D 4 .   ? 2.505   -5.102  -8.545  1.00 23.27 ? 134 PGR A C2  1 
HETATM 1061 C C3  . PGR D 4 .   ? 2.001   -4.580  -7.183  1.00 17.31 ? 134 PGR A C3  1 
HETATM 1062 O O1  . PGR D 4 .   ? 3.978   -3.214  -8.597  1.00 17.95 ? 134 PGR A O1  1 
HETATM 1063 O O2  . PGR D 4 .   ? 1.453   -5.745  -9.243  1.00 26.39 ? 134 PGR A O2  1 
HETATM 1064 O O   . HOH E 5 .   ? 1.833   -3.770  2.170   1.00 7.46  ? 135 HOH A O   1 
HETATM 1065 O O   . HOH E 5 .   ? -1.046  -2.420  -8.657  1.00 22.63 ? 136 HOH A O   1 
HETATM 1066 O O   . HOH E 5 .   ? 7.317   5.551   -6.847  1.00 18.35 ? 137 HOH A O   1 
HETATM 1067 O O   . HOH E 5 .   ? 7.941   -14.088 -5.643  1.00 37.39 ? 138 HOH A O   1 
HETATM 1068 O O   . HOH E 5 .   ? 4.100   -10.729 10.689  1.00 23.42 ? 139 HOH A O   1 
HETATM 1069 O O   . HOH E 5 .   ? 8.899   -13.512 3.022   1.00 23.41 ? 140 HOH A O   1 
HETATM 1070 O O   . HOH E 5 .   ? 15.024  7.741   -4.090  1.00 19.97 ? 141 HOH A O   1 
HETATM 1071 O O   . HOH E 5 .   ? -3.984  13.810  -3.379  1.00 27.39 ? 142 HOH A O   1 
HETATM 1072 O O   . HOH E 5 .   ? -8.691  12.876  2.887   1.00 23.53 ? 143 HOH A O   1 
HETATM 1073 O O   . HOH E 5 .   ? 1.363   -5.347  7.452   1.00 12.70 ? 144 HOH A O   1 
HETATM 1074 O O   . HOH E 5 .   ? 3.703   -3.958  8.450   1.00 26.30 ? 145 HOH A O   1 
HETATM 1075 O O   . HOH E 5 .   ? 4.901   -3.061  11.539  1.00 22.46 ? 146 HOH A O   1 
HETATM 1076 O O   . HOH E 5 .   ? 12.361  -10.610 -3.070  1.00 17.56 ? 147 HOH A O   1 
HETATM 1077 O O   . HOH E 5 .   ? -1.311  -0.687  13.184  1.00 25.12 ? 148 HOH A O   1 
HETATM 1078 O O   . HOH E 5 .   ? -1.522  11.762  8.823   1.00 19.89 ? 149 HOH A O   1 
HETATM 1079 O O   . HOH E 5 .   ? -16.142 11.014  -10.308 1.00 36.15 ? 150 HOH A O   1 
HETATM 1080 O O   . HOH E 5 .   ? -1.691  -10.209 9.392   1.00 33.49 ? 151 HOH A O   1 
HETATM 1081 O O   . HOH E 5 .   ? -16.330 3.088   -0.234  1.00 34.02 ? 152 HOH A O   1 
HETATM 1082 O O   . HOH E 5 .   ? -8.174  10.720  -6.743  1.00 27.46 ? 153 HOH A O   1 
HETATM 1083 O O   . HOH E 5 .   ? 14.005  -7.565  -2.694  1.00 27.05 ? 154 HOH A O   1 
HETATM 1084 O O   . HOH E 5 .   ? 10.817  0.299   5.429   1.00 26.75 ? 155 HOH A O   1 
HETATM 1085 O O   . HOH E 5 .   ? -16.568 8.839   -9.235  1.00 25.61 ? 156 HOH A O   1 
HETATM 1086 O O   . HOH E 5 .   ? 5.599   11.270  8.456   1.00 38.45 ? 157 HOH A O   1 
HETATM 1087 O O   . HOH E 5 .   ? 3.787   0.965   -11.881 1.00 46.38 ? 158 HOH A O   1 
HETATM 1088 O O   . HOH E 5 .   ? 5.132   15.002  3.188   1.00 30.20 ? 159 HOH A O   1 
HETATM 1089 O O   . HOH E 5 .   ? -8.558  -2.867  -9.584  1.00 35.40 ? 160 HOH A O   1 
HETATM 1090 O O   . HOH E 5 .   ? -12.703 13.505  -4.073  1.00 32.25 ? 161 HOH A O   1 
HETATM 1091 O O   . HOH E 5 .   ? -6.467  -11.097 7.502   1.00 31.06 ? 162 HOH A O   1 
HETATM 1092 O O   . HOH E 5 .   ? -2.010  -7.095  -6.589  1.00 29.90 ? 163 HOH A O   1 
HETATM 1093 O O   . HOH E 5 .   ? 11.852  -7.667  8.634   1.00 34.51 ? 164 HOH A O   1 
HETATM 1094 O O   . HOH E 5 .   ? -8.037  2.478   15.519  1.00 33.28 ? 165 HOH A O   1 
HETATM 1095 O O   . HOH E 5 .   ? -14.701 1.110   1.550   1.00 35.16 ? 166 HOH A O   1 
HETATM 1096 O O   . HOH E 5 .   ? -15.747 -1.457  6.912   1.00 39.38 ? 167 HOH A O   1 
HETATM 1097 O O   . HOH E 5 .   ? 10.335  5.520   4.777   1.00 22.89 ? 168 HOH A O   1 
HETATM 1098 O O   . HOH E 5 .   ? 2.577   11.155  -6.602  1.00 35.83 ? 169 HOH A O   1 
HETATM 1099 O O   . HOH E 5 .   ? 14.563  -12.308 -3.467  1.00 30.51 ? 170 HOH A O   1 
HETATM 1100 O O   . HOH E 5 .   ? 6.270   1.490   -14.042 1.00 41.02 ? 171 HOH A O   1 
HETATM 1101 O O   . HOH E 5 .   ? -6.911  15.996  -12.294 1.00 19.42 ? 172 HOH A O   1 
HETATM 1102 O O   . HOH E 5 .   ? -7.719  12.733  -9.569  1.00 19.33 ? 173 HOH A O   1 
HETATM 1103 O O   . HOH E 5 .   ? 0.312   -5.186  4.820   1.00 31.61 ? 174 HOH A O   1 
HETATM 1104 O O   . HOH E 5 .   ? -5.364  -6.446  -6.162  1.00 36.17 ? 175 HOH A O   1 
HETATM 1105 O O   . HOH E 5 .   ? 5.494   3.656   10.527  1.00 43.93 ? 176 HOH A O   1 
HETATM 1106 O O   . HOH E 5 .   ? 6.612   5.817   8.942   1.00 32.45 ? 177 HOH A O   1 
HETATM 1107 O O   . HOH E 5 .   ? 15.177  0.965   5.812   1.00 40.75 ? 178 HOH A O   1 
HETATM 1108 O O   . HOH E 5 .   ? -2.745  -3.041  13.444  1.00 37.22 ? 179 HOH A O   1 
HETATM 1109 O O   . HOH E 5 .   ? -10.461 -5.237  12.551  1.00 42.04 ? 180 HOH A O   1 
HETATM 1110 O O   . HOH E 5 .   ? 14.848  1.614   3.280   1.00 37.42 ? 181 HOH A O   1 
HETATM 1111 O O   . HOH E 5 .   ? -13.805 -3.660  6.006   1.00 45.56 ? 182 HOH A O   1 
HETATM 1112 O O   . HOH E 5 .   ? -13.628 5.079   -7.160  1.00 39.66 ? 183 HOH A O   1 
HETATM 1113 O O   . HOH E 5 .   ? -13.039 -5.208  3.273   1.00 36.46 ? 184 HOH A O   1 
HETATM 1114 O O   . HOH E 5 .   ? -5.767  -11.472 12.927  1.00 35.99 ? 185 HOH A O   1 
HETATM 1115 O O   . HOH E 5 .   ? 13.629  11.027  -4.677  1.00 40.49 ? 186 HOH A O   1 
HETATM 1116 O O   . HOH E 5 .   ? -14.118 11.989  8.119   1.00 49.29 ? 187 HOH A O   1 
HETATM 1117 O O   . HOH E 5 .   ? 10.137  10.569  5.305   1.00 54.39 ? 188 HOH A O   1 
HETATM 1118 O O   . HOH E 5 .   ? 10.013  5.924   -9.846  1.00 52.82 ? 189 HOH A O   1 
HETATM 1119 O O   . HOH E 5 .   ? -4.814  -0.057  14.431  1.00 51.67 ? 190 HOH A O   1 
HETATM 1120 O O   . HOH E 5 .   ? -14.771 0.465   -11.317 1.00 41.12 ? 191 HOH A O   1 
HETATM 1121 O O   . HOH E 5 .   ? -0.868  -11.357 -11.953 1.00 49.92 ? 192 HOH A O   1 
HETATM 1122 O O   . HOH E 5 .   ? 16.627  2.521   -0.679  1.00 42.73 ? 193 HOH A O   1 
HETATM 1123 O O   . HOH E 5 .   ? -4.575  -12.416 10.572  1.00 40.94 ? 194 HOH A O   1 
HETATM 1124 O O   . HOH E 5 .   ? 13.275  -0.537  -5.831  1.00 37.84 ? 195 HOH A O   1 
HETATM 1125 O O   . HOH E 5 .   ? 3.953   -16.185 -5.033  1.00 38.81 ? 196 HOH A O   1 
HETATM 1126 O O   . HOH E 5 .   ? 0.521   -15.190 -4.595  1.00 46.27 ? 197 HOH A O   1 
HETATM 1127 O O   . HOH E 5 .   ? 8.875   8.151   -13.609 1.00 40.14 ? 198 HOH A O   1 
HETATM 1128 O O   . HOH E 5 .   ? 6.332   -14.158 -14.167 1.00 42.39 ? 199 HOH A O   1 
HETATM 1129 O O   . HOH E 5 .   ? 1.162   -1.435  -10.189 1.00 55.21 ? 200 HOH A O   1 
HETATM 1130 O O   . HOH E 5 .   ? 13.305  -13.253 3.230   1.00 45.88 ? 201 HOH A O   1 
HETATM 1131 O O   . HOH E 5 .   ? 17.245  -13.929 -0.131  1.00 50.72 ? 202 HOH A O   1 
HETATM 1132 O O   . HOH E 5 .   ? 3.114   5.159   -17.704 1.00 56.54 ? 203 HOH A O   1 
HETATM 1133 O O   . HOH E 5 .   ? 8.881   14.015  2.925   1.00 51.67 ? 204 HOH A O   1 
HETATM 1134 O O   . HOH E 5 .   ? -11.619 9.855   14.319  1.00 51.06 ? 205 HOH A O   1 
HETATM 1135 O O   . HOH E 5 .   ? -7.747  13.622  -5.135  1.00 51.99 ? 206 HOH A O   1 
HETATM 1136 O O   . HOH E 5 .   ? 5.204   -1.204  15.195  1.00 52.99 ? 207 HOH A O   1 
HETATM 1137 O O   . HOH E 5 .   ? 6.854   -2.327  13.257  1.00 43.84 ? 208 HOH A O   1 
HETATM 1138 O O   . HOH E 5 .   ? -8.546  -9.445  0.501   1.00 55.54 ? 209 HOH A O   1 
HETATM 1139 O O   . HOH E 5 .   ? 5.484   16.172  -3.521  1.00 44.15 ? 210 HOH A O   1 
HETATM 1140 O O   . HOH E 5 .   ? -4.842  12.615  -9.664  1.00 45.12 ? 211 HOH A O   1 
HETATM 1141 O O   . HOH E 5 .   ? 3.062   1.012   16.012  1.00 53.84 ? 212 HOH A O   1 
HETATM 1142 O O   . HOH E 5 .   ? 15.506  1.448   -6.223  1.00 53.15 ? 213 HOH A O   1 
HETATM 1143 O O   . HOH E 5 .   ? -3.857  -14.276 0.375   1.00 52.69 ? 214 HOH A O   1 
HETATM 1144 O O   . HOH E 5 .   ? -8.219  -10.150 12.213  1.00 39.18 ? 215 HOH A O   1 
HETATM 1145 O O   . HOH E 5 .   ? -3.374  11.548  -5.025  1.00 56.93 ? 216 HOH A O   1 
HETATM 1146 O O   . HOH E 5 .   ? -15.897 1.767   -15.701 1.00 48.05 ? 217 HOH A O   1 
HETATM 1147 O O   . HOH E 5 .   ? 7.601   -10.188 11.507  1.00 54.60 ? 218 HOH A O   1 
HETATM 1148 O O   . HOH E 5 .   ? 11.929  2.470   4.310   1.00 34.99 ? 219 HOH A O   1 
HETATM 1149 O O   . HOH E 5 .   ? -4.744  -8.901  -8.766  1.00 37.14 ? 220 HOH A O   1 
HETATM 1150 O O   . HOH E 5 .   ? 20.112  -9.776  -9.885  1.00 44.88 ? 221 HOH A O   1 
HETATM 1151 O O   . HOH E 5 .   ? -6.107  -12.415 -0.081  1.00 38.00 ? 222 HOH A O   1 
# 
